data_2I9X
# 
_entry.id   2I9X 
# 
_audit_conform.dict_name       mmcif_pdbx.dic 
_audit_conform.dict_version    5.399 
_audit_conform.dict_location   http://mmcif.pdb.org/dictionaries/ascii/mmcif_pdbx.dic 
# 
loop_
_database_2.database_id 
_database_2.database_code 
_database_2.pdbx_database_accession 
_database_2.pdbx_DOI 
PDB   2I9X         pdb_00002i9x 10.2210/pdb2i9x/pdb 
RCSB  RCSB039321   ?            ?                   
WWPDB D_1000039321 ?            ?                   
# 
loop_
_pdbx_audit_revision_history.ordinal 
_pdbx_audit_revision_history.data_content_type 
_pdbx_audit_revision_history.major_revision 
_pdbx_audit_revision_history.minor_revision 
_pdbx_audit_revision_history.revision_date 
1 'Structure model' 1 0 2006-10-03 
2 'Structure model' 1 1 2008-05-01 
3 'Structure model' 1 2 2011-07-13 
4 'Structure model' 1 3 2024-11-20 
# 
_pdbx_audit_revision_details.ordinal             1 
_pdbx_audit_revision_details.revision_ordinal    1 
_pdbx_audit_revision_details.data_content_type   'Structure model' 
_pdbx_audit_revision_details.provider            repository 
_pdbx_audit_revision_details.type                'Initial release' 
_pdbx_audit_revision_details.description         ? 
_pdbx_audit_revision_details.details             ? 
# 
loop_
_pdbx_audit_revision_group.ordinal 
_pdbx_audit_revision_group.revision_ordinal 
_pdbx_audit_revision_group.data_content_type 
_pdbx_audit_revision_group.group 
1 2 'Structure model' 'Version format compliance' 
2 3 'Structure model' 'Source and taxonomy'       
3 3 'Structure model' 'Version format compliance' 
4 4 'Structure model' 'Data collection'           
5 4 'Structure model' 'Database references'       
6 4 'Structure model' 'Derived calculations'      
7 4 'Structure model' 'Structure summary'         
# 
loop_
_pdbx_audit_revision_category.ordinal 
_pdbx_audit_revision_category.revision_ordinal 
_pdbx_audit_revision_category.data_content_type 
_pdbx_audit_revision_category.category 
1 4 'Structure model' chem_comp_atom            
2 4 'Structure model' chem_comp_bond            
3 4 'Structure model' database_2                
4 4 'Structure model' pdbx_entry_details        
5 4 'Structure model' pdbx_modification_feature 
6 4 'Structure model' struct_conn               
7 4 'Structure model' struct_ref_seq_dif        
8 4 'Structure model' struct_site               
# 
loop_
_pdbx_audit_revision_item.ordinal 
_pdbx_audit_revision_item.revision_ordinal 
_pdbx_audit_revision_item.data_content_type 
_pdbx_audit_revision_item.item 
1 4 'Structure model' '_database_2.pdbx_DOI'                
2 4 'Structure model' '_database_2.pdbx_database_accession' 
3 4 'Structure model' '_struct_conn.pdbx_leaving_atom_flag' 
4 4 'Structure model' '_struct_ref_seq_dif.details'         
5 4 'Structure model' '_struct_site.pdbx_auth_asym_id'      
6 4 'Structure model' '_struct_site.pdbx_auth_comp_id'      
7 4 'Structure model' '_struct_site.pdbx_auth_seq_id'       
# 
_pdbx_database_status.status_code                     REL 
_pdbx_database_status.entry_id                        2I9X 
_pdbx_database_status.recvd_initial_deposition_date   2006-09-06 
_pdbx_database_status.deposit_site                    RCSB 
_pdbx_database_status.process_site                    RCSB 
_pdbx_database_status.status_code_sf                  REL 
_pdbx_database_status.status_code_mr                  ? 
_pdbx_database_status.SG_entry                        Y 
_pdbx_database_status.pdb_format_compatible           Y 
_pdbx_database_status.status_code_cs                  ? 
_pdbx_database_status.status_code_nmr_data            ? 
_pdbx_database_status.methods_development_category    ? 
# 
loop_
_pdbx_database_related.db_name 
_pdbx_database_related.db_id 
_pdbx_database_related.details 
_pdbx_database_related.content_type 
TargetDB APC86317.1 .                                                                  unspecified 
PDB      2I9Z       'The full-length SpoVG from Staphylococcus epidermidis ATCC 12228' unspecified 
PDB      2IA9       'SpoVG from Bacillus subtilis subsp. subtilis str. 168'            unspecified 
# 
loop_
_audit_author.name 
_audit_author.pdbx_ordinal 
'Tan, K.'                                       1 
'Maltseva, N.'                                  2 
'Bargassa, M.'                                  3 
'Joachimiak, A.'                                4 
'Midwest Center for Structural Genomics (MCSG)' 5 
# 
_citation.id                        primary 
_citation.title                     'The crystal structure of SpoVG from Staphylococcus epidermidis ATCC 12228' 
_citation.journal_abbrev            'To be Published' 
_citation.journal_volume            ? 
_citation.page_first                ? 
_citation.page_last                 ? 
_citation.year                      ? 
_citation.journal_id_ASTM           ? 
_citation.country                   ? 
_citation.journal_id_ISSN           ? 
_citation.journal_id_CSD            0353 
_citation.book_publisher            ? 
_citation.pdbx_database_id_PubMed   ? 
_citation.pdbx_database_id_DOI      ? 
# 
loop_
_citation_author.citation_id 
_citation_author.name 
_citation_author.ordinal 
_citation_author.identifier_ORCID 
primary 'Tan, K.'        1 ? 
primary 'Maltseva, N.'   2 ? 
primary 'Bargassa, M.'   3 ? 
primary 'Joachimiak, A.' 4 ? 
# 
loop_
_entity.id 
_entity.type 
_entity.src_method 
_entity.pdbx_description 
_entity.formula_weight 
_entity.pdbx_number_of_molecules 
_entity.pdbx_ec 
_entity.pdbx_mutation 
_entity.pdbx_fragment 
_entity.details 
1 polymer     man 'Putative septation protein spoVG' 10096.718 2   ? ? 'conserved domain residues 1-84' ? 
2 non-polymer syn 1,2-ETHANEDIOL                     62.068    5   ? ? ?                                ? 
3 water       nat water                              18.015    155 ? ? ?                                ? 
# 
_entity_poly.entity_id                      1 
_entity_poly.type                           'polypeptide(L)' 
_entity_poly.nstd_linkage                   no 
_entity_poly.nstd_monomer                   yes 
_entity_poly.pdbx_seq_one_letter_code       
;SNA(MSE)KVTDVRLRKIQTDGR(MSE)KALVSITLDEAFVIHDLRVIEGNSGLFVA(MSE)PSKRTPDGEFRDIAHPIN
SD(MSE)RQEIQDAV(MSE)KVYDETD
;
_entity_poly.pdbx_seq_one_letter_code_can   
;SNAMKVTDVRLRKIQTDGRMKALVSITLDEAFVIHDLRVIEGNSGLFVAMPSKRTPDGEFRDIAHPINSDMRQEIQDAVM
KVYDETD
;
_entity_poly.pdbx_strand_id                 A,B 
_entity_poly.pdbx_target_identifier         APC86317.1 
# 
loop_
_pdbx_entity_nonpoly.entity_id 
_pdbx_entity_nonpoly.name 
_pdbx_entity_nonpoly.comp_id 
2 1,2-ETHANEDIOL EDO 
3 water          HOH 
# 
loop_
_entity_poly_seq.entity_id 
_entity_poly_seq.num 
_entity_poly_seq.mon_id 
_entity_poly_seq.hetero 
1 1  SER n 
1 2  ASN n 
1 3  ALA n 
1 4  MSE n 
1 5  LYS n 
1 6  VAL n 
1 7  THR n 
1 8  ASP n 
1 9  VAL n 
1 10 ARG n 
1 11 LEU n 
1 12 ARG n 
1 13 LYS n 
1 14 ILE n 
1 15 GLN n 
1 16 THR n 
1 17 ASP n 
1 18 GLY n 
1 19 ARG n 
1 20 MSE n 
1 21 LYS n 
1 22 ALA n 
1 23 LEU n 
1 24 VAL n 
1 25 SER n 
1 26 ILE n 
1 27 THR n 
1 28 LEU n 
1 29 ASP n 
1 30 GLU n 
1 31 ALA n 
1 32 PHE n 
1 33 VAL n 
1 34 ILE n 
1 35 HIS n 
1 36 ASP n 
1 37 LEU n 
1 38 ARG n 
1 39 VAL n 
1 40 ILE n 
1 41 GLU n 
1 42 GLY n 
1 43 ASN n 
1 44 SER n 
1 45 GLY n 
1 46 LEU n 
1 47 PHE n 
1 48 VAL n 
1 49 ALA n 
1 50 MSE n 
1 51 PRO n 
1 52 SER n 
1 53 LYS n 
1 54 ARG n 
1 55 THR n 
1 56 PRO n 
1 57 ASP n 
1 58 GLY n 
1 59 GLU n 
1 60 PHE n 
1 61 ARG n 
1 62 ASP n 
1 63 ILE n 
1 64 ALA n 
1 65 HIS n 
1 66 PRO n 
1 67 ILE n 
1 68 ASN n 
1 69 SER n 
1 70 ASP n 
1 71 MSE n 
1 72 ARG n 
1 73 GLN n 
1 74 GLU n 
1 75 ILE n 
1 76 GLN n 
1 77 ASP n 
1 78 ALA n 
1 79 VAL n 
1 80 MSE n 
1 81 LYS n 
1 82 VAL n 
1 83 TYR n 
1 84 ASP n 
1 85 GLU n 
1 86 THR n 
1 87 ASP n 
# 
_entity_src_gen.entity_id                          1 
_entity_src_gen.pdbx_src_id                        1 
_entity_src_gen.pdbx_alt_source_flag               sample 
_entity_src_gen.pdbx_seq_type                      ? 
_entity_src_gen.pdbx_beg_seq_num                   ? 
_entity_src_gen.pdbx_end_seq_num                   ? 
_entity_src_gen.gene_src_common_name               ? 
_entity_src_gen.gene_src_genus                     Staphylococcus 
_entity_src_gen.pdbx_gene_src_gene                 'spoVG, SE_2285' 
_entity_src_gen.gene_src_species                   'Staphylococcus epidermidis' 
_entity_src_gen.gene_src_strain                    'ATCC 12228' 
_entity_src_gen.gene_src_tissue                    ? 
_entity_src_gen.gene_src_tissue_fraction           ? 
_entity_src_gen.gene_src_details                   ? 
_entity_src_gen.pdbx_gene_src_fragment             ? 
_entity_src_gen.pdbx_gene_src_scientific_name      'Staphylococcus epidermidis' 
_entity_src_gen.pdbx_gene_src_ncbi_taxonomy_id     176280 
_entity_src_gen.pdbx_gene_src_variant              ? 
_entity_src_gen.pdbx_gene_src_cell_line            ? 
_entity_src_gen.pdbx_gene_src_atcc                 ? 
_entity_src_gen.pdbx_gene_src_organ                ? 
_entity_src_gen.pdbx_gene_src_organelle            ? 
_entity_src_gen.pdbx_gene_src_cell                 ? 
_entity_src_gen.pdbx_gene_src_cellular_location    ? 
_entity_src_gen.host_org_common_name               ? 
_entity_src_gen.pdbx_host_org_scientific_name      'Escherichia coli BL21' 
_entity_src_gen.pdbx_host_org_ncbi_taxonomy_id     511693 
_entity_src_gen.host_org_genus                     Escherichia 
_entity_src_gen.pdbx_host_org_gene                 ? 
_entity_src_gen.pdbx_host_org_organ                ? 
_entity_src_gen.host_org_species                   'Escherichia coli' 
_entity_src_gen.pdbx_host_org_tissue               ? 
_entity_src_gen.pdbx_host_org_tissue_fraction      ? 
_entity_src_gen.pdbx_host_org_strain               BL21 
_entity_src_gen.pdbx_host_org_variant              ? 
_entity_src_gen.pdbx_host_org_cell_line            ? 
_entity_src_gen.pdbx_host_org_atcc                 ? 
_entity_src_gen.pdbx_host_org_culture_collection   ? 
_entity_src_gen.pdbx_host_org_cell                 ? 
_entity_src_gen.pdbx_host_org_organelle            ? 
_entity_src_gen.pdbx_host_org_cellular_location    ? 
_entity_src_gen.pdbx_host_org_vector_type          plasmid 
_entity_src_gen.pdbx_host_org_vector               ? 
_entity_src_gen.host_org_details                   ? 
_entity_src_gen.expression_system_id               ? 
_entity_src_gen.plasmid_name                       PMCSG19 
_entity_src_gen.plasmid_details                    ? 
_entity_src_gen.pdbx_description                   ? 
# 
loop_
_chem_comp.id 
_chem_comp.type 
_chem_comp.mon_nstd_flag 
_chem_comp.name 
_chem_comp.pdbx_synonyms 
_chem_comp.formula 
_chem_comp.formula_weight 
ALA 'L-peptide linking' y ALANINE          ?                 'C3 H7 N O2'     89.093  
ARG 'L-peptide linking' y ARGININE         ?                 'C6 H15 N4 O2 1' 175.209 
ASN 'L-peptide linking' y ASPARAGINE       ?                 'C4 H8 N2 O3'    132.118 
ASP 'L-peptide linking' y 'ASPARTIC ACID'  ?                 'C4 H7 N O4'     133.103 
EDO non-polymer         . 1,2-ETHANEDIOL   'ETHYLENE GLYCOL' 'C2 H6 O2'       62.068  
GLN 'L-peptide linking' y GLUTAMINE        ?                 'C5 H10 N2 O3'   146.144 
GLU 'L-peptide linking' y 'GLUTAMIC ACID'  ?                 'C5 H9 N O4'     147.129 
GLY 'peptide linking'   y GLYCINE          ?                 'C2 H5 N O2'     75.067  
HIS 'L-peptide linking' y HISTIDINE        ?                 'C6 H10 N3 O2 1' 156.162 
HOH non-polymer         . WATER            ?                 'H2 O'           18.015  
ILE 'L-peptide linking' y ISOLEUCINE       ?                 'C6 H13 N O2'    131.173 
LEU 'L-peptide linking' y LEUCINE          ?                 'C6 H13 N O2'    131.173 
LYS 'L-peptide linking' y LYSINE           ?                 'C6 H15 N2 O2 1' 147.195 
MET 'L-peptide linking' y METHIONINE       ?                 'C5 H11 N O2 S'  149.211 
MSE 'L-peptide linking' n SELENOMETHIONINE ?                 'C5 H11 N O2 Se' 196.106 
PHE 'L-peptide linking' y PHENYLALANINE    ?                 'C9 H11 N O2'    165.189 
PRO 'L-peptide linking' y PROLINE          ?                 'C5 H9 N O2'     115.130 
SER 'L-peptide linking' y SERINE           ?                 'C3 H7 N O3'     105.093 
THR 'L-peptide linking' y THREONINE        ?                 'C4 H9 N O3'     119.119 
TYR 'L-peptide linking' y TYROSINE         ?                 'C9 H11 N O3'    181.189 
VAL 'L-peptide linking' y VALINE           ?                 'C5 H11 N O2'    117.146 
# 
loop_
_pdbx_poly_seq_scheme.asym_id 
_pdbx_poly_seq_scheme.entity_id 
_pdbx_poly_seq_scheme.seq_id 
_pdbx_poly_seq_scheme.mon_id 
_pdbx_poly_seq_scheme.ndb_seq_num 
_pdbx_poly_seq_scheme.pdb_seq_num 
_pdbx_poly_seq_scheme.auth_seq_num 
_pdbx_poly_seq_scheme.pdb_mon_id 
_pdbx_poly_seq_scheme.auth_mon_id 
_pdbx_poly_seq_scheme.pdb_strand_id 
_pdbx_poly_seq_scheme.pdb_ins_code 
_pdbx_poly_seq_scheme.hetero 
A 1 1  SER 1  -2 ?  ?   ?   A . n 
A 1 2  ASN 2  -1 -1 ASN ASN A . n 
A 1 3  ALA 3  0  0  ALA ALA A . n 
A 1 4  MSE 4  1  1  MSE MSE A . n 
A 1 5  LYS 5  2  2  LYS LYS A . n 
A 1 6  VAL 6  3  3  VAL VAL A . n 
A 1 7  THR 7  4  4  THR THR A . n 
A 1 8  ASP 8  5  5  ASP ASP A . n 
A 1 9  VAL 9  6  6  VAL VAL A . n 
A 1 10 ARG 10 7  7  ARG ARG A . n 
A 1 11 LEU 11 8  8  LEU LEU A . n 
A 1 12 ARG 12 9  9  ARG ARG A . n 
A 1 13 LYS 13 10 10 LYS LYS A . n 
A 1 14 ILE 14 11 11 ILE ILE A . n 
A 1 15 GLN 15 12 12 GLN GLN A . n 
A 1 16 THR 16 13 13 THR THR A . n 
A 1 17 ASP 17 14 14 ASP ASP A . n 
A 1 18 GLY 18 15 15 GLY GLY A . n 
A 1 19 ARG 19 16 16 ARG ARG A . n 
A 1 20 MSE 20 17 17 MSE MSE A . n 
A 1 21 LYS 21 18 18 LYS LYS A . n 
A 1 22 ALA 22 19 19 ALA ALA A . n 
A 1 23 LEU 23 20 20 LEU LEU A . n 
A 1 24 VAL 24 21 21 VAL VAL A . n 
A 1 25 SER 25 22 22 SER SER A . n 
A 1 26 ILE 26 23 23 ILE ILE A . n 
A 1 27 THR 27 24 24 THR THR A . n 
A 1 28 LEU 28 25 25 LEU LEU A . n 
A 1 29 ASP 29 26 26 ASP ASP A . n 
A 1 30 GLU 30 27 27 GLU GLU A . n 
A 1 31 ALA 31 28 28 ALA ALA A . n 
A 1 32 PHE 32 29 29 PHE PHE A . n 
A 1 33 VAL 33 30 30 VAL VAL A . n 
A 1 34 ILE 34 31 31 ILE ILE A . n 
A 1 35 HIS 35 32 32 HIS HIS A . n 
A 1 36 ASP 36 33 33 ASP ASP A . n 
A 1 37 LEU 37 34 34 LEU LEU A . n 
A 1 38 ARG 38 35 35 ARG ARG A . n 
A 1 39 VAL 39 36 36 VAL VAL A . n 
A 1 40 ILE 40 37 37 ILE ILE A . n 
A 1 41 GLU 41 38 38 GLU GLU A . n 
A 1 42 GLY 42 39 39 GLY GLY A . n 
A 1 43 ASN 43 40 40 ASN ASN A . n 
A 1 44 SER 44 41 41 SER SER A . n 
A 1 45 GLY 45 42 42 GLY GLY A . n 
A 1 46 LEU 46 43 43 LEU LEU A . n 
A 1 47 PHE 47 44 44 PHE PHE A . n 
A 1 48 VAL 48 45 45 VAL VAL A . n 
A 1 49 ALA 49 46 46 ALA ALA A . n 
A 1 50 MSE 50 47 47 MSE MSE A . n 
A 1 51 PRO 51 48 48 PRO PRO A . n 
A 1 52 SER 52 49 49 SER SER A . n 
A 1 53 LYS 53 50 50 LYS LYS A . n 
A 1 54 ARG 54 51 51 ARG ARG A . n 
A 1 55 THR 55 52 52 THR THR A . n 
A 1 56 PRO 56 53 53 PRO PRO A . n 
A 1 57 ASP 57 54 54 ASP ASP A . n 
A 1 58 GLY 58 55 55 GLY GLY A . n 
A 1 59 GLU 59 56 56 GLU GLU A . n 
A 1 60 PHE 60 57 57 PHE PHE A . n 
A 1 61 ARG 61 58 58 ARG ARG A . n 
A 1 62 ASP 62 59 59 ASP ASP A . n 
A 1 63 ILE 63 60 60 ILE ILE A . n 
A 1 64 ALA 64 61 61 ALA ALA A . n 
A 1 65 HIS 65 62 62 HIS HIS A . n 
A 1 66 PRO 66 63 63 PRO PRO A . n 
A 1 67 ILE 67 64 64 ILE ILE A . n 
A 1 68 ASN 68 65 65 ASN ASN A . n 
A 1 69 SER 69 66 66 SER SER A . n 
A 1 70 ASP 70 67 67 ASP ASP A . n 
A 1 71 MSE 71 68 68 MSE MSE A . n 
A 1 72 ARG 72 69 69 ARG ARG A . n 
A 1 73 GLN 73 70 70 GLN GLN A . n 
A 1 74 GLU 74 71 71 GLU GLU A . n 
A 1 75 ILE 75 72 72 ILE ILE A . n 
A 1 76 GLN 76 73 73 GLN GLN A . n 
A 1 77 ASP 77 74 74 ASP ASP A . n 
A 1 78 ALA 78 75 75 ALA ALA A . n 
A 1 79 VAL 79 76 76 VAL VAL A . n 
A 1 80 MSE 80 77 77 MSE MSE A . n 
A 1 81 LYS 81 78 78 LYS LYS A . n 
A 1 82 VAL 82 79 79 VAL VAL A . n 
A 1 83 TYR 83 80 80 TYR TYR A . n 
A 1 84 ASP 84 81 81 ASP ASP A . n 
A 1 85 GLU 85 82 82 GLU GLU A . n 
A 1 86 THR 86 83 83 THR THR A . n 
A 1 87 ASP 87 84 84 ASP ASP A . n 
B 1 1  SER 1  -2 ?  ?   ?   B . n 
B 1 2  ASN 2  -1 ?  ?   ?   B . n 
B 1 3  ALA 3  0  0  ALA ALA B . n 
B 1 4  MSE 4  1  1  MSE MSE B . n 
B 1 5  LYS 5  2  2  LYS LYS B . n 
B 1 6  VAL 6  3  3  VAL VAL B . n 
B 1 7  THR 7  4  4  THR THR B . n 
B 1 8  ASP 8  5  5  ASP ASP B . n 
B 1 9  VAL 9  6  6  VAL VAL B . n 
B 1 10 ARG 10 7  7  ARG ARG B . n 
B 1 11 LEU 11 8  8  LEU LEU B . n 
B 1 12 ARG 12 9  9  ARG ARG B . n 
B 1 13 LYS 13 10 10 LYS LYS B . n 
B 1 14 ILE 14 11 11 ILE ILE B . n 
B 1 15 GLN 15 12 12 GLN GLN B . n 
B 1 16 THR 16 13 13 THR THR B . n 
B 1 17 ASP 17 14 14 ASP ASP B . n 
B 1 18 GLY 18 15 15 GLY GLY B . n 
B 1 19 ARG 19 16 16 ARG ARG B . n 
B 1 20 MSE 20 17 17 MSE MSE B . n 
B 1 21 LYS 21 18 18 LYS LYS B . n 
B 1 22 ALA 22 19 19 ALA ALA B . n 
B 1 23 LEU 23 20 20 LEU LEU B . n 
B 1 24 VAL 24 21 21 VAL VAL B . n 
B 1 25 SER 25 22 22 SER SER B . n 
B 1 26 ILE 26 23 23 ILE ILE B . n 
B 1 27 THR 27 24 24 THR THR B . n 
B 1 28 LEU 28 25 25 LEU LEU B . n 
B 1 29 ASP 29 26 26 ASP ASP B . n 
B 1 30 GLU 30 27 27 GLU GLU B . n 
B 1 31 ALA 31 28 28 ALA ALA B . n 
B 1 32 PHE 32 29 29 PHE PHE B . n 
B 1 33 VAL 33 30 30 VAL VAL B . n 
B 1 34 ILE 34 31 31 ILE ILE B . n 
B 1 35 HIS 35 32 32 HIS HIS B . n 
B 1 36 ASP 36 33 33 ASP ASP B . n 
B 1 37 LEU 37 34 34 LEU LEU B . n 
B 1 38 ARG 38 35 35 ARG ARG B . n 
B 1 39 VAL 39 36 36 VAL VAL B . n 
B 1 40 ILE 40 37 37 ILE ILE B . n 
B 1 41 GLU 41 38 38 GLU GLU B . n 
B 1 42 GLY 42 39 39 GLY GLY B . n 
B 1 43 ASN 43 40 40 ASN ASN B . n 
B 1 44 SER 44 41 41 SER SER B . n 
B 1 45 GLY 45 42 42 GLY GLY B . n 
B 1 46 LEU 46 43 43 LEU LEU B . n 
B 1 47 PHE 47 44 44 PHE PHE B . n 
B 1 48 VAL 48 45 45 VAL VAL B . n 
B 1 49 ALA 49 46 46 ALA ALA B . n 
B 1 50 MSE 50 47 47 MSE MSE B . n 
B 1 51 PRO 51 48 48 PRO PRO B . n 
B 1 52 SER 52 49 49 SER SER B . n 
B 1 53 LYS 53 50 50 LYS LYS B . n 
B 1 54 ARG 54 51 51 ARG ARG B . n 
B 1 55 THR 55 52 52 THR THR B . n 
B 1 56 PRO 56 53 53 PRO PRO B . n 
B 1 57 ASP 57 54 54 ASP ASP B . n 
B 1 58 GLY 58 55 55 GLY GLY B . n 
B 1 59 GLU 59 56 56 GLU GLU B . n 
B 1 60 PHE 60 57 57 PHE PHE B . n 
B 1 61 ARG 61 58 58 ARG ARG B . n 
B 1 62 ASP 62 59 59 ASP ASP B . n 
B 1 63 ILE 63 60 60 ILE ILE B . n 
B 1 64 ALA 64 61 61 ALA ALA B . n 
B 1 65 HIS 65 62 62 HIS HIS B . n 
B 1 66 PRO 66 63 63 PRO PRO B . n 
B 1 67 ILE 67 64 64 ILE ILE B . n 
B 1 68 ASN 68 65 65 ASN ASN B . n 
B 1 69 SER 69 66 66 SER SER B . n 
B 1 70 ASP 70 67 67 ASP ASP B . n 
B 1 71 MSE 71 68 68 MSE MSE B . n 
B 1 72 ARG 72 69 69 ARG ARG B . n 
B 1 73 GLN 73 70 70 GLN GLN B . n 
B 1 74 GLU 74 71 71 GLU GLU B . n 
B 1 75 ILE 75 72 72 ILE ILE B . n 
B 1 76 GLN 76 73 73 GLN GLN B . n 
B 1 77 ASP 77 74 74 ASP ASP B . n 
B 1 78 ALA 78 75 75 ALA ALA B . n 
B 1 79 VAL 79 76 76 VAL VAL B . n 
B 1 80 MSE 80 77 77 MSE MSE B . n 
B 1 81 LYS 81 78 78 LYS LYS B . n 
B 1 82 VAL 82 79 79 VAL VAL B . n 
B 1 83 TYR 83 80 80 TYR TYR B . n 
B 1 84 ASP 84 81 81 ASP ASP B . n 
B 1 85 GLU 85 82 82 GLU GLU B . n 
B 1 86 THR 86 83 83 THR THR B . n 
B 1 87 ASP 87 84 84 ASP ASP B . n 
# 
loop_
_pdbx_nonpoly_scheme.asym_id 
_pdbx_nonpoly_scheme.entity_id 
_pdbx_nonpoly_scheme.mon_id 
_pdbx_nonpoly_scheme.ndb_seq_num 
_pdbx_nonpoly_scheme.pdb_seq_num 
_pdbx_nonpoly_scheme.auth_seq_num 
_pdbx_nonpoly_scheme.pdb_mon_id 
_pdbx_nonpoly_scheme.auth_mon_id 
_pdbx_nonpoly_scheme.pdb_strand_id 
_pdbx_nonpoly_scheme.pdb_ins_code 
C 2 EDO 1  101 1   EDO EDO A . 
D 2 EDO 1  103 3   EDO EDO A . 
E 2 EDO 1  102 2   EDO EDO B . 
F 2 EDO 1  104 4   EDO EDO B . 
G 2 EDO 1  105 5   EDO EDO B . 
H 3 HOH 1  104 3   HOH HOH A . 
H 3 HOH 2  105 7   HOH HOH A . 
H 3 HOH 3  106 8   HOH HOH A . 
H 3 HOH 4  107 9   HOH HOH A . 
H 3 HOH 5  108 11  HOH HOH A . 
H 3 HOH 6  109 13  HOH HOH A . 
H 3 HOH 7  110 14  HOH HOH A . 
H 3 HOH 8  111 15  HOH HOH A . 
H 3 HOH 9  112 16  HOH HOH A . 
H 3 HOH 10 113 18  HOH HOH A . 
H 3 HOH 11 114 19  HOH HOH A . 
H 3 HOH 12 115 21  HOH HOH A . 
H 3 HOH 13 116 22  HOH HOH A . 
H 3 HOH 14 117 24  HOH HOH A . 
H 3 HOH 15 118 26  HOH HOH A . 
H 3 HOH 16 119 27  HOH HOH A . 
H 3 HOH 17 120 28  HOH HOH A . 
H 3 HOH 18 121 29  HOH HOH A . 
H 3 HOH 19 122 30  HOH HOH A . 
H 3 HOH 20 123 32  HOH HOH A . 
H 3 HOH 21 124 34  HOH HOH A . 
H 3 HOH 22 125 35  HOH HOH A . 
H 3 HOH 23 126 37  HOH HOH A . 
H 3 HOH 24 127 40  HOH HOH A . 
H 3 HOH 25 128 45  HOH HOH A . 
H 3 HOH 26 129 47  HOH HOH A . 
H 3 HOH 27 130 51  HOH HOH A . 
H 3 HOH 28 131 52  HOH HOH A . 
H 3 HOH 29 132 55  HOH HOH A . 
H 3 HOH 30 133 60  HOH HOH A . 
H 3 HOH 31 134 61  HOH HOH A . 
H 3 HOH 32 135 65  HOH HOH A . 
H 3 HOH 33 136 66  HOH HOH A . 
H 3 HOH 34 137 68  HOH HOH A . 
H 3 HOH 35 138 69  HOH HOH A . 
H 3 HOH 36 139 71  HOH HOH A . 
H 3 HOH 37 140 72  HOH HOH A . 
H 3 HOH 38 141 74  HOH HOH A . 
H 3 HOH 39 142 75  HOH HOH A . 
H 3 HOH 40 143 77  HOH HOH A . 
H 3 HOH 41 144 79  HOH HOH A . 
H 3 HOH 42 145 80  HOH HOH A . 
H 3 HOH 43 146 81  HOH HOH A . 
H 3 HOH 44 147 82  HOH HOH A . 
H 3 HOH 45 148 85  HOH HOH A . 
H 3 HOH 46 149 86  HOH HOH A . 
H 3 HOH 47 150 87  HOH HOH A . 
H 3 HOH 48 151 88  HOH HOH A . 
H 3 HOH 49 152 89  HOH HOH A . 
H 3 HOH 50 153 98  HOH HOH A . 
H 3 HOH 51 154 99  HOH HOH A . 
H 3 HOH 52 155 105 HOH HOH A . 
H 3 HOH 53 156 108 HOH HOH A . 
H 3 HOH 54 157 111 HOH HOH A . 
H 3 HOH 55 158 112 HOH HOH A . 
H 3 HOH 56 159 115 HOH HOH A . 
H 3 HOH 57 160 116 HOH HOH A . 
H 3 HOH 58 161 117 HOH HOH A . 
H 3 HOH 59 162 118 HOH HOH A . 
H 3 HOH 60 163 119 HOH HOH A . 
H 3 HOH 61 164 120 HOH HOH A . 
H 3 HOH 62 165 121 HOH HOH A . 
H 3 HOH 63 166 122 HOH HOH A . 
H 3 HOH 64 167 123 HOH HOH A . 
H 3 HOH 65 168 124 HOH HOH A . 
H 3 HOH 66 169 125 HOH HOH A . 
H 3 HOH 67 170 126 HOH HOH A . 
H 3 HOH 68 171 128 HOH HOH A . 
H 3 HOH 69 172 132 HOH HOH A . 
H 3 HOH 70 173 133 HOH HOH A . 
H 3 HOH 71 174 134 HOH HOH A . 
H 3 HOH 72 175 139 HOH HOH A . 
H 3 HOH 73 176 140 HOH HOH A . 
H 3 HOH 74 177 141 HOH HOH A . 
H 3 HOH 75 178 144 HOH HOH A . 
H 3 HOH 76 179 147 HOH HOH A . 
H 3 HOH 77 180 148 HOH HOH A . 
H 3 HOH 78 181 149 HOH HOH A . 
H 3 HOH 79 182 150 HOH HOH A . 
H 3 HOH 80 183 152 HOH HOH A . 
H 3 HOH 81 184 153 HOH HOH A . 
H 3 HOH 82 185 154 HOH HOH A . 
H 3 HOH 83 186 155 HOH HOH A . 
I 3 HOH 1  106 1   HOH HOH B . 
I 3 HOH 2  107 2   HOH HOH B . 
I 3 HOH 3  108 4   HOH HOH B . 
I 3 HOH 4  109 5   HOH HOH B . 
I 3 HOH 5  110 6   HOH HOH B . 
I 3 HOH 6  111 10  HOH HOH B . 
I 3 HOH 7  112 12  HOH HOH B . 
I 3 HOH 8  113 17  HOH HOH B . 
I 3 HOH 9  114 20  HOH HOH B . 
I 3 HOH 10 115 23  HOH HOH B . 
I 3 HOH 11 116 25  HOH HOH B . 
I 3 HOH 12 117 31  HOH HOH B . 
I 3 HOH 13 118 33  HOH HOH B . 
I 3 HOH 14 119 36  HOH HOH B . 
I 3 HOH 15 120 38  HOH HOH B . 
I 3 HOH 16 121 39  HOH HOH B . 
I 3 HOH 17 122 41  HOH HOH B . 
I 3 HOH 18 123 42  HOH HOH B . 
I 3 HOH 19 124 43  HOH HOH B . 
I 3 HOH 20 125 44  HOH HOH B . 
I 3 HOH 21 126 46  HOH HOH B . 
I 3 HOH 22 127 48  HOH HOH B . 
I 3 HOH 23 128 49  HOH HOH B . 
I 3 HOH 24 129 50  HOH HOH B . 
I 3 HOH 25 130 53  HOH HOH B . 
I 3 HOH 26 131 54  HOH HOH B . 
I 3 HOH 27 132 56  HOH HOH B . 
I 3 HOH 28 133 57  HOH HOH B . 
I 3 HOH 29 134 58  HOH HOH B . 
I 3 HOH 30 135 59  HOH HOH B . 
I 3 HOH 31 136 62  HOH HOH B . 
I 3 HOH 32 137 63  HOH HOH B . 
I 3 HOH 33 138 64  HOH HOH B . 
I 3 HOH 34 139 67  HOH HOH B . 
I 3 HOH 35 140 70  HOH HOH B . 
I 3 HOH 36 141 73  HOH HOH B . 
I 3 HOH 37 142 76  HOH HOH B . 
I 3 HOH 38 143 78  HOH HOH B . 
I 3 HOH 39 144 83  HOH HOH B . 
I 3 HOH 40 145 84  HOH HOH B . 
I 3 HOH 41 146 90  HOH HOH B . 
I 3 HOH 42 147 91  HOH HOH B . 
I 3 HOH 43 148 92  HOH HOH B . 
I 3 HOH 44 149 93  HOH HOH B . 
I 3 HOH 45 150 94  HOH HOH B . 
I 3 HOH 46 151 95  HOH HOH B . 
I 3 HOH 47 152 96  HOH HOH B . 
I 3 HOH 48 153 97  HOH HOH B . 
I 3 HOH 49 154 100 HOH HOH B . 
I 3 HOH 50 155 101 HOH HOH B . 
I 3 HOH 51 156 102 HOH HOH B . 
I 3 HOH 52 157 103 HOH HOH B . 
I 3 HOH 53 158 104 HOH HOH B . 
I 3 HOH 54 159 106 HOH HOH B . 
I 3 HOH 55 160 107 HOH HOH B . 
I 3 HOH 56 161 109 HOH HOH B . 
I 3 HOH 57 162 110 HOH HOH B . 
I 3 HOH 58 163 113 HOH HOH B . 
I 3 HOH 59 164 114 HOH HOH B . 
I 3 HOH 60 165 127 HOH HOH B . 
I 3 HOH 61 166 129 HOH HOH B . 
I 3 HOH 62 167 130 HOH HOH B . 
I 3 HOH 63 168 131 HOH HOH B . 
I 3 HOH 64 169 135 HOH HOH B . 
I 3 HOH 65 170 136 HOH HOH B . 
I 3 HOH 66 171 137 HOH HOH B . 
I 3 HOH 67 172 138 HOH HOH B . 
I 3 HOH 68 173 142 HOH HOH B . 
I 3 HOH 69 174 143 HOH HOH B . 
I 3 HOH 70 175 145 HOH HOH B . 
I 3 HOH 71 176 146 HOH HOH B . 
I 3 HOH 72 177 151 HOH HOH B . 
# 
loop_
_software.name 
_software.classification 
_software.version 
_software.citation_id 
_software.pdbx_ordinal 
REFMAC      refinement        5.2.0019 ? 1 
SBC-Collect 'data collection' .        ? 2 
HKL-2000    'data reduction'  .        ? 3 
HKL-2000    'data scaling'    .        ? 4 
HKL-3000    phasing           .        ? 5 
SHELXE      'model building'  .        ? 6 
SOLVE       phasing           .        ? 7 
RESOLVE     phasing           .        ? 8 
ARP/wARP    'model building'  .        ? 9 
# 
_cell.entry_id           2I9X 
_cell.length_a           64.550 
_cell.length_b           64.550 
_cell.length_c           97.711 
_cell.angle_alpha        90.00 
_cell.angle_beta         90.00 
_cell.angle_gamma        90.00 
_cell.Z_PDB              16 
_cell.pdbx_unique_axis   ? 
_cell.length_a_esd       ? 
_cell.length_b_esd       ? 
_cell.length_c_esd       ? 
_cell.angle_alpha_esd    ? 
_cell.angle_beta_esd     ? 
_cell.angle_gamma_esd    ? 
# 
_symmetry.entry_id                         2I9X 
_symmetry.space_group_name_H-M             'P 41 21 2' 
_symmetry.pdbx_full_space_group_name_H-M   ? 
_symmetry.cell_setting                     ? 
_symmetry.Int_Tables_number                92 
_symmetry.space_group_name_Hall            ? 
# 
_exptl.entry_id          2I9X 
_exptl.method            'X-RAY DIFFRACTION' 
_exptl.crystals_number   1 
# 
_exptl_crystal.id                    1 
_exptl_crystal.density_meas          ? 
_exptl_crystal.density_Matthews      2.52 
_exptl_crystal.density_percent_sol   51.18 
_exptl_crystal.description           ? 
_exptl_crystal.F_000                 ? 
_exptl_crystal.preparation           ? 
# 
_exptl_crystal_grow.crystal_id      1 
_exptl_crystal_grow.method          'VAPOR DIFFUSION, SITTING DROP' 
_exptl_crystal_grow.temp            277 
_exptl_crystal_grow.temp_details    ? 
_exptl_crystal_grow.pH              7.5 
_exptl_crystal_grow.pdbx_details    
'5%(w/v) isopropanol, 0.1M HEPES pH 7.5, 10%(v/w) PEG4000, VAPOR DIFFUSION, SITTING DROP, temperature 277K' 
_exptl_crystal_grow.pdbx_pH_range   . 
# 
_diffrn.id                     1 
_diffrn.ambient_temp           100 
_diffrn.ambient_temp_details   ? 
_diffrn.crystal_id             1 
# 
_diffrn_detector.diffrn_id              1 
_diffrn_detector.detector               CCD 
_diffrn_detector.type                   SBC-3 
_diffrn_detector.pdbx_collection_date   2006-06-02 
_diffrn_detector.details                mirror 
# 
_diffrn_radiation.diffrn_id                        1 
_diffrn_radiation.wavelength_id                    1 
_diffrn_radiation.pdbx_monochromatic_or_laue_m_l   M 
_diffrn_radiation.monochromator                    'Si 111 Crystal' 
_diffrn_radiation.pdbx_diffrn_protocol             'SINGLE WAVELENGTH' 
_diffrn_radiation.pdbx_scattering_type             x-ray 
# 
_diffrn_radiation_wavelength.id           1 
_diffrn_radiation_wavelength.wavelength   0.97918 
_diffrn_radiation_wavelength.wt           1.0 
# 
_diffrn_source.diffrn_id                   1 
_diffrn_source.source                      SYNCHROTRON 
_diffrn_source.type                        'APS BEAMLINE 19-BM' 
_diffrn_source.pdbx_synchrotron_site       APS 
_diffrn_source.pdbx_synchrotron_beamline   19-BM 
_diffrn_source.pdbx_wavelength             ? 
_diffrn_source.pdbx_wavelength_list        0.97918 
# 
_reflns.entry_id                     2I9X 
_reflns.observed_criterion_sigma_I   0 
_reflns.observed_criterion_sigma_F   0 
_reflns.d_resolution_low             26.51 
_reflns.d_resolution_high            1.8 
_reflns.number_obs                   19791 
_reflns.number_all                   19791 
_reflns.percent_possible_obs         99.7 
_reflns.pdbx_Rmerge_I_obs            0.063 
_reflns.pdbx_Rsym_value              ? 
_reflns.pdbx_netI_over_sigmaI        31.62 
_reflns.B_iso_Wilson_estimate        ? 
_reflns.pdbx_redundancy              6.1 
_reflns.R_free_details               ? 
_reflns.limit_h_max                  ? 
_reflns.limit_h_min                  ? 
_reflns.limit_k_max                  ? 
_reflns.limit_k_min                  ? 
_reflns.limit_l_max                  ? 
_reflns.limit_l_min                  ? 
_reflns.observed_criterion_F_max     ? 
_reflns.observed_criterion_F_min     ? 
_reflns.pdbx_chi_squared             ? 
_reflns.pdbx_scaling_rejects         ? 
_reflns.pdbx_ordinal                 1 
_reflns.pdbx_diffrn_id               1 
# 
_reflns_shell.d_res_high             1.80 
_reflns_shell.d_res_low              1.84 
_reflns_shell.percent_possible_all   100 
_reflns_shell.Rmerge_I_obs           0.459 
_reflns_shell.pdbx_Rsym_value        ? 
_reflns_shell.meanI_over_sigI_obs    3.73 
_reflns_shell.pdbx_redundancy        6.2 
_reflns_shell.percent_possible_obs   ? 
_reflns_shell.number_unique_all      ? 
_reflns_shell.number_measured_all    ? 
_reflns_shell.number_measured_obs    ? 
_reflns_shell.number_unique_obs      ? 
_reflns_shell.pdbx_chi_squared       ? 
_reflns_shell.pdbx_ordinal           1 
_reflns_shell.pdbx_diffrn_id         1 
# 
_refine.entry_id                                 2I9X 
_refine.ls_number_reflns_obs                     18719 
_refine.ls_number_reflns_all                     18720 
_refine.pdbx_ls_sigma_I                          ? 
_refine.pdbx_ls_sigma_F                          ? 
_refine.pdbx_data_cutoff_high_absF               ? 
_refine.pdbx_data_cutoff_low_absF                ? 
_refine.pdbx_data_cutoff_high_rms_absF           ? 
_refine.ls_d_res_low                             24.85 
_refine.ls_d_res_high                            1.80 
_refine.ls_percent_reflns_obs                    99.69 
_refine.ls_R_factor_obs                          0.18981 
_refine.ls_R_factor_all                          ? 
_refine.ls_R_factor_R_work                       0.18806 
_refine.ls_R_factor_R_free                       0.2226 
_refine.ls_R_factor_R_free_error                 ? 
_refine.ls_R_factor_R_free_error_details         ? 
_refine.ls_percent_reflns_R_free                 5.1 
_refine.ls_number_reflns_R_free                  1010 
_refine.ls_number_parameters                     ? 
_refine.ls_number_restraints                     ? 
_refine.occupancy_min                            ? 
_refine.occupancy_max                            ? 
_refine.correlation_coeff_Fo_to_Fc               0.953 
_refine.correlation_coeff_Fo_to_Fc_free          0.932 
_refine.B_iso_mean                               25.952 
_refine.aniso_B[1][1]                            0.00 
_refine.aniso_B[2][2]                            0.00 
_refine.aniso_B[3][3]                            0.00 
_refine.aniso_B[1][2]                            0.00 
_refine.aniso_B[1][3]                            0.00 
_refine.aniso_B[2][3]                            0.00 
_refine.solvent_model_details                    MASK 
_refine.solvent_model_param_ksol                 ? 
_refine.solvent_model_param_bsol                 ? 
_refine.pdbx_solvent_vdw_probe_radii             1.20 
_refine.pdbx_solvent_ion_probe_radii             0.80 
_refine.pdbx_solvent_shrinkage_radii             0.80 
_refine.pdbx_ls_cross_valid_method               THROUGHOUT 
_refine.details                                  'HYDROGENS HAVE BEEN ADDED IN THE RIDING POSITIONS' 
_refine.pdbx_starting_model                      ? 
_refine.pdbx_method_to_determine_struct          SAD 
_refine.pdbx_isotropic_thermal_model             ? 
_refine.pdbx_stereochemistry_target_values       'MAXIMUM LIKELIHOOD' 
_refine.pdbx_stereochem_target_val_spec_case     ? 
_refine.pdbx_R_Free_selection_details            RANDOM 
_refine.pdbx_overall_ESU_R                       0.120 
_refine.pdbx_overall_ESU_R_Free                  0.117 
_refine.overall_SU_ML                            0.072 
_refine.overall_SU_B                             2.229 
_refine.ls_redundancy_reflns_obs                 ? 
_refine.B_iso_min                                ? 
_refine.B_iso_max                                ? 
_refine.overall_SU_R_Cruickshank_DPI             ? 
_refine.overall_SU_R_free                        ? 
_refine.ls_wR_factor_R_free                      ? 
_refine.ls_wR_factor_R_work                      ? 
_refine.overall_FOM_free_R_set                   ? 
_refine.overall_FOM_work_R_set                   ? 
_refine.pdbx_refine_id                           'X-RAY DIFFRACTION' 
_refine.pdbx_diffrn_id                           1 
_refine.pdbx_TLS_residual_ADP_flag               ? 
_refine.pdbx_overall_phase_error                 ? 
_refine.pdbx_overall_SU_R_free_Cruickshank_DPI   ? 
_refine.pdbx_overall_SU_R_Blow_DPI               ? 
_refine.pdbx_overall_SU_R_free_Blow_DPI          ? 
# 
_refine_hist.pdbx_refine_id                   'X-RAY DIFFRACTION' 
_refine_hist.cycle_id                         LAST 
_refine_hist.pdbx_number_atoms_protein        1354 
_refine_hist.pdbx_number_atoms_nucleic_acid   0 
_refine_hist.pdbx_number_atoms_ligand         20 
_refine_hist.number_atoms_solvent             155 
_refine_hist.number_atoms_total               1529 
_refine_hist.d_res_high                       1.80 
_refine_hist.d_res_low                        24.85 
# 
loop_
_refine_ls_restr.type 
_refine_ls_restr.dev_ideal 
_refine_ls_restr.dev_ideal_target 
_refine_ls_restr.weight 
_refine_ls_restr.number 
_refine_ls_restr.pdbx_refine_id 
_refine_ls_restr.pdbx_restraint_function 
r_bond_refined_d             0.015  0.022  ? 1385 'X-RAY DIFFRACTION' ? 
r_bond_other_d               ?      ?      ? ?    'X-RAY DIFFRACTION' ? 
r_angle_refined_deg          1.491  1.972  ? 1853 'X-RAY DIFFRACTION' ? 
r_angle_other_deg            ?      ?      ? ?    'X-RAY DIFFRACTION' ? 
r_dihedral_angle_1_deg       7.527  5.000  ? 169  'X-RAY DIFFRACTION' ? 
r_dihedral_angle_2_deg       28.612 24.030 ? 67   'X-RAY DIFFRACTION' ? 
r_dihedral_angle_3_deg       15.525 15.000 ? 263  'X-RAY DIFFRACTION' ? 
r_dihedral_angle_4_deg       17.717 15.000 ? 14   'X-RAY DIFFRACTION' ? 
r_chiral_restr               0.110  0.200  ? 213  'X-RAY DIFFRACTION' ? 
r_gen_planes_refined         0.006  0.020  ? 1016 'X-RAY DIFFRACTION' ? 
r_gen_planes_other           ?      ?      ? ?    'X-RAY DIFFRACTION' ? 
r_nbd_refined                0.223  0.200  ? 594  'X-RAY DIFFRACTION' ? 
r_nbd_other                  ?      ?      ? ?    'X-RAY DIFFRACTION' ? 
r_nbtor_refined              0.303  0.200  ? 946  'X-RAY DIFFRACTION' ? 
r_nbtor_other                ?      ?      ? ?    'X-RAY DIFFRACTION' ? 
r_xyhbond_nbd_refined        0.121  0.200  ? 141  'X-RAY DIFFRACTION' ? 
r_xyhbond_nbd_other          ?      ?      ? ?    'X-RAY DIFFRACTION' ? 
r_metal_ion_refined          ?      ?      ? ?    'X-RAY DIFFRACTION' ? 
r_metal_ion_other            ?      ?      ? ?    'X-RAY DIFFRACTION' ? 
r_symmetry_vdw_refined       0.123  0.200  ? 37   'X-RAY DIFFRACTION' ? 
r_symmetry_vdw_other         ?      ?      ? ?    'X-RAY DIFFRACTION' ? 
r_symmetry_hbond_refined     0.169  0.200  ? 20   'X-RAY DIFFRACTION' ? 
r_symmetry_hbond_other       ?      ?      ? ?    'X-RAY DIFFRACTION' ? 
r_symmetry_metal_ion_refined ?      ?      ? ?    'X-RAY DIFFRACTION' ? 
r_symmetry_metal_ion_other   ?      ?      ? ?    'X-RAY DIFFRACTION' ? 
r_mcbond_it                  1.368  1.500  ? 884  'X-RAY DIFFRACTION' ? 
r_mcbond_other               ?      ?      ? ?    'X-RAY DIFFRACTION' ? 
r_mcangle_it                 2.160  2.000  ? 1384 'X-RAY DIFFRACTION' ? 
r_scbond_it                  3.087  3.000  ? 553  'X-RAY DIFFRACTION' ? 
r_scangle_it                 4.890  4.500  ? 469  'X-RAY DIFFRACTION' ? 
r_rigid_bond_restr           ?      ?      ? ?    'X-RAY DIFFRACTION' ? 
r_sphericity_free            ?      ?      ? ?    'X-RAY DIFFRACTION' ? 
r_sphericity_bonded          ?      ?      ? ?    'X-RAY DIFFRACTION' ? 
# 
_refine_ls_shell.pdbx_total_number_of_bins_used   20 
_refine_ls_shell.d_res_high                       1.800 
_refine_ls_shell.d_res_low                        1.847 
_refine_ls_shell.number_reflns_R_work             1346 
_refine_ls_shell.R_factor_R_work                  0.211 
_refine_ls_shell.percent_reflns_obs               99.86 
_refine_ls_shell.R_factor_R_free                  0.307 
_refine_ls_shell.R_factor_R_free_error            ? 
_refine_ls_shell.percent_reflns_R_free            ? 
_refine_ls_shell.number_reflns_R_free             61 
_refine_ls_shell.number_reflns_all                ? 
_refine_ls_shell.R_factor_all                     ? 
_refine_ls_shell.redundancy_reflns_obs            ? 
_refine_ls_shell.number_reflns_obs                ? 
_refine_ls_shell.pdbx_refine_id                   'X-RAY DIFFRACTION' 
# 
_struct.entry_id                  2I9X 
_struct.title                     
'Structural Genomics, the crystal structure of SpoVG conserved domain from Staphylococcus epidermidis ATCC 12228' 
_struct.pdbx_model_details        ? 
_struct.pdbx_CASP_flag            ? 
_struct.pdbx_model_type_details   ? 
# 
_struct_keywords.entry_id        2I9X 
_struct_keywords.pdbx_keywords   'STRUCTURAL GENOMICS, UNKNOWN FUNCTION' 
_struct_keywords.text            
;APC86317.1, SpoVG, Staphylococcus epidermidis ATCC 12228, Structural Genomics, PSI-2, Protein Structure Initiative, Midwest Center for Structural Genomics, MCSG, UNKNOWN FUNCTION
;
# 
loop_
_struct_asym.id 
_struct_asym.pdbx_blank_PDB_chainid_flag 
_struct_asym.pdbx_modified 
_struct_asym.entity_id 
_struct_asym.details 
A N N 1 ? 
B N N 1 ? 
C N N 2 ? 
D N N 2 ? 
E N N 2 ? 
F N N 2 ? 
G N N 2 ? 
H N N 3 ? 
I N N 3 ? 
# 
_struct_ref.id                         1 
_struct_ref.db_name                    UNP 
_struct_ref.db_code                    SP5G_STAES 
_struct_ref.pdbx_db_accession          Q8CML1 
_struct_ref.entity_id                  1 
_struct_ref.pdbx_align_begin           1 
_struct_ref.pdbx_db_isoform            ? 
_struct_ref.pdbx_seq_one_letter_code   ? 
# 
loop_
_struct_ref_seq.align_id 
_struct_ref_seq.ref_id 
_struct_ref_seq.pdbx_PDB_id_code 
_struct_ref_seq.pdbx_strand_id 
_struct_ref_seq.seq_align_beg 
_struct_ref_seq.pdbx_seq_align_beg_ins_code 
_struct_ref_seq.seq_align_end 
_struct_ref_seq.pdbx_seq_align_end_ins_code 
_struct_ref_seq.pdbx_db_accession 
_struct_ref_seq.db_align_beg 
_struct_ref_seq.pdbx_db_align_beg_ins_code 
_struct_ref_seq.db_align_end 
_struct_ref_seq.pdbx_db_align_end_ins_code 
_struct_ref_seq.pdbx_auth_seq_align_beg 
_struct_ref_seq.pdbx_auth_seq_align_end 
1 1 2I9X A 4 ? 87 ? Q8CML1 1 ? 84 ? 1 84 
2 1 2I9X B 4 ? 87 ? Q8CML1 1 ? 84 ? 1 84 
# 
loop_
_struct_ref_seq_dif.align_id 
_struct_ref_seq_dif.pdbx_pdb_id_code 
_struct_ref_seq_dif.mon_id 
_struct_ref_seq_dif.pdbx_pdb_strand_id 
_struct_ref_seq_dif.seq_num 
_struct_ref_seq_dif.pdbx_pdb_ins_code 
_struct_ref_seq_dif.pdbx_seq_db_name 
_struct_ref_seq_dif.pdbx_seq_db_accession_code 
_struct_ref_seq_dif.db_mon_id 
_struct_ref_seq_dif.pdbx_seq_db_seq_num 
_struct_ref_seq_dif.details 
_struct_ref_seq_dif.pdbx_auth_seq_num 
_struct_ref_seq_dif.pdbx_ordinal 
1 2I9X SER A 1  ? UNP Q8CML1 ?   ?  'cloning artifact' -2 1  
1 2I9X ASN A 2  ? UNP Q8CML1 ?   ?  'cloning artifact' -1 2  
1 2I9X ALA A 3  ? UNP Q8CML1 ?   ?  'cloning artifact' 0  3  
1 2I9X MSE A 4  ? UNP Q8CML1 MET 1  'modified residue' 1  4  
1 2I9X MSE A 20 ? UNP Q8CML1 MET 17 'modified residue' 17 5  
1 2I9X MSE A 50 ? UNP Q8CML1 MET 47 'modified residue' 47 6  
1 2I9X MSE A 71 ? UNP Q8CML1 MET 68 'modified residue' 68 7  
1 2I9X MSE A 80 ? UNP Q8CML1 MET 77 'modified residue' 77 8  
2 2I9X SER B 1  ? UNP Q8CML1 ?   ?  'cloning artifact' -2 9  
2 2I9X ASN B 2  ? UNP Q8CML1 ?   ?  'cloning artifact' -1 10 
2 2I9X ALA B 3  ? UNP Q8CML1 ?   ?  'cloning artifact' 0  11 
2 2I9X MSE B 4  ? UNP Q8CML1 MET 1  'modified residue' 1  12 
2 2I9X MSE B 20 ? UNP Q8CML1 MET 17 'modified residue' 17 13 
2 2I9X MSE B 50 ? UNP Q8CML1 MET 47 'modified residue' 47 14 
2 2I9X MSE B 71 ? UNP Q8CML1 MET 68 'modified residue' 68 15 
2 2I9X MSE B 80 ? UNP Q8CML1 MET 77 'modified residue' 77 16 
# 
_pdbx_struct_assembly.id                   1 
_pdbx_struct_assembly.details              author_and_software_defined_assembly 
_pdbx_struct_assembly.method_details       PISA 
_pdbx_struct_assembly.oligomeric_details   dimeric 
_pdbx_struct_assembly.oligomeric_count     2 
# 
loop_
_pdbx_struct_assembly_prop.biol_id 
_pdbx_struct_assembly_prop.type 
_pdbx_struct_assembly_prop.value 
_pdbx_struct_assembly_prop.details 
1 'ABSA (A^2)' 2550  ? 
1 MORE         -6    ? 
1 'SSA (A^2)'  10520 ? 
# 
_pdbx_struct_assembly_gen.assembly_id       1 
_pdbx_struct_assembly_gen.oper_expression   1 
_pdbx_struct_assembly_gen.asym_id_list      A,B,C,D,E,F,G,H,I 
# 
_pdbx_struct_oper_list.id                   1 
_pdbx_struct_oper_list.type                 'identity operation' 
_pdbx_struct_oper_list.name                 1_555 
_pdbx_struct_oper_list.symmetry_operation   x,y,z 
_pdbx_struct_oper_list.matrix[1][1]         1.0000000000 
_pdbx_struct_oper_list.matrix[1][2]         0.0000000000 
_pdbx_struct_oper_list.matrix[1][3]         0.0000000000 
_pdbx_struct_oper_list.vector[1]            0.0000000000 
_pdbx_struct_oper_list.matrix[2][1]         0.0000000000 
_pdbx_struct_oper_list.matrix[2][2]         1.0000000000 
_pdbx_struct_oper_list.matrix[2][3]         0.0000000000 
_pdbx_struct_oper_list.vector[2]            0.0000000000 
_pdbx_struct_oper_list.matrix[3][1]         0.0000000000 
_pdbx_struct_oper_list.matrix[3][2]         0.0000000000 
_pdbx_struct_oper_list.matrix[3][3]         1.0000000000 
_pdbx_struct_oper_list.vector[3]            0.0000000000 
# 
_struct_biol.id   1 
# 
loop_
_struct_conf.conf_type_id 
_struct_conf.id 
_struct_conf.pdbx_PDB_helix_id 
_struct_conf.beg_label_comp_id 
_struct_conf.beg_label_asym_id 
_struct_conf.beg_label_seq_id 
_struct_conf.pdbx_beg_PDB_ins_code 
_struct_conf.end_label_comp_id 
_struct_conf.end_label_asym_id 
_struct_conf.end_label_seq_id 
_struct_conf.pdbx_end_PDB_ins_code 
_struct_conf.beg_auth_comp_id 
_struct_conf.beg_auth_asym_id 
_struct_conf.beg_auth_seq_id 
_struct_conf.end_auth_comp_id 
_struct_conf.end_auth_asym_id 
_struct_conf.end_auth_seq_id 
_struct_conf.pdbx_PDB_helix_class 
_struct_conf.details 
_struct_conf.pdbx_PDB_helix_length 
HELX_P HELX_P1 1 ASN A 68 ? THR A 86 ? ASN A 65 THR A 83 1 ? 19 
HELX_P HELX_P2 2 ASN B 68 ? THR B 86 ? ASN B 65 THR B 83 1 ? 19 
# 
_struct_conf_type.id          HELX_P 
_struct_conf_type.criteria    ? 
_struct_conf_type.reference   ? 
# 
loop_
_struct_conn.id 
_struct_conn.conn_type_id 
_struct_conn.pdbx_leaving_atom_flag 
_struct_conn.pdbx_PDB_id 
_struct_conn.ptnr1_label_asym_id 
_struct_conn.ptnr1_label_comp_id 
_struct_conn.ptnr1_label_seq_id 
_struct_conn.ptnr1_label_atom_id 
_struct_conn.pdbx_ptnr1_label_alt_id 
_struct_conn.pdbx_ptnr1_PDB_ins_code 
_struct_conn.pdbx_ptnr1_standard_comp_id 
_struct_conn.ptnr1_symmetry 
_struct_conn.ptnr2_label_asym_id 
_struct_conn.ptnr2_label_comp_id 
_struct_conn.ptnr2_label_seq_id 
_struct_conn.ptnr2_label_atom_id 
_struct_conn.pdbx_ptnr2_label_alt_id 
_struct_conn.pdbx_ptnr2_PDB_ins_code 
_struct_conn.ptnr1_auth_asym_id 
_struct_conn.ptnr1_auth_comp_id 
_struct_conn.ptnr1_auth_seq_id 
_struct_conn.ptnr2_auth_asym_id 
_struct_conn.ptnr2_auth_comp_id 
_struct_conn.ptnr2_auth_seq_id 
_struct_conn.ptnr2_symmetry 
_struct_conn.pdbx_ptnr3_label_atom_id 
_struct_conn.pdbx_ptnr3_label_seq_id 
_struct_conn.pdbx_ptnr3_label_comp_id 
_struct_conn.pdbx_ptnr3_label_asym_id 
_struct_conn.pdbx_ptnr3_label_alt_id 
_struct_conn.pdbx_ptnr3_PDB_ins_code 
_struct_conn.details 
_struct_conn.pdbx_dist_value 
_struct_conn.pdbx_value_order 
_struct_conn.pdbx_role 
covale1  covale both ? A ALA 3  C ? ? ? 1_555 A MSE 4  N ? ? A ALA 0  A MSE 1  1_555 ? ? ? ? ? ? ? 1.329 ? ? 
covale2  covale both ? A MSE 4  C ? ? ? 1_555 A LYS 5  N ? ? A MSE 1  A LYS 2  1_555 ? ? ? ? ? ? ? 1.330 ? ? 
covale3  covale both ? A ARG 19 C ? ? ? 1_555 A MSE 20 N ? ? A ARG 16 A MSE 17 1_555 ? ? ? ? ? ? ? 1.343 ? ? 
covale4  covale both ? A MSE 20 C ? ? ? 1_555 A LYS 21 N ? ? A MSE 17 A LYS 18 1_555 ? ? ? ? ? ? ? 1.318 ? ? 
covale5  covale both ? A ALA 49 C ? ? ? 1_555 A MSE 50 N ? ? A ALA 46 A MSE 47 1_555 ? ? ? ? ? ? ? 1.327 ? ? 
covale6  covale both ? A MSE 50 C ? ? ? 1_555 A PRO 51 N ? ? A MSE 47 A PRO 48 1_555 ? ? ? ? ? ? ? 1.335 ? ? 
covale7  covale both ? A ASP 70 C ? ? ? 1_555 A MSE 71 N ? ? A ASP 67 A MSE 68 1_555 ? ? ? ? ? ? ? 1.338 ? ? 
covale8  covale both ? A MSE 71 C ? ? ? 1_555 A ARG 72 N ? ? A MSE 68 A ARG 69 1_555 ? ? ? ? ? ? ? 1.339 ? ? 
covale9  covale both ? A VAL 79 C ? ? ? 1_555 A MSE 80 N ? ? A VAL 76 A MSE 77 1_555 ? ? ? ? ? ? ? 1.337 ? ? 
covale10 covale both ? A MSE 80 C ? ? ? 1_555 A LYS 81 N ? ? A MSE 77 A LYS 78 1_555 ? ? ? ? ? ? ? 1.324 ? ? 
covale11 covale both ? B ALA 3  C ? ? ? 1_555 B MSE 4  N ? ? B ALA 0  B MSE 1  1_555 ? ? ? ? ? ? ? 1.326 ? ? 
covale12 covale both ? B MSE 4  C ? ? ? 1_555 B LYS 5  N ? ? B MSE 1  B LYS 2  1_555 ? ? ? ? ? ? ? 1.332 ? ? 
covale13 covale both ? B ARG 19 C ? ? ? 1_555 B MSE 20 N ? ? B ARG 16 B MSE 17 1_555 ? ? ? ? ? ? ? 1.337 ? ? 
covale14 covale both ? B MSE 20 C ? ? ? 1_555 B LYS 21 N ? ? B MSE 17 B LYS 18 1_555 ? ? ? ? ? ? ? 1.335 ? ? 
covale15 covale both ? B ALA 49 C ? ? ? 1_555 B MSE 50 N ? ? B ALA 46 B MSE 47 1_555 ? ? ? ? ? ? ? 1.316 ? ? 
covale16 covale both ? B MSE 50 C ? ? ? 1_555 B PRO 51 N ? ? B MSE 47 B PRO 48 1_555 ? ? ? ? ? ? ? 1.341 ? ? 
covale17 covale both ? B ASP 70 C ? ? ? 1_555 B MSE 71 N ? ? B ASP 67 B MSE 68 1_555 ? ? ? ? ? ? ? 1.337 ? ? 
covale18 covale both ? B MSE 71 C ? ? ? 1_555 B ARG 72 N ? ? B MSE 68 B ARG 69 1_555 ? ? ? ? ? ? ? 1.328 ? ? 
covale19 covale both ? B VAL 79 C ? ? ? 1_555 B MSE 80 N ? ? B VAL 76 B MSE 77 1_555 ? ? ? ? ? ? ? 1.332 ? ? 
covale20 covale both ? B MSE 80 C ? ? ? 1_555 B LYS 81 N ? ? B MSE 77 B LYS 78 1_555 ? ? ? ? ? ? ? 1.334 ? ? 
# 
_struct_conn_type.id          covale 
_struct_conn_type.criteria    ? 
_struct_conn_type.reference   ? 
# 
loop_
_pdbx_modification_feature.ordinal 
_pdbx_modification_feature.label_comp_id 
_pdbx_modification_feature.label_asym_id 
_pdbx_modification_feature.label_seq_id 
_pdbx_modification_feature.label_alt_id 
_pdbx_modification_feature.modified_residue_label_comp_id 
_pdbx_modification_feature.modified_residue_label_asym_id 
_pdbx_modification_feature.modified_residue_label_seq_id 
_pdbx_modification_feature.modified_residue_label_alt_id 
_pdbx_modification_feature.auth_comp_id 
_pdbx_modification_feature.auth_asym_id 
_pdbx_modification_feature.auth_seq_id 
_pdbx_modification_feature.PDB_ins_code 
_pdbx_modification_feature.symmetry 
_pdbx_modification_feature.modified_residue_auth_comp_id 
_pdbx_modification_feature.modified_residue_auth_asym_id 
_pdbx_modification_feature.modified_residue_auth_seq_id 
_pdbx_modification_feature.modified_residue_PDB_ins_code 
_pdbx_modification_feature.modified_residue_symmetry 
_pdbx_modification_feature.comp_id_linking_atom 
_pdbx_modification_feature.modified_residue_id_linking_atom 
_pdbx_modification_feature.modified_residue_id 
_pdbx_modification_feature.ref_pcm_id 
_pdbx_modification_feature.ref_comp_id 
_pdbx_modification_feature.type 
_pdbx_modification_feature.category 
1  MSE A 4  ? . . . . MSE A 1  ? 1_555 . . . . . . . MET 1 MSE Selenomethionine 'Named protein modification' 
2  MSE A 20 ? . . . . MSE A 17 ? 1_555 . . . . . . . MET 1 MSE Selenomethionine 'Named protein modification' 
3  MSE A 50 ? . . . . MSE A 47 ? 1_555 . . . . . . . MET 1 MSE Selenomethionine 'Named protein modification' 
4  MSE A 71 ? . . . . MSE A 68 ? 1_555 . . . . . . . MET 1 MSE Selenomethionine 'Named protein modification' 
5  MSE A 80 ? . . . . MSE A 77 ? 1_555 . . . . . . . MET 1 MSE Selenomethionine 'Named protein modification' 
6  MSE B 4  ? . . . . MSE B 1  ? 1_555 . . . . . . . MET 1 MSE Selenomethionine 'Named protein modification' 
7  MSE B 20 ? . . . . MSE B 17 ? 1_555 . . . . . . . MET 1 MSE Selenomethionine 'Named protein modification' 
8  MSE B 50 ? . . . . MSE B 47 ? 1_555 . . . . . . . MET 1 MSE Selenomethionine 'Named protein modification' 
9  MSE B 71 ? . . . . MSE B 68 ? 1_555 . . . . . . . MET 1 MSE Selenomethionine 'Named protein modification' 
10 MSE B 80 ? . . . . MSE B 77 ? 1_555 . . . . . . . MET 1 MSE Selenomethionine 'Named protein modification' 
# 
_struct_mon_prot_cis.pdbx_id                1 
_struct_mon_prot_cis.label_comp_id          ASP 
_struct_mon_prot_cis.label_seq_id           57 
_struct_mon_prot_cis.label_asym_id          B 
_struct_mon_prot_cis.label_alt_id           . 
_struct_mon_prot_cis.pdbx_PDB_ins_code      ? 
_struct_mon_prot_cis.auth_comp_id           ASP 
_struct_mon_prot_cis.auth_seq_id            54 
_struct_mon_prot_cis.auth_asym_id           B 
_struct_mon_prot_cis.pdbx_label_comp_id_2   GLY 
_struct_mon_prot_cis.pdbx_label_seq_id_2    58 
_struct_mon_prot_cis.pdbx_label_asym_id_2   B 
_struct_mon_prot_cis.pdbx_PDB_ins_code_2    ? 
_struct_mon_prot_cis.pdbx_auth_comp_id_2    GLY 
_struct_mon_prot_cis.pdbx_auth_seq_id_2     55 
_struct_mon_prot_cis.pdbx_auth_asym_id_2    B 
_struct_mon_prot_cis.pdbx_PDB_model_num     1 
_struct_mon_prot_cis.pdbx_omega_angle       -14.52 
# 
loop_
_struct_sheet.id 
_struct_sheet.type 
_struct_sheet.number_strands 
_struct_sheet.details 
A ? 4 ? 
B ? 4 ? 
C ? 2 ? 
D ? 4 ? 
E ? 3 ? 
F ? 2 ? 
# 
loop_
_struct_sheet_order.sheet_id 
_struct_sheet_order.range_id_1 
_struct_sheet_order.range_id_2 
_struct_sheet_order.offset 
_struct_sheet_order.sense 
A 1 2 ? anti-parallel 
A 2 3 ? anti-parallel 
A 3 4 ? anti-parallel 
B 1 2 ? anti-parallel 
B 2 3 ? anti-parallel 
B 3 4 ? anti-parallel 
C 1 2 ? anti-parallel 
D 1 2 ? anti-parallel 
D 2 3 ? anti-parallel 
D 3 4 ? anti-parallel 
E 1 2 ? anti-parallel 
E 2 3 ? anti-parallel 
F 1 2 ? anti-parallel 
# 
loop_
_struct_sheet_range.sheet_id 
_struct_sheet_range.id 
_struct_sheet_range.beg_label_comp_id 
_struct_sheet_range.beg_label_asym_id 
_struct_sheet_range.beg_label_seq_id 
_struct_sheet_range.pdbx_beg_PDB_ins_code 
_struct_sheet_range.end_label_comp_id 
_struct_sheet_range.end_label_asym_id 
_struct_sheet_range.end_label_seq_id 
_struct_sheet_range.pdbx_end_PDB_ins_code 
_struct_sheet_range.beg_auth_comp_id 
_struct_sheet_range.beg_auth_asym_id 
_struct_sheet_range.beg_auth_seq_id 
_struct_sheet_range.end_auth_comp_id 
_struct_sheet_range.end_auth_asym_id 
_struct_sheet_range.end_auth_seq_id 
A 1 VAL A 6  ? LYS A 13 ? VAL A 3  LYS A 10 
A 2 MSE A 20 ? LEU A 28 ? MSE A 17 LEU A 25 
A 3 PHE A 32 ? GLY A 42 ? PHE A 29 GLY A 39 
A 4 GLY A 45 ? ALA A 49 ? GLY A 42 ALA A 46 
B 1 VAL A 6  ? LYS A 13 ? VAL A 3  LYS A 10 
B 2 MSE A 20 ? LEU A 28 ? MSE A 17 LEU A 25 
B 3 PHE A 32 ? GLY A 42 ? PHE A 29 GLY A 39 
B 4 ALA B 64 ? PRO B 66 ? ALA B 61 PRO B 63 
C 1 SER A 52 ? ARG A 54 ? SER A 49 ARG A 51 
C 2 PHE A 60 ? ASP A 62 ? PHE A 57 ASP A 59 
D 1 ALA A 64 ? PRO A 66 ? ALA A 61 PRO A 63 
D 2 PHE B 32 ? GLY B 42 ? PHE B 29 GLY B 39 
D 3 MSE B 20 ? LEU B 28 ? MSE B 17 LEU B 25 
D 4 VAL B 6  ? LYS B 13 ? VAL B 3  LYS B 10 
E 1 ALA A 64 ? PRO A 66 ? ALA A 61 PRO A 63 
E 2 PHE B 32 ? GLY B 42 ? PHE B 29 GLY B 39 
E 3 GLY B 45 ? ALA B 49 ? GLY B 42 ALA B 46 
F 1 SER B 52 ? ARG B 54 ? SER B 49 ARG B 51 
F 2 PHE B 60 ? ASP B 62 ? PHE B 57 ASP B 59 
# 
loop_
_pdbx_struct_sheet_hbond.sheet_id 
_pdbx_struct_sheet_hbond.range_id_1 
_pdbx_struct_sheet_hbond.range_id_2 
_pdbx_struct_sheet_hbond.range_1_label_atom_id 
_pdbx_struct_sheet_hbond.range_1_label_comp_id 
_pdbx_struct_sheet_hbond.range_1_label_asym_id 
_pdbx_struct_sheet_hbond.range_1_label_seq_id 
_pdbx_struct_sheet_hbond.range_1_PDB_ins_code 
_pdbx_struct_sheet_hbond.range_1_auth_atom_id 
_pdbx_struct_sheet_hbond.range_1_auth_comp_id 
_pdbx_struct_sheet_hbond.range_1_auth_asym_id 
_pdbx_struct_sheet_hbond.range_1_auth_seq_id 
_pdbx_struct_sheet_hbond.range_2_label_atom_id 
_pdbx_struct_sheet_hbond.range_2_label_comp_id 
_pdbx_struct_sheet_hbond.range_2_label_asym_id 
_pdbx_struct_sheet_hbond.range_2_label_seq_id 
_pdbx_struct_sheet_hbond.range_2_PDB_ins_code 
_pdbx_struct_sheet_hbond.range_2_auth_atom_id 
_pdbx_struct_sheet_hbond.range_2_auth_comp_id 
_pdbx_struct_sheet_hbond.range_2_auth_asym_id 
_pdbx_struct_sheet_hbond.range_2_auth_seq_id 
A 1 2 N ARG A 10 ? N ARG A 7  O SER A 25 ? O SER A 22 
A 2 3 N LEU A 28 ? N LEU A 25 O PHE A 32 ? O PHE A 29 
A 3 4 N ARG A 38 ? N ARG A 35 O ALA A 49 ? O ALA A 46 
B 1 2 N ARG A 10 ? N ARG A 7  O SER A 25 ? O SER A 22 
B 2 3 N LEU A 28 ? N LEU A 25 O PHE A 32 ? O PHE A 29 
B 3 4 N VAL A 33 ? N VAL A 30 O HIS B 65 ? O HIS B 62 
C 1 2 N LYS A 53 ? N LYS A 50 O ARG A 61 ? O ARG A 58 
D 1 2 N HIS A 65 ? N HIS A 62 O VAL B 33 ? O VAL B 30 
D 2 3 O VAL B 39 ? O VAL B 36 N LYS B 21 ? N LYS B 18 
D 3 4 O SER B 25 ? O SER B 22 N ARG B 10 ? N ARG B 7  
E 1 2 N HIS A 65 ? N HIS A 62 O VAL B 33 ? O VAL B 30 
E 2 3 N ILE B 40 ? N ILE B 37 O PHE B 47 ? O PHE B 44 
F 1 2 N LYS B 53 ? N LYS B 50 O ARG B 61 ? O ARG B 58 
# 
loop_
_struct_site.id 
_struct_site.pdbx_evidence_code 
_struct_site.pdbx_auth_asym_id 
_struct_site.pdbx_auth_comp_id 
_struct_site.pdbx_auth_seq_id 
_struct_site.pdbx_auth_ins_code 
_struct_site.pdbx_num_residues 
_struct_site.details 
AC1 Software A EDO 101 ? 5 'BINDING SITE FOR RESIDUE EDO A 101' 
AC2 Software B EDO 102 ? 4 'BINDING SITE FOR RESIDUE EDO B 102' 
AC3 Software A EDO 103 ? 7 'BINDING SITE FOR RESIDUE EDO A 103' 
AC4 Software B EDO 104 ? 4 'BINDING SITE FOR RESIDUE EDO B 104' 
AC5 Software B EDO 105 ? 6 'BINDING SITE FOR RESIDUE EDO B 105' 
# 
loop_
_struct_site_gen.id 
_struct_site_gen.site_id 
_struct_site_gen.pdbx_num_res 
_struct_site_gen.label_comp_id 
_struct_site_gen.label_asym_id 
_struct_site_gen.label_seq_id 
_struct_site_gen.pdbx_auth_ins_code 
_struct_site_gen.auth_comp_id 
_struct_site_gen.auth_asym_id 
_struct_site_gen.auth_seq_id 
_struct_site_gen.label_atom_id 
_struct_site_gen.label_alt_id 
_struct_site_gen.symmetry 
_struct_site_gen.details 
1  AC1 5 ASP A 8  ? ASP A 5   . ? 1_555 ? 
2  AC1 5 ARG A 10 ? ARG A 7   . ? 1_555 ? 
3  AC1 5 SER A 25 ? SER A 22  . ? 1_555 ? 
4  AC1 5 ILE A 26 ? ILE A 23  . ? 1_555 ? 
5  AC1 5 THR A 27 ? THR A 24  . ? 1_555 ? 
6  AC2 4 GLY A 58 ? GLY A 55  . ? 4_464 ? 
7  AC2 4 PRO B 66 ? PRO B 63  . ? 1_555 ? 
8  AC2 4 SER B 69 ? SER B 66  . ? 1_555 ? 
9  AC2 4 ARG B 72 ? ARG B 69  . ? 1_555 ? 
10 AC3 7 VAL A 6  ? VAL A 3   . ? 1_555 ? 
11 AC3 7 ASP A 8  ? ASP A 5   . ? 1_555 ? 
12 AC3 7 VAL A 9  ? VAL A 6   . ? 1_555 ? 
13 AC3 7 ARG A 54 ? ARG A 51  . ? 5_646 ? 
14 AC3 7 HOH H .  ? HOH A 124 . ? 1_555 ? 
15 AC3 7 HOH H .  ? HOH A 135 . ? 1_555 ? 
16 AC3 7 HOH H .  ? HOH A 174 . ? 1_555 ? 
17 AC4 4 ASN A 2  ? ASN A -1  . ? 1_555 ? 
18 AC4 4 ALA A 3  ? ALA A 0   . ? 1_555 ? 
19 AC4 4 MSE A 4  ? MSE A 1   . ? 1_555 ? 
20 AC4 4 ASP B 29 ? ASP B 26  . ? 1_555 ? 
21 AC5 6 ARG B 12 ? ARG B 9   . ? 4_464 ? 
22 AC5 6 GLY B 42 ? GLY B 39  . ? 1_555 ? 
23 AC5 6 ASN B 43 ? ASN B 40  . ? 1_555 ? 
24 AC5 6 SER B 44 ? SER B 41  . ? 1_555 ? 
25 AC5 6 HOH I .  ? HOH B 129 . ? 1_555 ? 
26 AC5 6 HOH I .  ? HOH B 140 . ? 1_555 ? 
# 
_pdbx_entry_details.entry_id                   2I9X 
_pdbx_entry_details.compound_details           ? 
_pdbx_entry_details.source_details             ? 
_pdbx_entry_details.nonpolymer_details         ? 
_pdbx_entry_details.sequence_details           ? 
_pdbx_entry_details.has_ligand_of_interest     ? 
_pdbx_entry_details.has_protein_modification   Y 
# 
loop_
_pdbx_validate_torsion.id 
_pdbx_validate_torsion.PDB_model_num 
_pdbx_validate_torsion.auth_comp_id 
_pdbx_validate_torsion.auth_asym_id 
_pdbx_validate_torsion.auth_seq_id 
_pdbx_validate_torsion.PDB_ins_code 
_pdbx_validate_torsion.label_alt_id 
_pdbx_validate_torsion.phi 
_pdbx_validate_torsion.psi 
1 1 ALA A 28 ? ? -142.02 -24.87  
2 1 PRO B 53 ? ? -39.97  -15.79  
3 1 ASP B 54 ? ? -59.94  -135.68 
# 
_pdbx_SG_project.id                    1 
_pdbx_SG_project.project_name          'PSI, Protein Structure Initiative' 
_pdbx_SG_project.full_name_of_center   'Midwest Center for Structural Genomics' 
_pdbx_SG_project.initial_of_center     MCSG 
# 
loop_
_pdbx_struct_mod_residue.id 
_pdbx_struct_mod_residue.label_asym_id 
_pdbx_struct_mod_residue.label_comp_id 
_pdbx_struct_mod_residue.label_seq_id 
_pdbx_struct_mod_residue.auth_asym_id 
_pdbx_struct_mod_residue.auth_comp_id 
_pdbx_struct_mod_residue.auth_seq_id 
_pdbx_struct_mod_residue.PDB_ins_code 
_pdbx_struct_mod_residue.parent_comp_id 
_pdbx_struct_mod_residue.details 
1  A MSE 4  A MSE 1  ? MET SELENOMETHIONINE 
2  A MSE 20 A MSE 17 ? MET SELENOMETHIONINE 
3  A MSE 50 A MSE 47 ? MET SELENOMETHIONINE 
4  A MSE 71 A MSE 68 ? MET SELENOMETHIONINE 
5  A MSE 80 A MSE 77 ? MET SELENOMETHIONINE 
6  B MSE 4  B MSE 1  ? MET SELENOMETHIONINE 
7  B MSE 20 B MSE 17 ? MET SELENOMETHIONINE 
8  B MSE 50 B MSE 47 ? MET SELENOMETHIONINE 
9  B MSE 71 B MSE 68 ? MET SELENOMETHIONINE 
10 B MSE 80 B MSE 77 ? MET SELENOMETHIONINE 
# 
loop_
_pdbx_unobs_or_zero_occ_residues.id 
_pdbx_unobs_or_zero_occ_residues.PDB_model_num 
_pdbx_unobs_or_zero_occ_residues.polymer_flag 
_pdbx_unobs_or_zero_occ_residues.occupancy_flag 
_pdbx_unobs_or_zero_occ_residues.auth_asym_id 
_pdbx_unobs_or_zero_occ_residues.auth_comp_id 
_pdbx_unobs_or_zero_occ_residues.auth_seq_id 
_pdbx_unobs_or_zero_occ_residues.PDB_ins_code 
_pdbx_unobs_or_zero_occ_residues.label_asym_id 
_pdbx_unobs_or_zero_occ_residues.label_comp_id 
_pdbx_unobs_or_zero_occ_residues.label_seq_id 
1 1 Y 1 A SER -2 ? A SER 1 
2 1 Y 1 B SER -2 ? B SER 1 
3 1 Y 1 B ASN -1 ? B ASN 2 
# 
loop_
_chem_comp_atom.comp_id 
_chem_comp_atom.atom_id 
_chem_comp_atom.type_symbol 
_chem_comp_atom.pdbx_aromatic_flag 
_chem_comp_atom.pdbx_stereo_config 
_chem_comp_atom.pdbx_ordinal 
ALA N    N  N N 1   
ALA CA   C  N S 2   
ALA C    C  N N 3   
ALA O    O  N N 4   
ALA CB   C  N N 5   
ALA OXT  O  N N 6   
ALA H    H  N N 7   
ALA H2   H  N N 8   
ALA HA   H  N N 9   
ALA HB1  H  N N 10  
ALA HB2  H  N N 11  
ALA HB3  H  N N 12  
ALA HXT  H  N N 13  
ARG N    N  N N 14  
ARG CA   C  N S 15  
ARG C    C  N N 16  
ARG O    O  N N 17  
ARG CB   C  N N 18  
ARG CG   C  N N 19  
ARG CD   C  N N 20  
ARG NE   N  N N 21  
ARG CZ   C  N N 22  
ARG NH1  N  N N 23  
ARG NH2  N  N N 24  
ARG OXT  O  N N 25  
ARG H    H  N N 26  
ARG H2   H  N N 27  
ARG HA   H  N N 28  
ARG HB2  H  N N 29  
ARG HB3  H  N N 30  
ARG HG2  H  N N 31  
ARG HG3  H  N N 32  
ARG HD2  H  N N 33  
ARG HD3  H  N N 34  
ARG HE   H  N N 35  
ARG HH11 H  N N 36  
ARG HH12 H  N N 37  
ARG HH21 H  N N 38  
ARG HH22 H  N N 39  
ARG HXT  H  N N 40  
ASN N    N  N N 41  
ASN CA   C  N S 42  
ASN C    C  N N 43  
ASN O    O  N N 44  
ASN CB   C  N N 45  
ASN CG   C  N N 46  
ASN OD1  O  N N 47  
ASN ND2  N  N N 48  
ASN OXT  O  N N 49  
ASN H    H  N N 50  
ASN H2   H  N N 51  
ASN HA   H  N N 52  
ASN HB2  H  N N 53  
ASN HB3  H  N N 54  
ASN HD21 H  N N 55  
ASN HD22 H  N N 56  
ASN HXT  H  N N 57  
ASP N    N  N N 58  
ASP CA   C  N S 59  
ASP C    C  N N 60  
ASP O    O  N N 61  
ASP CB   C  N N 62  
ASP CG   C  N N 63  
ASP OD1  O  N N 64  
ASP OD2  O  N N 65  
ASP OXT  O  N N 66  
ASP H    H  N N 67  
ASP H2   H  N N 68  
ASP HA   H  N N 69  
ASP HB2  H  N N 70  
ASP HB3  H  N N 71  
ASP HD2  H  N N 72  
ASP HXT  H  N N 73  
EDO C1   C  N N 74  
EDO O1   O  N N 75  
EDO C2   C  N N 76  
EDO O2   O  N N 77  
EDO H11  H  N N 78  
EDO H12  H  N N 79  
EDO HO1  H  N N 80  
EDO H21  H  N N 81  
EDO H22  H  N N 82  
EDO HO2  H  N N 83  
GLN N    N  N N 84  
GLN CA   C  N S 85  
GLN C    C  N N 86  
GLN O    O  N N 87  
GLN CB   C  N N 88  
GLN CG   C  N N 89  
GLN CD   C  N N 90  
GLN OE1  O  N N 91  
GLN NE2  N  N N 92  
GLN OXT  O  N N 93  
GLN H    H  N N 94  
GLN H2   H  N N 95  
GLN HA   H  N N 96  
GLN HB2  H  N N 97  
GLN HB3  H  N N 98  
GLN HG2  H  N N 99  
GLN HG3  H  N N 100 
GLN HE21 H  N N 101 
GLN HE22 H  N N 102 
GLN HXT  H  N N 103 
GLU N    N  N N 104 
GLU CA   C  N S 105 
GLU C    C  N N 106 
GLU O    O  N N 107 
GLU CB   C  N N 108 
GLU CG   C  N N 109 
GLU CD   C  N N 110 
GLU OE1  O  N N 111 
GLU OE2  O  N N 112 
GLU OXT  O  N N 113 
GLU H    H  N N 114 
GLU H2   H  N N 115 
GLU HA   H  N N 116 
GLU HB2  H  N N 117 
GLU HB3  H  N N 118 
GLU HG2  H  N N 119 
GLU HG3  H  N N 120 
GLU HE2  H  N N 121 
GLU HXT  H  N N 122 
GLY N    N  N N 123 
GLY CA   C  N N 124 
GLY C    C  N N 125 
GLY O    O  N N 126 
GLY OXT  O  N N 127 
GLY H    H  N N 128 
GLY H2   H  N N 129 
GLY HA2  H  N N 130 
GLY HA3  H  N N 131 
GLY HXT  H  N N 132 
HIS N    N  N N 133 
HIS CA   C  N S 134 
HIS C    C  N N 135 
HIS O    O  N N 136 
HIS CB   C  N N 137 
HIS CG   C  Y N 138 
HIS ND1  N  Y N 139 
HIS CD2  C  Y N 140 
HIS CE1  C  Y N 141 
HIS NE2  N  Y N 142 
HIS OXT  O  N N 143 
HIS H    H  N N 144 
HIS H2   H  N N 145 
HIS HA   H  N N 146 
HIS HB2  H  N N 147 
HIS HB3  H  N N 148 
HIS HD1  H  N N 149 
HIS HD2  H  N N 150 
HIS HE1  H  N N 151 
HIS HE2  H  N N 152 
HIS HXT  H  N N 153 
HOH O    O  N N 154 
HOH H1   H  N N 155 
HOH H2   H  N N 156 
ILE N    N  N N 157 
ILE CA   C  N S 158 
ILE C    C  N N 159 
ILE O    O  N N 160 
ILE CB   C  N S 161 
ILE CG1  C  N N 162 
ILE CG2  C  N N 163 
ILE CD1  C  N N 164 
ILE OXT  O  N N 165 
ILE H    H  N N 166 
ILE H2   H  N N 167 
ILE HA   H  N N 168 
ILE HB   H  N N 169 
ILE HG12 H  N N 170 
ILE HG13 H  N N 171 
ILE HG21 H  N N 172 
ILE HG22 H  N N 173 
ILE HG23 H  N N 174 
ILE HD11 H  N N 175 
ILE HD12 H  N N 176 
ILE HD13 H  N N 177 
ILE HXT  H  N N 178 
LEU N    N  N N 179 
LEU CA   C  N S 180 
LEU C    C  N N 181 
LEU O    O  N N 182 
LEU CB   C  N N 183 
LEU CG   C  N N 184 
LEU CD1  C  N N 185 
LEU CD2  C  N N 186 
LEU OXT  O  N N 187 
LEU H    H  N N 188 
LEU H2   H  N N 189 
LEU HA   H  N N 190 
LEU HB2  H  N N 191 
LEU HB3  H  N N 192 
LEU HG   H  N N 193 
LEU HD11 H  N N 194 
LEU HD12 H  N N 195 
LEU HD13 H  N N 196 
LEU HD21 H  N N 197 
LEU HD22 H  N N 198 
LEU HD23 H  N N 199 
LEU HXT  H  N N 200 
LYS N    N  N N 201 
LYS CA   C  N S 202 
LYS C    C  N N 203 
LYS O    O  N N 204 
LYS CB   C  N N 205 
LYS CG   C  N N 206 
LYS CD   C  N N 207 
LYS CE   C  N N 208 
LYS NZ   N  N N 209 
LYS OXT  O  N N 210 
LYS H    H  N N 211 
LYS H2   H  N N 212 
LYS HA   H  N N 213 
LYS HB2  H  N N 214 
LYS HB3  H  N N 215 
LYS HG2  H  N N 216 
LYS HG3  H  N N 217 
LYS HD2  H  N N 218 
LYS HD3  H  N N 219 
LYS HE2  H  N N 220 
LYS HE3  H  N N 221 
LYS HZ1  H  N N 222 
LYS HZ2  H  N N 223 
LYS HZ3  H  N N 224 
LYS HXT  H  N N 225 
MET N    N  N N 226 
MET CA   C  N S 227 
MET C    C  N N 228 
MET O    O  N N 229 
MET CB   C  N N 230 
MET CG   C  N N 231 
MET SD   S  N N 232 
MET CE   C  N N 233 
MET OXT  O  N N 234 
MET H    H  N N 235 
MET H2   H  N N 236 
MET HA   H  N N 237 
MET HB2  H  N N 238 
MET HB3  H  N N 239 
MET HG2  H  N N 240 
MET HG3  H  N N 241 
MET HE1  H  N N 242 
MET HE2  H  N N 243 
MET HE3  H  N N 244 
MET HXT  H  N N 245 
MSE N    N  N N 246 
MSE CA   C  N S 247 
MSE C    C  N N 248 
MSE O    O  N N 249 
MSE OXT  O  N N 250 
MSE CB   C  N N 251 
MSE CG   C  N N 252 
MSE SE   SE N N 253 
MSE CE   C  N N 254 
MSE H    H  N N 255 
MSE H2   H  N N 256 
MSE HA   H  N N 257 
MSE HXT  H  N N 258 
MSE HB2  H  N N 259 
MSE HB3  H  N N 260 
MSE HG2  H  N N 261 
MSE HG3  H  N N 262 
MSE HE1  H  N N 263 
MSE HE2  H  N N 264 
MSE HE3  H  N N 265 
PHE N    N  N N 266 
PHE CA   C  N S 267 
PHE C    C  N N 268 
PHE O    O  N N 269 
PHE CB   C  N N 270 
PHE CG   C  Y N 271 
PHE CD1  C  Y N 272 
PHE CD2  C  Y N 273 
PHE CE1  C  Y N 274 
PHE CE2  C  Y N 275 
PHE CZ   C  Y N 276 
PHE OXT  O  N N 277 
PHE H    H  N N 278 
PHE H2   H  N N 279 
PHE HA   H  N N 280 
PHE HB2  H  N N 281 
PHE HB3  H  N N 282 
PHE HD1  H  N N 283 
PHE HD2  H  N N 284 
PHE HE1  H  N N 285 
PHE HE2  H  N N 286 
PHE HZ   H  N N 287 
PHE HXT  H  N N 288 
PRO N    N  N N 289 
PRO CA   C  N S 290 
PRO C    C  N N 291 
PRO O    O  N N 292 
PRO CB   C  N N 293 
PRO CG   C  N N 294 
PRO CD   C  N N 295 
PRO OXT  O  N N 296 
PRO H    H  N N 297 
PRO HA   H  N N 298 
PRO HB2  H  N N 299 
PRO HB3  H  N N 300 
PRO HG2  H  N N 301 
PRO HG3  H  N N 302 
PRO HD2  H  N N 303 
PRO HD3  H  N N 304 
PRO HXT  H  N N 305 
SER N    N  N N 306 
SER CA   C  N S 307 
SER C    C  N N 308 
SER O    O  N N 309 
SER CB   C  N N 310 
SER OG   O  N N 311 
SER OXT  O  N N 312 
SER H    H  N N 313 
SER H2   H  N N 314 
SER HA   H  N N 315 
SER HB2  H  N N 316 
SER HB3  H  N N 317 
SER HG   H  N N 318 
SER HXT  H  N N 319 
THR N    N  N N 320 
THR CA   C  N S 321 
THR C    C  N N 322 
THR O    O  N N 323 
THR CB   C  N R 324 
THR OG1  O  N N 325 
THR CG2  C  N N 326 
THR OXT  O  N N 327 
THR H    H  N N 328 
THR H2   H  N N 329 
THR HA   H  N N 330 
THR HB   H  N N 331 
THR HG1  H  N N 332 
THR HG21 H  N N 333 
THR HG22 H  N N 334 
THR HG23 H  N N 335 
THR HXT  H  N N 336 
TYR N    N  N N 337 
TYR CA   C  N S 338 
TYR C    C  N N 339 
TYR O    O  N N 340 
TYR CB   C  N N 341 
TYR CG   C  Y N 342 
TYR CD1  C  Y N 343 
TYR CD2  C  Y N 344 
TYR CE1  C  Y N 345 
TYR CE2  C  Y N 346 
TYR CZ   C  Y N 347 
TYR OH   O  N N 348 
TYR OXT  O  N N 349 
TYR H    H  N N 350 
TYR H2   H  N N 351 
TYR HA   H  N N 352 
TYR HB2  H  N N 353 
TYR HB3  H  N N 354 
TYR HD1  H  N N 355 
TYR HD2  H  N N 356 
TYR HE1  H  N N 357 
TYR HE2  H  N N 358 
TYR HH   H  N N 359 
TYR HXT  H  N N 360 
VAL N    N  N N 361 
VAL CA   C  N S 362 
VAL C    C  N N 363 
VAL O    O  N N 364 
VAL CB   C  N N 365 
VAL CG1  C  N N 366 
VAL CG2  C  N N 367 
VAL OXT  O  N N 368 
VAL H    H  N N 369 
VAL H2   H  N N 370 
VAL HA   H  N N 371 
VAL HB   H  N N 372 
VAL HG11 H  N N 373 
VAL HG12 H  N N 374 
VAL HG13 H  N N 375 
VAL HG21 H  N N 376 
VAL HG22 H  N N 377 
VAL HG23 H  N N 378 
VAL HXT  H  N N 379 
# 
loop_
_chem_comp_bond.comp_id 
_chem_comp_bond.atom_id_1 
_chem_comp_bond.atom_id_2 
_chem_comp_bond.value_order 
_chem_comp_bond.pdbx_aromatic_flag 
_chem_comp_bond.pdbx_stereo_config 
_chem_comp_bond.pdbx_ordinal 
ALA N   CA   sing N N 1   
ALA N   H    sing N N 2   
ALA N   H2   sing N N 3   
ALA CA  C    sing N N 4   
ALA CA  CB   sing N N 5   
ALA CA  HA   sing N N 6   
ALA C   O    doub N N 7   
ALA C   OXT  sing N N 8   
ALA CB  HB1  sing N N 9   
ALA CB  HB2  sing N N 10  
ALA CB  HB3  sing N N 11  
ALA OXT HXT  sing N N 12  
ARG N   CA   sing N N 13  
ARG N   H    sing N N 14  
ARG N   H2   sing N N 15  
ARG CA  C    sing N N 16  
ARG CA  CB   sing N N 17  
ARG CA  HA   sing N N 18  
ARG C   O    doub N N 19  
ARG C   OXT  sing N N 20  
ARG CB  CG   sing N N 21  
ARG CB  HB2  sing N N 22  
ARG CB  HB3  sing N N 23  
ARG CG  CD   sing N N 24  
ARG CG  HG2  sing N N 25  
ARG CG  HG3  sing N N 26  
ARG CD  NE   sing N N 27  
ARG CD  HD2  sing N N 28  
ARG CD  HD3  sing N N 29  
ARG NE  CZ   sing N N 30  
ARG NE  HE   sing N N 31  
ARG CZ  NH1  sing N N 32  
ARG CZ  NH2  doub N N 33  
ARG NH1 HH11 sing N N 34  
ARG NH1 HH12 sing N N 35  
ARG NH2 HH21 sing N N 36  
ARG NH2 HH22 sing N N 37  
ARG OXT HXT  sing N N 38  
ASN N   CA   sing N N 39  
ASN N   H    sing N N 40  
ASN N   H2   sing N N 41  
ASN CA  C    sing N N 42  
ASN CA  CB   sing N N 43  
ASN CA  HA   sing N N 44  
ASN C   O    doub N N 45  
ASN C   OXT  sing N N 46  
ASN CB  CG   sing N N 47  
ASN CB  HB2  sing N N 48  
ASN CB  HB3  sing N N 49  
ASN CG  OD1  doub N N 50  
ASN CG  ND2  sing N N 51  
ASN ND2 HD21 sing N N 52  
ASN ND2 HD22 sing N N 53  
ASN OXT HXT  sing N N 54  
ASP N   CA   sing N N 55  
ASP N   H    sing N N 56  
ASP N   H2   sing N N 57  
ASP CA  C    sing N N 58  
ASP CA  CB   sing N N 59  
ASP CA  HA   sing N N 60  
ASP C   O    doub N N 61  
ASP C   OXT  sing N N 62  
ASP CB  CG   sing N N 63  
ASP CB  HB2  sing N N 64  
ASP CB  HB3  sing N N 65  
ASP CG  OD1  doub N N 66  
ASP CG  OD2  sing N N 67  
ASP OD2 HD2  sing N N 68  
ASP OXT HXT  sing N N 69  
EDO C1  O1   sing N N 70  
EDO C1  C2   sing N N 71  
EDO C1  H11  sing N N 72  
EDO C1  H12  sing N N 73  
EDO O1  HO1  sing N N 74  
EDO C2  O2   sing N N 75  
EDO C2  H21  sing N N 76  
EDO C2  H22  sing N N 77  
EDO O2  HO2  sing N N 78  
GLN N   CA   sing N N 79  
GLN N   H    sing N N 80  
GLN N   H2   sing N N 81  
GLN CA  C    sing N N 82  
GLN CA  CB   sing N N 83  
GLN CA  HA   sing N N 84  
GLN C   O    doub N N 85  
GLN C   OXT  sing N N 86  
GLN CB  CG   sing N N 87  
GLN CB  HB2  sing N N 88  
GLN CB  HB3  sing N N 89  
GLN CG  CD   sing N N 90  
GLN CG  HG2  sing N N 91  
GLN CG  HG3  sing N N 92  
GLN CD  OE1  doub N N 93  
GLN CD  NE2  sing N N 94  
GLN NE2 HE21 sing N N 95  
GLN NE2 HE22 sing N N 96  
GLN OXT HXT  sing N N 97  
GLU N   CA   sing N N 98  
GLU N   H    sing N N 99  
GLU N   H2   sing N N 100 
GLU CA  C    sing N N 101 
GLU CA  CB   sing N N 102 
GLU CA  HA   sing N N 103 
GLU C   O    doub N N 104 
GLU C   OXT  sing N N 105 
GLU CB  CG   sing N N 106 
GLU CB  HB2  sing N N 107 
GLU CB  HB3  sing N N 108 
GLU CG  CD   sing N N 109 
GLU CG  HG2  sing N N 110 
GLU CG  HG3  sing N N 111 
GLU CD  OE1  doub N N 112 
GLU CD  OE2  sing N N 113 
GLU OE2 HE2  sing N N 114 
GLU OXT HXT  sing N N 115 
GLY N   CA   sing N N 116 
GLY N   H    sing N N 117 
GLY N   H2   sing N N 118 
GLY CA  C    sing N N 119 
GLY CA  HA2  sing N N 120 
GLY CA  HA3  sing N N 121 
GLY C   O    doub N N 122 
GLY C   OXT  sing N N 123 
GLY OXT HXT  sing N N 124 
HIS N   CA   sing N N 125 
HIS N   H    sing N N 126 
HIS N   H2   sing N N 127 
HIS CA  C    sing N N 128 
HIS CA  CB   sing N N 129 
HIS CA  HA   sing N N 130 
HIS C   O    doub N N 131 
HIS C   OXT  sing N N 132 
HIS CB  CG   sing N N 133 
HIS CB  HB2  sing N N 134 
HIS CB  HB3  sing N N 135 
HIS CG  ND1  sing Y N 136 
HIS CG  CD2  doub Y N 137 
HIS ND1 CE1  doub Y N 138 
HIS ND1 HD1  sing N N 139 
HIS CD2 NE2  sing Y N 140 
HIS CD2 HD2  sing N N 141 
HIS CE1 NE2  sing Y N 142 
HIS CE1 HE1  sing N N 143 
HIS NE2 HE2  sing N N 144 
HIS OXT HXT  sing N N 145 
HOH O   H1   sing N N 146 
HOH O   H2   sing N N 147 
ILE N   CA   sing N N 148 
ILE N   H    sing N N 149 
ILE N   H2   sing N N 150 
ILE CA  C    sing N N 151 
ILE CA  CB   sing N N 152 
ILE CA  HA   sing N N 153 
ILE C   O    doub N N 154 
ILE C   OXT  sing N N 155 
ILE CB  CG1  sing N N 156 
ILE CB  CG2  sing N N 157 
ILE CB  HB   sing N N 158 
ILE CG1 CD1  sing N N 159 
ILE CG1 HG12 sing N N 160 
ILE CG1 HG13 sing N N 161 
ILE CG2 HG21 sing N N 162 
ILE CG2 HG22 sing N N 163 
ILE CG2 HG23 sing N N 164 
ILE CD1 HD11 sing N N 165 
ILE CD1 HD12 sing N N 166 
ILE CD1 HD13 sing N N 167 
ILE OXT HXT  sing N N 168 
LEU N   CA   sing N N 169 
LEU N   H    sing N N 170 
LEU N   H2   sing N N 171 
LEU CA  C    sing N N 172 
LEU CA  CB   sing N N 173 
LEU CA  HA   sing N N 174 
LEU C   O    doub N N 175 
LEU C   OXT  sing N N 176 
LEU CB  CG   sing N N 177 
LEU CB  HB2  sing N N 178 
LEU CB  HB3  sing N N 179 
LEU CG  CD1  sing N N 180 
LEU CG  CD2  sing N N 181 
LEU CG  HG   sing N N 182 
LEU CD1 HD11 sing N N 183 
LEU CD1 HD12 sing N N 184 
LEU CD1 HD13 sing N N 185 
LEU CD2 HD21 sing N N 186 
LEU CD2 HD22 sing N N 187 
LEU CD2 HD23 sing N N 188 
LEU OXT HXT  sing N N 189 
LYS N   CA   sing N N 190 
LYS N   H    sing N N 191 
LYS N   H2   sing N N 192 
LYS CA  C    sing N N 193 
LYS CA  CB   sing N N 194 
LYS CA  HA   sing N N 195 
LYS C   O    doub N N 196 
LYS C   OXT  sing N N 197 
LYS CB  CG   sing N N 198 
LYS CB  HB2  sing N N 199 
LYS CB  HB3  sing N N 200 
LYS CG  CD   sing N N 201 
LYS CG  HG2  sing N N 202 
LYS CG  HG3  sing N N 203 
LYS CD  CE   sing N N 204 
LYS CD  HD2  sing N N 205 
LYS CD  HD3  sing N N 206 
LYS CE  NZ   sing N N 207 
LYS CE  HE2  sing N N 208 
LYS CE  HE3  sing N N 209 
LYS NZ  HZ1  sing N N 210 
LYS NZ  HZ2  sing N N 211 
LYS NZ  HZ3  sing N N 212 
LYS OXT HXT  sing N N 213 
MET N   CA   sing N N 214 
MET N   H    sing N N 215 
MET N   H2   sing N N 216 
MET CA  C    sing N N 217 
MET CA  CB   sing N N 218 
MET CA  HA   sing N N 219 
MET C   O    doub N N 220 
MET C   OXT  sing N N 221 
MET CB  CG   sing N N 222 
MET CB  HB2  sing N N 223 
MET CB  HB3  sing N N 224 
MET CG  SD   sing N N 225 
MET CG  HG2  sing N N 226 
MET CG  HG3  sing N N 227 
MET SD  CE   sing N N 228 
MET CE  HE1  sing N N 229 
MET CE  HE2  sing N N 230 
MET CE  HE3  sing N N 231 
MET OXT HXT  sing N N 232 
MSE N   CA   sing N N 233 
MSE N   H    sing N N 234 
MSE N   H2   sing N N 235 
MSE CA  C    sing N N 236 
MSE CA  CB   sing N N 237 
MSE CA  HA   sing N N 238 
MSE C   O    doub N N 239 
MSE C   OXT  sing N N 240 
MSE OXT HXT  sing N N 241 
MSE CB  CG   sing N N 242 
MSE CB  HB2  sing N N 243 
MSE CB  HB3  sing N N 244 
MSE CG  SE   sing N N 245 
MSE CG  HG2  sing N N 246 
MSE CG  HG3  sing N N 247 
MSE SE  CE   sing N N 248 
MSE CE  HE1  sing N N 249 
MSE CE  HE2  sing N N 250 
MSE CE  HE3  sing N N 251 
PHE N   CA   sing N N 252 
PHE N   H    sing N N 253 
PHE N   H2   sing N N 254 
PHE CA  C    sing N N 255 
PHE CA  CB   sing N N 256 
PHE CA  HA   sing N N 257 
PHE C   O    doub N N 258 
PHE C   OXT  sing N N 259 
PHE CB  CG   sing N N 260 
PHE CB  HB2  sing N N 261 
PHE CB  HB3  sing N N 262 
PHE CG  CD1  doub Y N 263 
PHE CG  CD2  sing Y N 264 
PHE CD1 CE1  sing Y N 265 
PHE CD1 HD1  sing N N 266 
PHE CD2 CE2  doub Y N 267 
PHE CD2 HD2  sing N N 268 
PHE CE1 CZ   doub Y N 269 
PHE CE1 HE1  sing N N 270 
PHE CE2 CZ   sing Y N 271 
PHE CE2 HE2  sing N N 272 
PHE CZ  HZ   sing N N 273 
PHE OXT HXT  sing N N 274 
PRO N   CA   sing N N 275 
PRO N   CD   sing N N 276 
PRO N   H    sing N N 277 
PRO CA  C    sing N N 278 
PRO CA  CB   sing N N 279 
PRO CA  HA   sing N N 280 
PRO C   O    doub N N 281 
PRO C   OXT  sing N N 282 
PRO CB  CG   sing N N 283 
PRO CB  HB2  sing N N 284 
PRO CB  HB3  sing N N 285 
PRO CG  CD   sing N N 286 
PRO CG  HG2  sing N N 287 
PRO CG  HG3  sing N N 288 
PRO CD  HD2  sing N N 289 
PRO CD  HD3  sing N N 290 
PRO OXT HXT  sing N N 291 
SER N   CA   sing N N 292 
SER N   H    sing N N 293 
SER N   H2   sing N N 294 
SER CA  C    sing N N 295 
SER CA  CB   sing N N 296 
SER CA  HA   sing N N 297 
SER C   O    doub N N 298 
SER C   OXT  sing N N 299 
SER CB  OG   sing N N 300 
SER CB  HB2  sing N N 301 
SER CB  HB3  sing N N 302 
SER OG  HG   sing N N 303 
SER OXT HXT  sing N N 304 
THR N   CA   sing N N 305 
THR N   H    sing N N 306 
THR N   H2   sing N N 307 
THR CA  C    sing N N 308 
THR CA  CB   sing N N 309 
THR CA  HA   sing N N 310 
THR C   O    doub N N 311 
THR C   OXT  sing N N 312 
THR CB  OG1  sing N N 313 
THR CB  CG2  sing N N 314 
THR CB  HB   sing N N 315 
THR OG1 HG1  sing N N 316 
THR CG2 HG21 sing N N 317 
THR CG2 HG22 sing N N 318 
THR CG2 HG23 sing N N 319 
THR OXT HXT  sing N N 320 
TYR N   CA   sing N N 321 
TYR N   H    sing N N 322 
TYR N   H2   sing N N 323 
TYR CA  C    sing N N 324 
TYR CA  CB   sing N N 325 
TYR CA  HA   sing N N 326 
TYR C   O    doub N N 327 
TYR C   OXT  sing N N 328 
TYR CB  CG   sing N N 329 
TYR CB  HB2  sing N N 330 
TYR CB  HB3  sing N N 331 
TYR CG  CD1  doub Y N 332 
TYR CG  CD2  sing Y N 333 
TYR CD1 CE1  sing Y N 334 
TYR CD1 HD1  sing N N 335 
TYR CD2 CE2  doub Y N 336 
TYR CD2 HD2  sing N N 337 
TYR CE1 CZ   doub Y N 338 
TYR CE1 HE1  sing N N 339 
TYR CE2 CZ   sing Y N 340 
TYR CE2 HE2  sing N N 341 
TYR CZ  OH   sing N N 342 
TYR OH  HH   sing N N 343 
TYR OXT HXT  sing N N 344 
VAL N   CA   sing N N 345 
VAL N   H    sing N N 346 
VAL N   H2   sing N N 347 
VAL CA  C    sing N N 348 
VAL CA  CB   sing N N 349 
VAL CA  HA   sing N N 350 
VAL C   O    doub N N 351 
VAL C   OXT  sing N N 352 
VAL CB  CG1  sing N N 353 
VAL CB  CG2  sing N N 354 
VAL CB  HB   sing N N 355 
VAL CG1 HG11 sing N N 356 
VAL CG1 HG12 sing N N 357 
VAL CG1 HG13 sing N N 358 
VAL CG2 HG21 sing N N 359 
VAL CG2 HG22 sing N N 360 
VAL CG2 HG23 sing N N 361 
VAL OXT HXT  sing N N 362 
# 
_atom_sites.entry_id                    2I9X 
_atom_sites.fract_transf_matrix[1][1]   -0.00468955 
_atom_sites.fract_transf_matrix[1][2]   -0.00951678 
_atom_sites.fract_transf_matrix[1][3]   0.01128898 
_atom_sites.fract_transf_matrix[2][1]   -0.01219136 
_atom_sites.fract_transf_matrix[2][2]   0.00917771 
_atom_sites.fract_transf_matrix[2][3]   0.00267253 
_atom_sites.fract_transf_matrix[3][1]   -0.00550247 
_atom_sites.fract_transf_matrix[3][2]   -0.00533422 
_atom_sites.fract_transf_matrix[3][3]   -0.00678260 
_atom_sites.fract_transf_vector[1]      0.579296 
_atom_sites.fract_transf_vector[2]      0.796661 
_atom_sites.fract_transf_vector[3]      0.618005 
# 
loop_
_atom_type.symbol 
C  
N  
O  
SE 
# 
loop_
_atom_site.group_PDB 
_atom_site.id 
_atom_site.type_symbol 
_atom_site.label_atom_id 
_atom_site.label_alt_id 
_atom_site.label_comp_id 
_atom_site.label_asym_id 
_atom_site.label_entity_id 
_atom_site.label_seq_id 
_atom_site.pdbx_PDB_ins_code 
_atom_site.Cartn_x 
_atom_site.Cartn_y 
_atom_site.Cartn_z 
_atom_site.occupancy 
_atom_site.B_iso_or_equiv 
_atom_site.pdbx_formal_charge 
_atom_site.auth_seq_id 
_atom_site.auth_comp_id 
_atom_site.auth_asym_id 
_atom_site.auth_atom_id 
_atom_site.pdbx_PDB_model_num 
ATOM   1    N  N   . ASN A 1 2  ? 6.197   -5.077  -17.470 1.00 47.34 ? -1  ASN A N   1 
ATOM   2    C  CA  . ASN A 1 2  ? 7.012   -5.886  -16.503 1.00 46.64 ? -1  ASN A CA  1 
ATOM   3    C  C   . ASN A 1 2  ? 6.957   -5.433  -15.025 1.00 45.66 ? -1  ASN A C   1 
ATOM   4    O  O   . ASN A 1 2  ? 6.449   -4.342  -14.698 1.00 46.08 ? -1  ASN A O   1 
ATOM   5    C  CB  . ASN A 1 2  ? 8.459   -6.023  -17.001 1.00 47.30 ? -1  ASN A CB  1 
ATOM   6    C  CG  . ASN A 1 2  ? 9.223   -7.139  -16.299 1.00 48.71 ? -1  ASN A CG  1 
ATOM   7    O  OD1 . ASN A 1 2  ? 10.312  -6.909  -15.776 1.00 49.79 ? -1  ASN A OD1 1 
ATOM   8    N  ND2 . ASN A 1 2  ? 8.654   -8.350  -16.279 1.00 50.31 ? -1  ASN A ND2 1 
ATOM   9    N  N   . ALA A 1 3  ? 7.494   -6.291  -14.155 1.00 43.62 ? 0   ALA A N   1 
ATOM   10   C  CA  . ALA A 1 3  ? 7.253   -6.262  -12.716 1.00 41.41 ? 0   ALA A CA  1 
ATOM   11   C  C   . ALA A 1 3  ? 8.498   -5.997  -11.872 1.00 39.49 ? 0   ALA A C   1 
ATOM   12   O  O   . ALA A 1 3  ? 9.622   -6.368  -12.232 1.00 39.40 ? 0   ALA A O   1 
ATOM   13   C  CB  . ALA A 1 3  ? 6.637   -7.588  -12.279 1.00 41.10 ? 0   ALA A CB  1 
HETATM 14   N  N   . MSE A 1 4  ? 8.270   -5.367  -10.724 1.00 36.62 ? 1   MSE A N   1 
HETATM 15   C  CA  . MSE A 1 4  ? 9.209   -5.398  -9.604  1.00 33.34 ? 1   MSE A CA  1 
HETATM 16   C  C   . MSE A 1 4  ? 9.139   -6.814  -9.045  1.00 31.26 ? 1   MSE A C   1 
HETATM 17   O  O   . MSE A 1 4  ? 8.247   -7.563  -9.421  1.00 31.83 ? 1   MSE A O   1 
HETATM 18   C  CB  . MSE A 1 4  ? 8.742   -4.397  -8.567  1.00 32.74 ? 1   MSE A CB  1 
HETATM 19   C  CG  . MSE A 1 4  ? 8.781   -3.007  -9.102  1.00 32.34 ? 1   MSE A CG  1 
HETATM 20   SE SE  . MSE A 1 4  ? 8.282   -1.744  -7.729  0.70 34.97 ? 1   MSE A SE  1 
HETATM 21   C  CE  . MSE A 1 4  ? 6.368   -1.763  -8.031  1.00 31.06 ? 1   MSE A CE  1 
ATOM   22   N  N   . LYS A 1 5  ? 10.080  -7.202  -8.187  1.00 27.78 ? 2   LYS A N   1 
ATOM   23   C  CA  . LYS A 1 5  ? 10.088  -8.548  -7.618  1.00 26.19 ? 2   LYS A CA  1 
ATOM   24   C  C   . LYS A 1 5  ? 9.644   -8.476  -6.175  1.00 23.48 ? 2   LYS A C   1 
ATOM   25   O  O   . LYS A 1 5  ? 10.057  -7.553  -5.445  1.00 22.44 ? 2   LYS A O   1 
ATOM   26   C  CB  . LYS A 1 5  ? 11.512  -9.144  -7.643  1.00 26.02 ? 2   LYS A CB  1 
ATOM   27   C  CG  . LYS A 1 5  ? 11.848  -10.022 -8.842  1.00 31.58 ? 2   LYS A CG  1 
ATOM   28   C  CD  . LYS A 1 5  ? 11.023  -9.731  -10.090 1.00 37.17 ? 2   LYS A CD  1 
ATOM   29   C  CE  . LYS A 1 5  ? 11.038  -10.934 -11.018 1.00 39.16 ? 2   LYS A CE  1 
ATOM   30   N  NZ  . LYS A 1 5  ? 10.483  -10.591 -12.349 1.00 41.92 ? 2   LYS A NZ  1 
ATOM   31   N  N   . VAL A 1 6  ? 8.833   -9.450  -5.765  1.00 21.92 ? 3   VAL A N   1 
ATOM   32   C  CA  . VAL A 1 6  ? 8.540   -9.643  -4.352  1.00 20.51 ? 3   VAL A CA  1 
ATOM   33   C  C   . VAL A 1 6  ? 9.782   -10.305 -3.729  1.00 21.37 ? 3   VAL A C   1 
ATOM   34   O  O   . VAL A 1 6  ? 10.054  -11.509 -3.942  1.00 20.91 ? 3   VAL A O   1 
ATOM   35   C  CB  . VAL A 1 6  ? 7.293   -10.514 -4.099  1.00 20.62 ? 3   VAL A CB  1 
ATOM   36   C  CG1 . VAL A 1 6  ? 7.156   -10.813 -2.614  1.00 20.01 ? 3   VAL A CG1 1 
ATOM   37   C  CG2 . VAL A 1 6  ? 6.009   -9.824  -4.610  1.00 19.96 ? 3   VAL A CG2 1 
ATOM   38   N  N   . THR A 1 7  ? 10.533  -9.532  -2.964  1.00 19.90 ? 4   THR A N   1 
ATOM   39   C  CA  . THR A 1 7  ? 11.832  -10.010 -2.442  1.00 20.64 ? 4   THR A CA  1 
ATOM   40   C  C   . THR A 1 7  ? 11.718  -10.577 -1.027  1.00 21.59 ? 4   THR A C   1 
ATOM   41   O  O   . THR A 1 7  ? 12.662  -11.179 -0.493  1.00 21.90 ? 4   THR A O   1 
ATOM   42   C  CB  . THR A 1 7  ? 12.868  -8.868  -2.458  1.00 20.99 ? 4   THR A CB  1 
ATOM   43   O  OG1 . THR A 1 7  ? 12.360  -7.762  -1.700  1.00 19.98 ? 4   THR A OG1 1 
ATOM   44   C  CG2 . THR A 1 7  ? 13.131  -8.435  -3.887  1.00 20.31 ? 4   THR A CG2 1 
ATOM   45   N  N   . ASP A 1 8  ? 10.569  -10.368 -0.389  1.00 20.93 ? 5   ASP A N   1 
ATOM   46   C  CA  . ASP A 1 8  ? 10.333  -10.924 0.932   1.00 20.99 ? 5   ASP A CA  1 
ATOM   47   C  C   . ASP A 1 8  ? 8.836   -11.087 1.174   1.00 20.81 ? 5   ASP A C   1 
ATOM   48   O  O   . ASP A 1 8  ? 8.028   -10.240 0.736   1.00 20.09 ? 5   ASP A O   1 
ATOM   49   C  CB  . ASP A 1 8  ? 10.934  -10.034 2.036   1.00 22.37 ? 5   ASP A CB  1 
ATOM   50   C  CG  . ASP A 1 8  ? 10.863  -10.693 3.393   1.00 26.76 ? 5   ASP A CG  1 
ATOM   51   O  OD1 . ASP A 1 8  ? 11.354  -11.826 3.513   1.00 32.16 ? 5   ASP A OD1 1 
ATOM   52   O  OD2 . ASP A 1 8  ? 10.283  -10.108 4.325   1.00 33.47 ? 5   ASP A OD2 1 
ATOM   53   N  N   . VAL A 1 9  ? 8.480   -12.166 1.865   1.00 19.56 ? 6   VAL A N   1 
ATOM   54   C  CA  . VAL A 1 9  ? 7.079   -12.424 2.230   1.00 19.83 ? 6   VAL A CA  1 
ATOM   55   C  C   . VAL A 1 9  ? 7.057   -12.824 3.681   1.00 20.03 ? 6   VAL A C   1 
ATOM   56   O  O   . VAL A 1 9  ? 7.800   -13.732 4.106   1.00 19.62 ? 6   VAL A O   1 
ATOM   57   C  CB  . VAL A 1 9  ? 6.444   -13.586 1.383   1.00 18.32 ? 6   VAL A CB  1 
ATOM   58   C  CG1 . VAL A 1 9  ? 5.019   -13.839 1.844   1.00 18.96 ? 6   VAL A CG1 1 
ATOM   59   C  CG2 . VAL A 1 9  ? 6.539   -13.279 -0.131  1.00 19.75 ? 6   VAL A CG2 1 
ATOM   60   N  N   . ARG A 1 10 ? 6.205   -12.162 4.445   1.00 19.27 ? 7   ARG A N   1 
ATOM   61   C  CA  . ARG A 1 10 ? 5.973   -12.523 5.821   1.00 20.82 ? 7   ARG A CA  1 
ATOM   62   C  C   . ARG A 1 10 ? 4.519   -12.928 5.859   1.00 21.77 ? 7   ARG A C   1 
ATOM   63   O  O   . ARG A 1 10 ? 3.653   -12.182 5.394   1.00 21.14 ? 7   ARG A O   1 
ATOM   64   C  CB  . ARG A 1 10 ? 6.247   -11.346 6.772   1.00 21.23 ? 7   ARG A CB  1 
ATOM   65   C  CG  . ARG A 1 10 ? 7.633   -10.743 6.589   1.00 26.47 ? 7   ARG A CG  1 
ATOM   66   C  CD  . ARG A 1 10 ? 8.733   -11.639 7.124   1.00 32.04 ? 7   ARG A CD  1 
ATOM   67   N  NE  . ARG A 1 10 ? 9.352   -11.023 8.293   1.00 39.11 ? 7   ARG A NE  1 
ATOM   68   C  CZ  . ARG A 1 10 ? 10.543  -10.429 8.302   1.00 42.03 ? 7   ARG A CZ  1 
ATOM   69   N  NH1 . ARG A 1 10 ? 10.987  -9.903  9.431   1.00 44.96 ? 7   ARG A NH1 1 
ATOM   70   N  NH2 . ARG A 1 10 ? 11.306  -10.382 7.208   1.00 43.30 ? 7   ARG A NH2 1 
ATOM   71   N  N   . LEU A 1 11 ? 4.266   -14.135 6.342   1.00 21.55 ? 8   LEU A N   1 
ATOM   72   C  CA  . LEU A 1 11 ? 2.936   -14.725 6.262   1.00 23.10 ? 8   LEU A CA  1 
ATOM   73   C  C   . LEU A 1 11 ? 2.593   -15.403 7.576   1.00 24.51 ? 8   LEU A C   1 
ATOM   74   O  O   . LEU A 1 11 ? 3.456   -16.076 8.183   1.00 23.34 ? 8   LEU A O   1 
ATOM   75   C  CB  . LEU A 1 11 ? 2.918   -15.727 5.103   1.00 23.11 ? 8   LEU A CB  1 
ATOM   76   C  CG  . LEU A 1 11 ? 1.605   -16.419 4.725   1.00 23.45 ? 8   LEU A CG  1 
ATOM   77   C  CD1 . LEU A 1 11 ? 1.580   -16.696 3.214   1.00 22.22 ? 8   LEU A CD1 1 
ATOM   78   C  CD2 . LEU A 1 11 ? 1.415   -17.698 5.554   1.00 22.39 ? 8   LEU A CD2 1 
ATOM   79   N  N   . ARG A 1 12 ? 1.346   -15.208 8.026   1.00 25.56 ? 9   ARG A N   1 
ATOM   80   C  CA  . ARG A 1 12 ? 0.814   -15.882 9.205   1.00 28.18 ? 9   ARG A CA  1 
ATOM   81   C  C   . ARG A 1 12 ? -0.483  -16.585 8.830   1.00 28.71 ? 9   ARG A C   1 
ATOM   82   O  O   . ARG A 1 12 ? -1.449  -15.930 8.425   1.00 26.78 ? 9   ARG A O   1 
ATOM   83   C  CB  . ARG A 1 12 ? 0.551   -14.898 10.355  1.00 27.89 ? 9   ARG A CB  1 
ATOM   84   C  CG  . ARG A 1 12 ? -0.061  -15.574 11.586  1.00 31.48 ? 9   ARG A CG  1 
ATOM   85   C  CD  . ARG A 1 12 ? -0.110  -14.653 12.826  1.00 32.32 ? 9   ARG A CD  1 
ATOM   86   N  NE  . ARG A 1 12 ? -1.277  -13.763 12.818  1.00 42.07 ? 9   ARG A NE  1 
ATOM   87   C  CZ  . ARG A 1 12 ? -1.232  -12.448 12.599  1.00 44.92 ? 9   ARG A CZ  1 
ATOM   88   N  NH1 . ARG A 1 12 ? -0.073  -11.833 12.364  1.00 47.42 ? 9   ARG A NH1 1 
ATOM   89   N  NH2 . ARG A 1 12 ? -2.356  -11.736 12.617  1.00 47.50 ? 9   ARG A NH2 1 
ATOM   90   N  N   . LYS A 1 13 ? -0.501  -17.909 8.951   1.00 30.10 ? 10  LYS A N   1 
ATOM   91   C  CA  . LYS A 1 13 ? -1.718  -18.656 8.646   1.00 33.26 ? 10  LYS A CA  1 
ATOM   92   C  C   . LYS A 1 13 ? -2.731  -18.438 9.741   1.00 35.13 ? 10  LYS A C   1 
ATOM   93   O  O   . LYS A 1 13 ? -2.388  -18.310 10.914  1.00 35.43 ? 10  LYS A O   1 
ATOM   94   C  CB  . LYS A 1 13 ? -1.472  -20.159 8.485   1.00 33.28 ? 10  LYS A CB  1 
ATOM   95   C  CG  . LYS A 1 13 ? -0.989  -20.567 7.128   1.00 35.01 ? 10  LYS A CG  1 
ATOM   96   C  CD  . LYS A 1 13 ? -1.336  -22.013 6.842   1.00 38.82 ? 10  LYS A CD  1 
ATOM   97   C  CE  . LYS A 1 13 ? -0.753  -22.430 5.511   1.00 40.40 ? 10  LYS A CE  1 
ATOM   98   N  NZ  . LYS A 1 13 ? -1.249  -23.772 5.085   1.00 42.88 ? 10  LYS A NZ  1 
ATOM   99   N  N   . ILE A 1 14 ? -3.991  -18.390 9.339   1.00 38.17 ? 11  ILE A N   1 
ATOM   100  C  CA  . ILE A 1 14 ? -5.085  -18.302 10.282  1.00 41.16 ? 11  ILE A CA  1 
ATOM   101  C  C   . ILE A 1 14 ? -5.925  -19.581 10.149  1.00 43.05 ? 11  ILE A C   1 
ATOM   102  O  O   . ILE A 1 14 ? -6.167  -20.074 9.042   1.00 43.00 ? 11  ILE A O   1 
ATOM   103  C  CB  . ILE A 1 14 ? -5.885  -17.000 10.077  1.00 41.51 ? 11  ILE A CB  1 
ATOM   104  C  CG1 . ILE A 1 14 ? -4.961  -15.803 10.320  1.00 41.30 ? 11  ILE A CG1 1 
ATOM   105  C  CG2 . ILE A 1 14 ? -7.090  -16.931 11.017  1.00 41.75 ? 11  ILE A CG2 1 
ATOM   106  C  CD1 . ILE A 1 14 ? -5.396  -14.543 9.617   1.00 42.23 ? 11  ILE A CD1 1 
ATOM   107  N  N   . GLN A 1 15 ? -6.296  -20.156 11.293  1.00 45.53 ? 12  GLN A N   1 
ATOM   108  C  CA  . GLN A 1 15 ? -7.092  -21.391 11.303  1.00 47.74 ? 12  GLN A CA  1 
ATOM   109  C  C   . GLN A 1 15 ? -8.531  -21.058 11.653  1.00 48.19 ? 12  GLN A C   1 
ATOM   110  O  O   . GLN A 1 15 ? -8.806  -20.451 12.695  1.00 48.49 ? 12  GLN A O   1 
ATOM   111  C  CB  . GLN A 1 15 ? -6.511  -22.454 12.251  1.00 48.30 ? 12  GLN A CB  1 
ATOM   112  C  CG  . GLN A 1 15 ? -6.364  -22.029 13.716  1.00 51.27 ? 12  GLN A CG  1 
ATOM   113  C  CD  . GLN A 1 15 ? -6.630  -23.172 14.685  1.00 55.11 ? 12  GLN A CD  1 
ATOM   114  O  OE1 . GLN A 1 15 ? -7.261  -24.178 14.332  1.00 57.24 ? 12  GLN A OE1 1 
ATOM   115  N  NE2 . GLN A 1 15 ? -6.155  -23.021 15.921  1.00 56.23 ? 12  GLN A NE2 1 
ATOM   116  N  N   . THR A 1 16 ? -9.437  -21.415 10.742  1.00 48.57 ? 13  THR A N   1 
ATOM   117  C  CA  . THR A 1 16 ? -10.865 -21.122 10.877  1.00 48.56 ? 13  THR A CA  1 
ATOM   118  C  C   . THR A 1 16 ? -11.632 -21.787 9.736   1.00 48.38 ? 13  THR A C   1 
ATOM   119  O  O   . THR A 1 16 ? -11.039 -22.260 8.759   1.00 48.44 ? 13  THR A O   1 
ATOM   120  C  CB  . THR A 1 16 ? -11.177 -19.576 10.928  1.00 48.92 ? 13  THR A CB  1 
ATOM   121  O  OG1 . THR A 1 16 ? -12.532 -19.332 10.524  1.00 49.39 ? 13  THR A OG1 1 
ATOM   122  C  CG2 . THR A 1 16 ? -10.259 -18.787 10.021  1.00 49.23 ? 13  THR A CG2 1 
ATOM   123  N  N   . ASP A 1 17 ? -12.953 -21.835 9.869   1.00 47.78 ? 14  ASP A N   1 
ATOM   124  C  CA  . ASP A 1 17 ? -13.790 -22.275 8.767   1.00 46.81 ? 14  ASP A CA  1 
ATOM   125  C  C   . ASP A 1 17 ? -13.945 -21.158 7.733   1.00 45.10 ? 14  ASP A C   1 
ATOM   126  O  O   . ASP A 1 17 ? -14.270 -21.437 6.576   1.00 45.52 ? 14  ASP A O   1 
ATOM   127  C  CB  . ASP A 1 17 ? -15.153 -22.759 9.275   1.00 47.77 ? 14  ASP A CB  1 
ATOM   128  C  CG  . ASP A 1 17 ? -15.045 -24.005 10.150  1.00 49.85 ? 14  ASP A CG  1 
ATOM   129  O  OD1 . ASP A 1 17 ? -16.009 -24.809 10.182  1.00 52.76 ? 14  ASP A OD1 1 
ATOM   130  O  OD2 . ASP A 1 17 ? -13.993 -24.188 10.806  1.00 52.58 ? 14  ASP A OD2 1 
ATOM   131  N  N   . GLY A 1 18 ? -13.669 -19.914 8.154   1.00 42.77 ? 15  GLY A N   1 
ATOM   132  C  CA  . GLY A 1 18 ? -13.867 -18.705 7.337   1.00 38.98 ? 15  GLY A CA  1 
ATOM   133  C  C   . GLY A 1 18 ? -12.990 -18.635 6.101   1.00 36.19 ? 15  GLY A C   1 
ATOM   134  O  O   . GLY A 1 18 ? -12.140 -19.499 5.873   1.00 36.42 ? 15  GLY A O   1 
ATOM   135  N  N   . ARG A 1 19 ? -13.184 -17.604 5.288   1.00 33.38 ? 16  ARG A N   1 
ATOM   136  C  CA  . ARG A 1 19 ? -12.495 -17.573 4.003   1.00 30.85 ? 16  ARG A CA  1 
ATOM   137  C  C   . ARG A 1 19 ? -11.101 -16.931 4.035   1.00 28.79 ? 16  ARG A C   1 
ATOM   138  O  O   . ARG A 1 19 ? -10.340 -17.183 3.114   1.00 28.34 ? 16  ARG A O   1 
ATOM   139  C  CB  . ARG A 1 19 ? -13.389 -17.024 2.874   1.00 30.55 ? 16  ARG A CB  1 
ATOM   140  C  CG  . ARG A 1 19 ? -14.581 -17.978 2.609   1.00 31.88 ? 16  ARG A CG  1 
ATOM   141  C  CD  . ARG A 1 19 ? -15.251 -17.830 1.251   1.00 33.39 ? 16  ARG A CD  1 
ATOM   142  N  NE  . ARG A 1 19 ? -16.281 -18.861 1.113   1.00 36.04 ? 16  ARG A NE  1 
ATOM   143  C  CZ  . ARG A 1 19 ? -17.598 -18.633 1.049   1.00 39.28 ? 16  ARG A CZ  1 
ATOM   144  N  NH1 . ARG A 1 19 ? -18.083 -17.394 1.069   1.00 35.78 ? 16  ARG A NH1 1 
ATOM   145  N  NH2 . ARG A 1 19 ? -18.440 -19.662 0.953   1.00 40.82 ? 16  ARG A NH2 1 
HETATM 146  N  N   . MSE A 1 20 ? -10.758 -16.166 5.085   1.00 27.40 ? 17  MSE A N   1 
HETATM 147  C  CA  . MSE A 1 20 ? -9.389  -15.596 5.176   1.00 28.41 ? 17  MSE A CA  1 
HETATM 148  C  C   . MSE A 1 20 ? -8.457  -16.594 5.851   1.00 26.06 ? 17  MSE A C   1 
HETATM 149  O  O   . MSE A 1 20 ? -8.606  -16.898 7.044   1.00 27.26 ? 17  MSE A O   1 
HETATM 150  C  CB  . MSE A 1 20 ? -9.318  -14.263 5.919   1.00 28.48 ? 17  MSE A CB  1 
HETATM 151  C  CG  . MSE A 1 20 ? -7.835  -13.665 5.980   1.00 27.76 ? 17  MSE A CG  1 
HETATM 152  SE SE  . MSE A 1 20 ? -7.831  -12.050 6.987   0.50 36.74 ? 17  MSE A SE  1 
HETATM 153  C  CE  . MSE A 1 20 ? -8.217  -12.750 8.766   1.00 37.83 ? 17  MSE A CE  1 
ATOM   154  N  N   . LYS A 1 21 ? -7.480  -17.040 5.087   1.00 24.12 ? 18  LYS A N   1 
ATOM   155  C  CA  . LYS A 1 21 ? -6.596  -18.139 5.470   1.00 22.76 ? 18  LYS A CA  1 
ATOM   156  C  C   . LYS A 1 21 ? -5.211  -17.662 5.903   1.00 21.93 ? 18  LYS A C   1 
ATOM   157  O  O   . LYS A 1 21 ? -4.479  -18.427 6.512   1.00 22.68 ? 18  LYS A O   1 
ATOM   158  C  CB  . LYS A 1 21 ? -6.472  -19.120 4.314   1.00 23.26 ? 18  LYS A CB  1 
ATOM   159  C  CG  . LYS A 1 21 ? -7.809  -19.728 3.838   1.00 25.31 ? 18  LYS A CG  1 
ATOM   160  C  CD  . LYS A 1 21 ? -8.369  -20.651 4.907   1.00 29.18 ? 18  LYS A CD  1 
ATOM   161  C  CE  . LYS A 1 21 ? -9.614  -21.386 4.452   1.00 34.01 ? 18  LYS A CE  1 
ATOM   162  N  NZ  . LYS A 1 21 ? -10.416 -21.770 5.647   1.00 36.34 ? 18  LYS A NZ  1 
ATOM   163  N  N   . ALA A 1 22 ? -4.843  -16.404 5.604   1.00 20.54 ? 19  ALA A N   1 
ATOM   164  C  CA  . ALA A 1 22 ? -3.541  -15.880 6.056   1.00 19.35 ? 19  ALA A CA  1 
ATOM   165  C  C   . ALA A 1 22 ? -3.448  -14.373 5.910   1.00 19.55 ? 19  ALA A C   1 
ATOM   166  O  O   . ALA A 1 22 ? -4.045  -13.799 4.997   1.00 19.47 ? 19  ALA A O   1 
ATOM   167  C  CB  . ALA A 1 22 ? -2.356  -16.533 5.288   1.00 18.72 ? 19  ALA A CB  1 
ATOM   168  N  N   . LEU A 1 23 ? -2.665  -13.765 6.792   1.00 19.05 ? 20  LEU A N   1 
ATOM   169  C  CA  . LEU A 1 23 ? -2.353  -12.340 6.703   1.00 19.61 ? 20  LEU A CA  1 
ATOM   170  C  C   . LEU A 1 23 ? -0.918  -12.241 6.239   1.00 18.63 ? 20  LEU A C   1 
ATOM   171  O  O   . LEU A 1 23 ? -0.050  -13.002 6.712   1.00 18.23 ? 20  LEU A O   1 
ATOM   172  C  CB  . LEU A 1 23 ? -2.538  -11.671 8.059   1.00 19.85 ? 20  LEU A CB  1 
ATOM   173  C  CG  . LEU A 1 23 ? -2.530  -10.150 8.147   1.00 23.05 ? 20  LEU A CG  1 
ATOM   174  C  CD1 . LEU A 1 23 ? -3.612  -9.465  7.226   1.00 21.81 ? 20  LEU A CD1 1 
ATOM   175  C  CD2 . LEU A 1 23 ? -2.693  -9.762  9.621   1.00 23.49 ? 20  LEU A CD2 1 
ATOM   176  N  N   . VAL A 1 24 ? -0.670  -11.328 5.301   1.00 16.14 ? 21  VAL A N   1 
ATOM   177  C  CA  . VAL A 1 24 ? 0.602   -11.314 4.568   1.00 16.14 ? 21  VAL A CA  1 
ATOM   178  C  C   . VAL A 1 24 ? 1.182   -9.900  4.421   1.00 15.82 ? 21  VAL A C   1 
ATOM   179  O  O   . VAL A 1 24 ? 0.445   -8.963  4.080   1.00 15.31 ? 21  VAL A O   1 
ATOM   180  C  CB  . VAL A 1 24 ? 0.403   -11.889 3.164   1.00 14.19 ? 21  VAL A CB  1 
ATOM   181  C  CG1 . VAL A 1 24 ? 1.714   -11.849 2.339   1.00 17.19 ? 21  VAL A CG1 1 
ATOM   182  C  CG2 . VAL A 1 24 ? -0.099  -13.350 3.240   1.00 16.95 ? 21  VAL A CG2 1 
ATOM   183  N  N   . SER A 1 25 ? 2.497   -9.763  4.629   1.00 16.31 ? 22  SER A N   1 
ATOM   184  C  CA  . SER A 1 25 ? 3.208   -8.518  4.266   1.00 17.21 ? 22  SER A CA  1 
ATOM   185  C  C   . SER A 1 25 ? 4.240   -8.865  3.216   1.00 17.32 ? 22  SER A C   1 
ATOM   186  O  O   . SER A 1 25 ? 4.878   -9.924  3.296   1.00 18.47 ? 22  SER A O   1 
ATOM   187  C  CB  . SER A 1 25 ? 3.918   -7.865  5.458   1.00 17.38 ? 22  SER A CB  1 
ATOM   188  O  OG  . SER A 1 25 ? 3.006   -7.481  6.473   1.00 19.68 ? 22  SER A OG  1 
ATOM   189  N  N   . ILE A 1 26 ? 4.362   -8.021  2.209   1.00 16.85 ? 23  ILE A N   1 
ATOM   190  C  CA  . ILE A 1 26 ? 5.352   -8.259  1.148   1.00 17.23 ? 23  ILE A CA  1 
ATOM   191  C  C   . ILE A 1 26 ? 6.338   -7.102  1.034   1.00 17.35 ? 23  ILE A C   1 
ATOM   192  O  O   . ILE A 1 26 ? 6.035   -5.961  1.423   1.00 17.33 ? 23  ILE A O   1 
ATOM   193  C  CB  . ILE A 1 26 ? 4.722   -8.532  -0.247  1.00 16.77 ? 23  ILE A CB  1 
ATOM   194  C  CG1 . ILE A 1 26 ? 3.885   -7.321  -0.736  1.00 17.36 ? 23  ILE A CG1 1 
ATOM   195  C  CG2 . ILE A 1 26 ? 3.935   -9.844  -0.231  1.00 18.11 ? 23  ILE A CG2 1 
ATOM   196  C  CD1 . ILE A 1 26 ? 3.469   -7.358  -2.229  1.00 17.38 ? 23  ILE A CD1 1 
ATOM   197  N  N   . THR A 1 27 ? 7.527   -7.400  0.518   1.00 16.20 ? 24  THR A N   1 
ATOM   198  C  CA  . THR A 1 27 ? 8.503   -6.342  0.217   1.00 16.96 ? 24  THR A CA  1 
ATOM   199  C  C   . THR A 1 27 ? 8.812   -6.426  -1.266  1.00 17.80 ? 24  THR A C   1 
ATOM   200  O  O   . THR A 1 27 ? 9.004   -7.541  -1.815  1.00 17.56 ? 24  THR A O   1 
ATOM   201  C  CB  . THR A 1 27 ? 9.840   -6.514  0.992   1.00 16.37 ? 24  THR A CB  1 
ATOM   202  O  OG1 . THR A 1 27 ? 9.597   -6.461  2.396   1.00 20.31 ? 24  THR A OG1 1 
ATOM   203  C  CG2 . THR A 1 27 ? 10.782  -5.403  0.630   1.00 17.84 ? 24  THR A CG2 1 
ATOM   204  N  N   . LEU A 1 28 ? 8.814   -5.261  -1.908  1.00 17.86 ? 25  LEU A N   1 
ATOM   205  C  CA  . LEU A 1 28 ? 9.107   -5.106  -3.313  1.00 19.34 ? 25  LEU A CA  1 
ATOM   206  C  C   . LEU A 1 28 ? 10.529  -4.565  -3.497  1.00 19.58 ? 25  LEU A C   1 
ATOM   207  O  O   . LEU A 1 28 ? 10.894  -3.539  -2.911  1.00 19.12 ? 25  LEU A O   1 
ATOM   208  C  CB  . LEU A 1 28 ? 8.124   -4.119  -3.974  1.00 19.20 ? 25  LEU A CB  1 
ATOM   209  C  CG  . LEU A 1 28 ? 6.647   -4.565  -4.074  1.00 20.31 ? 25  LEU A CG  1 
ATOM   210  C  CD1 . LEU A 1 28 ? 5.757   -3.437  -4.625  1.00 23.72 ? 25  LEU A CD1 1 
ATOM   211  C  CD2 . LEU A 1 28 ? 6.528   -5.791  -4.976  1.00 22.02 ? 25  LEU A CD2 1 
ATOM   212  N  N   . ASP A 1 29 ? 11.306  -5.247  -4.333  1.00 20.72 ? 26  ASP A N   1 
ATOM   213  C  CA  . ASP A 1 29 ? 12.682  -4.823  -4.667  1.00 21.75 ? 26  ASP A CA  1 
ATOM   214  C  C   . ASP A 1 29 ? 13.516  -4.337  -3.462  1.00 21.81 ? 26  ASP A C   1 
ATOM   215  O  O   . ASP A 1 29 ? 14.263  -3.357  -3.564  1.00 22.14 ? 26  ASP A O   1 
ATOM   216  C  CB  . ASP A 1 29 ? 12.659  -3.791  -5.792  1.00 23.07 ? 26  ASP A CB  1 
ATOM   217  C  CG  . ASP A 1 29 ? 12.303  -4.396  -7.153  1.00 25.45 ? 26  ASP A CG  1 
ATOM   218  O  OD1 . ASP A 1 29 ? 12.302  -5.637  -7.325  1.00 28.25 ? 26  ASP A OD1 1 
ATOM   219  O  OD2 . ASP A 1 29 ? 12.046  -3.605  -8.083  1.00 29.18 ? 26  ASP A OD2 1 
ATOM   220  N  N   . GLU A 1 30 ? 13.369  -5.027  -2.332  1.00 21.22 ? 27  GLU A N   1 
ATOM   221  C  CA  . GLU A 1 30 ? 14.133  -4.754  -1.100  1.00 22.39 ? 27  GLU A CA  1 
ATOM   222  C  C   . GLU A 1 30 ? 13.958  -3.320  -0.625  1.00 21.02 ? 27  GLU A C   1 
ATOM   223  O  O   . GLU A 1 30 ? 14.820  -2.780  0.070   1.00 21.11 ? 27  GLU A O   1 
ATOM   224  C  CB  . GLU A 1 30 ? 15.633  -5.064  -1.306  1.00 21.86 ? 27  GLU A CB  1 
ATOM   225  C  CG  . GLU A 1 30 ? 15.890  -6.549  -1.564  1.00 24.47 ? 27  GLU A CG  1 
ATOM   226  C  CD  . GLU A 1 30 ? 17.386  -6.906  -1.617  1.00 27.57 ? 27  GLU A CD  1 
ATOM   227  O  OE1 . GLU A 1 30 ? 17.695  -8.003  -2.096  1.00 34.40 ? 27  GLU A OE1 1 
ATOM   228  O  OE2 . GLU A 1 30 ? 18.230  -6.102  -1.190  1.00 34.21 ? 27  GLU A OE2 1 
ATOM   229  N  N   . ALA A 1 31 ? 12.834  -2.693  -0.974  1.00 19.92 ? 28  ALA A N   1 
ATOM   230  C  CA  . ALA A 1 31 ? 12.756  -1.232  -0.815  1.00 18.64 ? 28  ALA A CA  1 
ATOM   231  C  C   . ALA A 1 31 ? 11.415  -0.709  -0.350  1.00 18.64 ? 28  ALA A C   1 
ATOM   232  O  O   . ALA A 1 31 ? 11.337  0.385   0.221   1.00 17.84 ? 28  ALA A O   1 
ATOM   233  C  CB  . ALA A 1 31 ? 13.164  -0.523  -2.135  1.00 19.36 ? 28  ALA A CB  1 
ATOM   234  N  N   . PHE A 1 32 ? 10.357  -1.460  -0.615  1.00 16.89 ? 29  PHE A N   1 
ATOM   235  C  CA  . PHE A 1 32 ? 9.002   -0.911  -0.294  1.00 16.91 ? 29  PHE A CA  1 
ATOM   236  C  C   . PHE A 1 32 ? 8.129   -2.018  0.273   1.00 16.36 ? 29  PHE A C   1 
ATOM   237  O  O   . PHE A 1 32 ? 8.101   -3.106  -0.308  1.00 18.48 ? 29  PHE A O   1 
ATOM   238  C  CB  . PHE A 1 32 ? 8.385   -0.270  -1.553  1.00 15.88 ? 29  PHE A CB  1 
ATOM   239  C  CG  . PHE A 1 32 ? 7.163   0.615   -1.252  1.00 15.10 ? 29  PHE A CG  1 
ATOM   240  C  CD1 . PHE A 1 32 ? 5.877   0.087   -1.262  1.00 17.64 ? 29  PHE A CD1 1 
ATOM   241  C  CD2 . PHE A 1 32 ? 7.336   1.965   -0.943  1.00 19.22 ? 29  PHE A CD2 1 
ATOM   242  C  CE1 . PHE A 1 32 ? 4.778   0.876   -0.963  1.00 17.78 ? 29  PHE A CE1 1 
ATOM   243  C  CE2 . PHE A 1 32 ? 6.232   2.777   -0.612  1.00 17.15 ? 29  PHE A CE2 1 
ATOM   244  C  CZ  . PHE A 1 32 ? 4.964   2.241   -0.628  1.00 17.63 ? 29  PHE A CZ  1 
ATOM   245  N  N   . VAL A 1 33 ? 7.415   -1.745  1.380   1.00 15.71 ? 30  VAL A N   1 
ATOM   246  C  CA  . VAL A 1 33 ? 6.687   -2.784  2.097   1.00 14.81 ? 30  VAL A CA  1 
ATOM   247  C  C   . VAL A 1 33 ? 5.200   -2.494  1.979   1.00 14.73 ? 30  VAL A C   1 
ATOM   248  O  O   . VAL A 1 33 ? 4.792   -1.328  2.058   1.00 14.13 ? 30  VAL A O   1 
ATOM   249  C  CB  . VAL A 1 33 ? 7.067   -2.835  3.604   1.00 16.03 ? 30  VAL A CB  1 
ATOM   250  C  CG1 . VAL A 1 33 ? 6.237   -3.853  4.350   1.00 17.93 ? 30  VAL A CG1 1 
ATOM   251  C  CG2 . VAL A 1 33 ? 8.592   -3.134  3.788   1.00 18.26 ? 30  VAL A CG2 1 
ATOM   252  N  N   . ILE A 1 34 ? 4.412   -3.555  1.764   1.00 14.07 ? 31  ILE A N   1 
ATOM   253  C  CA  . ILE A 1 34 ? 2.952   -3.441  1.775   1.00 14.28 ? 31  ILE A CA  1 
ATOM   254  C  C   . ILE A 1 34 ? 2.455   -4.488  2.753   1.00 13.92 ? 31  ILE A C   1 
ATOM   255  O  O   . ILE A 1 34 ? 2.815   -5.670  2.665   1.00 14.33 ? 31  ILE A O   1 
ATOM   256  C  CB  . ILE A 1 34 ? 2.322   -3.659  0.383   1.00 13.87 ? 31  ILE A CB  1 
ATOM   257  C  CG1 . ILE A 1 34 ? 2.922   -2.682  -0.635  1.00 16.19 ? 31  ILE A CG1 1 
ATOM   258  C  CG2 . ILE A 1 34 ? 0.787   -3.446  0.439   1.00 14.84 ? 31  ILE A CG2 1 
ATOM   259  C  CD1 . ILE A 1 34 ? 3.847   -3.359  -1.554  1.00 22.85 ? 31  ILE A CD1 1 
ATOM   260  N  N   . HIS A 1 35 ? 1.636   -4.047  3.688   1.00 14.10 ? 32  HIS A N   1 
ATOM   261  C  CA  . HIS A 1 35 ? 1.118   -4.919  4.743   1.00 15.06 ? 32  HIS A CA  1 
ATOM   262  C  C   . HIS A 1 35 ? -0.337  -5.278  4.452   1.00 16.43 ? 32  HIS A C   1 
ATOM   263  O  O   . HIS A 1 35 ? -0.987  -4.660  3.603   1.00 16.48 ? 32  HIS A O   1 
ATOM   264  C  CB  . HIS A 1 35 ? 1.135   -4.181  6.072   1.00 15.90 ? 32  HIS A CB  1 
ATOM   265  C  CG  . HIS A 1 35 ? 2.509   -3.879  6.582   1.00 17.35 ? 32  HIS A CG  1 
ATOM   266  N  ND1 . HIS A 1 35 ? 3.386   -4.870  6.978   1.00 17.93 ? 32  HIS A ND1 1 
ATOM   267  C  CD2 . HIS A 1 35 ? 3.153   -2.703  6.772   1.00 18.41 ? 32  HIS A CD2 1 
ATOM   268  C  CE1 . HIS A 1 35 ? 4.518   -4.313  7.382   1.00 20.58 ? 32  HIS A CE1 1 
ATOM   269  N  NE2 . HIS A 1 35 ? 4.405   -3.001  7.263   1.00 19.83 ? 32  HIS A NE2 1 
ATOM   270  N  N   . ASP A 1 36 ? -0.803  -6.300  5.159   1.00 15.66 ? 33  ASP A N   1 
ATOM   271  C  CA  . ASP A 1 36 ? -2.215  -6.671  5.199   1.00 17.31 ? 33  ASP A CA  1 
ATOM   272  C  C   . ASP A 1 36 ? -2.785  -7.174  3.867   1.00 16.48 ? 33  ASP A C   1 
ATOM   273  O  O   . ASP A 1 36 ? -4.003  -7.073  3.620   1.00 16.12 ? 33  ASP A O   1 
ATOM   274  C  CB  . ASP A 1 36 ? -3.061  -5.517  5.758   1.00 18.79 ? 33  ASP A CB  1 
ATOM   275  C  CG  . ASP A 1 36 ? -2.756  -5.214  7.234   1.00 22.95 ? 33  ASP A CG  1 
ATOM   276  O  OD1 . ASP A 1 36 ? -2.322  -6.107  7.990   1.00 25.60 ? 33  ASP A OD1 1 
ATOM   277  O  OD2 . ASP A 1 36 ? -2.975  -4.058  7.632   1.00 31.06 ? 33  ASP A OD2 1 
ATOM   278  N  N   . LEU A 1 37 ? -1.935  -7.756  3.021   1.00 14.49 ? 34  LEU A N   1 
ATOM   279  C  CA  . LEU A 1 37 ? -2.467  -8.626  1.982   1.00 14.90 ? 34  LEU A CA  1 
ATOM   280  C  C   . LEU A 1 37 ? -3.117  -9.827  2.695   1.00 15.92 ? 34  LEU A C   1 
ATOM   281  O  O   . LEU A 1 37 ? -2.751  -10.146 3.831   1.00 15.70 ? 34  LEU A O   1 
ATOM   282  C  CB  . LEU A 1 37 ? -1.392  -9.065  0.994   1.00 15.72 ? 34  LEU A CB  1 
ATOM   283  C  CG  . LEU A 1 37 ? -0.845  -8.031  0.003   1.00 16.06 ? 34  LEU A CG  1 
ATOM   284  C  CD1 . LEU A 1 37 ? 0.102   -7.056  0.736   1.00 16.61 ? 34  LEU A CD1 1 
ATOM   285  C  CD2 . LEU A 1 37 ? -0.072  -8.716  -1.113  1.00 16.16 ? 34  LEU A CD2 1 
ATOM   286  N  N   . ARG A 1 38 ? -4.049  -10.494 2.019   1.00 15.89 ? 35  ARG A N   1 
ATOM   287  C  CA  . ARG A 1 38 ? -4.841  -11.572 2.645   1.00 16.30 ? 35  ARG A CA  1 
ATOM   288  C  C   . ARG A 1 38 ? -4.963  -12.739 1.666   1.00 15.74 ? 35  ARG A C   1 
ATOM   289  O  O   . ARG A 1 38 ? -5.275  -12.547 0.488   1.00 16.78 ? 35  ARG A O   1 
ATOM   290  C  CB  . ARG A 1 38 ? -6.233  -11.063 3.075   1.00 16.07 ? 35  ARG A CB  1 
ATOM   291  C  CG  . ARG A 1 38 ? -6.189  -9.978  4.208   1.00 17.13 ? 35  ARG A CG  1 
ATOM   292  C  CD  . ARG A 1 38 ? -7.548  -9.221  4.370   1.00 17.19 ? 35  ARG A CD  1 
ATOM   293  N  NE  . ARG A 1 38 ? -7.745  -8.458  3.156   1.00 17.76 ? 35  ARG A NE  1 
ATOM   294  C  CZ  . ARG A 1 38 ? -8.724  -8.609  2.274   1.00 17.08 ? 35  ARG A CZ  1 
ATOM   295  N  NH1 . ARG A 1 38 ? -8.715  -7.840  1.193   1.00 13.43 ? 35  ARG A NH1 1 
ATOM   296  N  NH2 . ARG A 1 38 ? -9.732  -9.479  2.500   1.00 16.01 ? 35  ARG A NH2 1 
ATOM   297  N  N   . VAL A 1 39 ? -4.627  -13.953 2.113   1.00 16.03 ? 36  VAL A N   1 
ATOM   298  C  CA  . VAL A 1 39 ? -4.888  -15.123 1.279   1.00 16.52 ? 36  VAL A CA  1 
ATOM   299  C  C   . VAL A 1 39 ? -6.338  -15.522 1.564   1.00 16.30 ? 36  VAL A C   1 
ATOM   300  O  O   . VAL A 1 39 ? -6.713  -15.754 2.706   1.00 16.86 ? 36  VAL A O   1 
ATOM   301  C  CB  . VAL A 1 39 ? -3.928  -16.306 1.579   1.00 16.77 ? 36  VAL A CB  1 
ATOM   302  C  CG1 . VAL A 1 39 ? -4.349  -17.547 0.752   1.00 18.63 ? 36  VAL A CG1 1 
ATOM   303  C  CG2 . VAL A 1 39 ? -2.486  -15.899 1.256   1.00 19.44 ? 36  VAL A CG2 1 
ATOM   304  N  N   . ILE A 1 40 ? -7.112  -15.593 0.497   1.00 17.60 ? 37  ILE A N   1 
ATOM   305  C  CA  . ILE A 1 40 ? -8.543  -15.815 0.544   1.00 19.43 ? 37  ILE A CA  1 
ATOM   306  C  C   . ILE A 1 40 ? -8.928  -17.074 -0.222  1.00 20.15 ? 37  ILE A C   1 
ATOM   307  O  O   . ILE A 1 40 ? -8.470  -17.292 -1.328  1.00 19.22 ? 37  ILE A O   1 
ATOM   308  C  CB  . ILE A 1 40 ? -9.254  -14.600 -0.150  1.00 19.76 ? 37  ILE A CB  1 
ATOM   309  C  CG1 . ILE A 1 40 ? -8.960  -13.296 0.607   1.00 20.00 ? 37  ILE A CG1 1 
ATOM   310  C  CG2 . ILE A 1 40 ? -10.759 -14.856 -0.275  1.00 21.33 ? 37  ILE A CG2 1 
ATOM   311  C  CD1 . ILE A 1 40 ? -9.297  -13.317 2.079   1.00 19.47 ? 37  ILE A CD1 1 
ATOM   312  N  N   . GLU A 1 41 ? -9.811  -17.870 0.372   1.00 22.43 ? 38  GLU A N   1 
ATOM   313  C  CA  . GLU A 1 41 ? -10.440 -18.973 -0.325  1.00 25.39 ? 38  GLU A CA  1 
ATOM   314  C  C   . GLU A 1 41 ? -11.598 -18.456 -1.175  1.00 25.93 ? 38  GLU A C   1 
ATOM   315  O  O   . GLU A 1 41 ? -12.654 -18.087 -0.654  1.00 27.86 ? 38  GLU A O   1 
ATOM   316  C  CB  . GLU A 1 41 ? -10.942 -19.968 0.707   1.00 26.37 ? 38  GLU A CB  1 
ATOM   317  C  CG  . GLU A 1 41 ? -11.528 -21.231 0.149   1.00 31.47 ? 38  GLU A CG  1 
ATOM   318  C  CD  . GLU A 1 41 ? -11.954 -22.125 1.280   1.00 37.78 ? 38  GLU A CD  1 
ATOM   319  O  OE1 . GLU A 1 41 ? -11.403 -23.232 1.386   1.00 42.24 ? 38  GLU A OE1 1 
ATOM   320  O  OE2 . GLU A 1 41 ? -12.790 -21.688 2.100   1.00 41.08 ? 38  GLU A OE2 1 
ATOM   321  N  N   . GLY A 1 42 ? -11.377 -18.389 -2.476  1.00 26.68 ? 39  GLY A N   1 
ATOM   322  C  CA  . GLY A 1 42 ? -12.420 -17.994 -3.425  1.00 27.81 ? 39  GLY A CA  1 
ATOM   323  C  C   . GLY A 1 42 ? -13.084 -19.236 -3.982  1.00 28.73 ? 39  GLY A C   1 
ATOM   324  O  O   . GLY A 1 42 ? -12.643 -20.355 -3.713  1.00 27.69 ? 39  GLY A O   1 
ATOM   325  N  N   . ASN A 1 43 ? -14.120 -19.051 -4.789  1.00 28.90 ? 40  ASN A N   1 
ATOM   326  C  CA  . ASN A 1 43 ? -14.858 -20.206 -5.305  1.00 30.51 ? 40  ASN A CA  1 
ATOM   327  C  C   . ASN A 1 43 ? -14.011 -21.142 -6.173  1.00 30.82 ? 40  ASN A C   1 
ATOM   328  O  O   . ASN A 1 43 ? -14.268 -22.348 -6.248  1.00 31.43 ? 40  ASN A O   1 
ATOM   329  C  CB  . ASN A 1 43 ? -16.080 -19.738 -6.086  1.00 30.54 ? 40  ASN A CB  1 
ATOM   330  C  CG  . ASN A 1 43 ? -16.974 -20.886 -6.484  1.00 31.42 ? 40  ASN A CG  1 
ATOM   331  O  OD1 . ASN A 1 43 ? -17.441 -21.644 -5.632  1.00 32.82 ? 40  ASN A OD1 1 
ATOM   332  N  ND2 . ASN A 1 43 ? -17.215 -21.018 -7.772  1.00 32.80 ? 40  ASN A ND2 1 
ATOM   333  N  N   . SER A 1 44 ? -13.005 -20.574 -6.818  1.00 31.56 ? 41  SER A N   1 
ATOM   334  C  CA  . SER A 1 44 ? -12.158 -21.286 -7.763  1.00 32.90 ? 41  SER A CA  1 
ATOM   335  C  C   . SER A 1 44 ? -10.762 -21.585 -7.209  1.00 32.19 ? 41  SER A C   1 
ATOM   336  O  O   . SER A 1 44 ? -9.853  -21.954 -7.961  1.00 32.99 ? 41  SER A O   1 
ATOM   337  C  CB  . SER A 1 44 ? -12.038 -20.461 -9.031  1.00 33.01 ? 41  SER A CB  1 
ATOM   338  O  OG  . SER A 1 44 ? -13.239 -20.554 -9.763  1.00 37.84 ? 41  SER A OG  1 
ATOM   339  N  N   . GLY A 1 45 ? -10.603 -21.427 -5.899  1.00 30.94 ? 42  GLY A N   1 
ATOM   340  C  CA  . GLY A 1 45 ? -9.321  -21.691 -5.245  1.00 28.95 ? 42  GLY A CA  1 
ATOM   341  C  C   . GLY A 1 45 ? -8.775  -20.479 -4.502  1.00 27.81 ? 42  GLY A C   1 
ATOM   342  O  O   . GLY A 1 45 ? -9.382  -19.412 -4.498  1.00 27.19 ? 42  GLY A O   1 
ATOM   343  N  N   . LEU A 1 46 ? -7.632  -20.664 -3.856  1.00 25.46 ? 43  LEU A N   1 
ATOM   344  C  CA  . LEU A 1 46 ? -6.997  -19.608 -3.056  1.00 23.32 ? 43  LEU A CA  1 
ATOM   345  C  C   . LEU A 1 46 ? -6.422  -18.531 -3.937  1.00 21.65 ? 43  LEU A C   1 
ATOM   346  O  O   . LEU A 1 46 ? -5.936  -18.801 -5.025  1.00 21.65 ? 43  LEU A O   1 
ATOM   347  C  CB  . LEU A 1 46 ? -5.898  -20.205 -2.158  1.00 23.76 ? 43  LEU A CB  1 
ATOM   348  C  CG  . LEU A 1 46 ? -6.398  -21.106 -1.010  1.00 24.37 ? 43  LEU A CG  1 
ATOM   349  C  CD1 . LEU A 1 46 ? -5.258  -21.641 -0.185  1.00 27.09 ? 43  LEU A CD1 1 
ATOM   350  C  CD2 . LEU A 1 46 ? -7.381  -20.446 -0.087  1.00 25.69 ? 43  LEU A CD2 1 
ATOM   351  N  N   . PHE A 1 47 ? -6.489  -17.284 -3.465  1.00 19.30 ? 44  PHE A N   1 
ATOM   352  C  CA  . PHE A 1 47 ? -5.854  -16.202 -4.177  1.00 17.64 ? 44  PHE A CA  1 
ATOM   353  C  C   . PHE A 1 47 ? -5.440  -15.154 -3.157  1.00 16.25 ? 44  PHE A C   1 
ATOM   354  O  O   . PHE A 1 47 ? -5.782  -15.261 -1.967  1.00 16.91 ? 44  PHE A O   1 
ATOM   355  C  CB  . PHE A 1 47 ? -6.754  -15.589 -5.261  1.00 18.59 ? 44  PHE A CB  1 
ATOM   356  C  CG  . PHE A 1 47 ? -7.933  -14.815 -4.727  1.00 17.41 ? 44  PHE A CG  1 
ATOM   357  C  CD1 . PHE A 1 47 ? -9.111  -15.472 -4.372  1.00 18.37 ? 44  PHE A CD1 1 
ATOM   358  C  CD2 . PHE A 1 47 ? -7.883  -13.413 -4.631  1.00 16.36 ? 44  PHE A CD2 1 
ATOM   359  C  CE1 . PHE A 1 47 ? -10.220 -14.763 -3.883  1.00 18.07 ? 44  PHE A CE1 1 
ATOM   360  C  CE2 . PHE A 1 47 ? -9.004  -12.694 -4.126  1.00 18.72 ? 44  PHE A CE2 1 
ATOM   361  C  CZ  . PHE A 1 47 ? -10.160 -13.361 -3.765  1.00 19.57 ? 44  PHE A CZ  1 
ATOM   362  N  N   . VAL A 1 48 ? -4.696  -14.165 -3.625  1.00 16.11 ? 45  VAL A N   1 
ATOM   363  C  CA  . VAL A 1 48 ? -4.201  -13.121 -2.712  1.00 15.49 ? 45  VAL A CA  1 
ATOM   364  C  C   . VAL A 1 48 ? -4.951  -11.812 -2.974  1.00 15.05 ? 45  VAL A C   1 
ATOM   365  O  O   . VAL A 1 48 ? -4.904  -11.257 -4.097  1.00 16.02 ? 45  VAL A O   1 
ATOM   366  C  CB  . VAL A 1 48 ? -2.663  -12.896 -2.888  1.00 15.55 ? 45  VAL A CB  1 
ATOM   367  C  CG1 . VAL A 1 48 ? -2.141  -11.916 -1.796  1.00 14.70 ? 45  VAL A CG1 1 
ATOM   368  C  CG2 . VAL A 1 48 ? -1.904  -14.260 -2.880  1.00 18.07 ? 45  VAL A CG2 1 
ATOM   369  N  N   . ALA A 1 49 ? -5.643  -11.344 -1.929  1.00 14.96 ? 46  ALA A N   1 
ATOM   370  C  CA  . ALA A 1 49 ? -6.406  -10.081 -1.970  1.00 15.09 ? 46  ALA A CA  1 
ATOM   371  C  C   . ALA A 1 49 ? -5.520  -8.958  -1.405  1.00 15.27 ? 46  ALA A C   1 
ATOM   372  O  O   . ALA A 1 49 ? -4.542  -9.190  -0.691  1.00 15.98 ? 46  ALA A O   1 
ATOM   373  C  CB  . ALA A 1 49 ? -7.719  -10.211 -1.145  1.00 13.75 ? 46  ALA A CB  1 
HETATM 374  N  N   . MSE A 1 50 ? -5.895  -7.719  -1.697  1.00 15.35 ? 47  MSE A N   1 
HETATM 375  C  CA  . MSE A 1 50 ? -5.047  -6.570  -1.392  1.00 14.95 ? 47  MSE A CA  1 
HETATM 376  C  C   . MSE A 1 50 ? -5.420  -5.969  -0.040  1.00 14.90 ? 47  MSE A C   1 
HETATM 377  O  O   . MSE A 1 50 ? -6.487  -6.256  0.527   1.00 14.71 ? 47  MSE A O   1 
HETATM 378  C  CB  . MSE A 1 50 ? -5.217  -5.516  -2.514  1.00 14.90 ? 47  MSE A CB  1 
HETATM 379  C  CG  . MSE A 1 50 ? -4.635  -5.961  -3.865  1.00 16.70 ? 47  MSE A CG  1 
HETATM 380  SE SE  . MSE A 1 50 ? -2.719  -6.265  -3.793  0.70 24.17 ? 47  MSE A SE  1 
HETATM 381  C  CE  . MSE A 1 50 ? -2.748  -8.211  -3.882  1.00 19.31 ? 47  MSE A CE  1 
ATOM   382  N  N   . PRO A 1 51 ? -4.533  -5.136  0.510   1.00 14.29 ? 48  PRO A N   1 
ATOM   383  C  CA  . PRO A 1 51 ? -4.854  -4.460  1.758   1.00 14.95 ? 48  PRO A CA  1 
ATOM   384  C  C   . PRO A 1 51 ? -6.163  -3.680  1.578   1.00 15.33 ? 48  PRO A C   1 
ATOM   385  O  O   . PRO A 1 51 ? -6.327  -2.969  0.595   1.00 16.24 ? 48  PRO A O   1 
ATOM   386  C  CB  . PRO A 1 51 ? -3.688  -3.469  1.981   1.00 14.81 ? 48  PRO A CB  1 
ATOM   387  C  CG  . PRO A 1 51 ? -2.843  -3.562  0.818   1.00 15.67 ? 48  PRO A CG  1 
ATOM   388  C  CD  . PRO A 1 51 ? -3.196  -4.779  -0.010  1.00 14.08 ? 48  PRO A CD  1 
ATOM   389  N  N   . SER A 1 52 ? -7.079  -3.858  2.528   1.00 15.38 ? 49  SER A N   1 
ATOM   390  C  CA  . SER A 1 52 ? -8.446  -3.351  2.408   1.00 15.85 ? 49  SER A CA  1 
ATOM   391  C  C   . SER A 1 52 ? -8.835  -2.671  3.709   1.00 16.44 ? 49  SER A C   1 
ATOM   392  O  O   . SER A 1 52 ? -8.975  -3.339  4.730   1.00 18.77 ? 49  SER A O   1 
ATOM   393  C  CB  . SER A 1 52 ? -9.351  -4.579  2.109   1.00 16.53 ? 49  SER A CB  1 
ATOM   394  O  OG  . SER A 1 52 ? -10.739 -4.268  2.130   1.00 18.40 ? 49  SER A OG  1 
ATOM   395  N  N   . LYS A 1 53 ? -8.989  -1.349  3.675   1.00 14.88 ? 50  LYS A N   1 
ATOM   396  C  CA  . LYS A 1 53 ? -9.239  -0.545  4.854   1.00 15.47 ? 50  LYS A CA  1 
ATOM   397  C  C   . LYS A 1 53 ? -10.715 -0.220  4.972   1.00 15.60 ? 50  LYS A C   1 
ATOM   398  O  O   . LYS A 1 53 ? -11.321 0.335   4.041   1.00 14.21 ? 50  LYS A O   1 
ATOM   399  C  CB  . LYS A 1 53 ? -8.443  0.767   4.759   1.00 15.07 ? 50  LYS A CB  1 
ATOM   400  C  CG  . LYS A 1 53 ? -8.561  1.604   6.014   1.00 17.45 ? 50  LYS A CG  1 
ATOM   401  C  CD  . LYS A 1 53 ? -7.723  2.852   5.958   1.00 16.67 ? 50  LYS A CD  1 
ATOM   402  C  CE  . LYS A 1 53 ? -7.951  3.656   7.207   1.00 21.36 ? 50  LYS A CE  1 
ATOM   403  N  NZ  . LYS A 1 53 ? -7.273  4.998   7.116   1.00 19.21 ? 50  LYS A NZ  1 
ATOM   404  N  N   . ARG A 1 54 ? -11.298 -0.575  6.113   1.00 16.82 ? 51  ARG A N   1 
ATOM   405  C  CA  . ARG A 1 54 ? -12.719 -0.249  6.376   1.00 18.67 ? 51  ARG A CA  1 
ATOM   406  C  C   . ARG A 1 54 ? -12.932 1.262   6.457   1.00 18.81 ? 51  ARG A C   1 
ATOM   407  O  O   . ARG A 1 54 ? -12.132 1.986   7.095   1.00 18.69 ? 51  ARG A O   1 
ATOM   408  C  CB  . ARG A 1 54 ? -13.183 -0.903  7.678   1.00 19.81 ? 51  ARG A CB  1 
ATOM   409  C  CG  . ARG A 1 54 ? -14.716 -0.989  7.816   1.00 25.88 ? 51  ARG A CG  1 
ATOM   410  C  CD  . ARG A 1 54 ? -15.091 -2.013  8.902   1.00 33.67 ? 51  ARG A CD  1 
ATOM   411  N  NE  . ARG A 1 54 ? -16.461 -2.510  8.734   1.00 38.46 ? 51  ARG A NE  1 
ATOM   412  C  CZ  . ARG A 1 54 ? -17.521 -1.971  9.329   1.00 41.91 ? 51  ARG A CZ  1 
ATOM   413  N  NH1 . ARG A 1 54 ? -17.372 -0.911  10.124  1.00 43.52 ? 51  ARG A NH1 1 
ATOM   414  N  NH2 . ARG A 1 54 ? -18.732 -2.483  9.126   1.00 43.56 ? 51  ARG A NH2 1 
ATOM   415  N  N   . THR A 1 55 ? -14.022 1.731   5.861   1.00 18.30 ? 52  THR A N   1 
ATOM   416  C  CA  . THR A 1 55 ? -14.377 3.146   5.934   1.00 20.01 ? 52  THR A CA  1 
ATOM   417  C  C   . THR A 1 55 ? -15.311 3.361   7.119   1.00 22.12 ? 52  THR A C   1 
ATOM   418  O  O   . THR A 1 55 ? -15.885 2.404   7.612   1.00 22.95 ? 52  THR A O   1 
ATOM   419  C  CB  . THR A 1 55 ? -15.127 3.666   4.679   1.00 19.13 ? 52  THR A CB  1 
ATOM   420  O  OG1 . THR A 1 55 ? -16.424 3.054   4.606   1.00 19.66 ? 52  THR A OG1 1 
ATOM   421  C  CG2 . THR A 1 55 ? -14.354 3.386   3.391   1.00 19.24 ? 52  THR A CG2 1 
ATOM   422  N  N   . PRO A 1 56 ? -15.451 4.615   7.577   1.00 24.42 ? 53  PRO A N   1 
ATOM   423  C  CA  . PRO A 1 56 ? -16.333 4.840   8.729   1.00 26.68 ? 53  PRO A CA  1 
ATOM   424  C  C   . PRO A 1 56 ? -17.801 4.654   8.428   1.00 27.31 ? 53  PRO A C   1 
ATOM   425  O  O   . PRO A 1 56 ? -18.613 4.776   9.347   1.00 30.30 ? 53  PRO A O   1 
ATOM   426  C  CB  . PRO A 1 56 ? -16.045 6.302   9.118   1.00 25.90 ? 53  PRO A CB  1 
ATOM   427  C  CG  . PRO A 1 56 ? -15.565 6.931   7.929   1.00 27.27 ? 53  PRO A CG  1 
ATOM   428  C  CD  . PRO A 1 56 ? -14.784 5.857   7.162   1.00 25.19 ? 53  PRO A CD  1 
ATOM   429  N  N   . ASP A 1 57 ? -18.139 4.349   7.174   1.00 29.20 ? 54  ASP A N   1 
ATOM   430  C  CA  . ASP A 1 57 ? -19.515 4.098   6.741   1.00 29.90 ? 54  ASP A CA  1 
ATOM   431  C  C   . ASP A 1 57 ? -19.747 2.662   6.283   1.00 28.63 ? 54  ASP A C   1 
ATOM   432  O  O   . ASP A 1 57 ? -20.684 2.398   5.533   1.00 29.33 ? 54  ASP A O   1 
ATOM   433  C  CB  . ASP A 1 57 ? -19.896 5.048   5.595   1.00 31.20 ? 54  ASP A CB  1 
ATOM   434  C  CG  . ASP A 1 57 ? -21.303 5.642   5.748   1.00 36.54 ? 54  ASP A CG  1 
ATOM   435  O  OD1 . ASP A 1 57 ? -21.700 6.439   4.866   1.00 41.94 ? 54  ASP A OD1 1 
ATOM   436  O  OD2 . ASP A 1 57 ? -22.010 5.331   6.745   1.00 40.70 ? 54  ASP A OD2 1 
ATOM   437  N  N   . GLY A 1 58 ? -18.891 1.740   6.714   1.00 26.49 ? 55  GLY A N   1 
ATOM   438  C  CA  . GLY A 1 58 ? -19.143 0.323   6.501   1.00 25.36 ? 55  GLY A CA  1 
ATOM   439  C  C   . GLY A 1 58 ? -18.688 -0.231  5.162   1.00 24.15 ? 55  GLY A C   1 
ATOM   440  O  O   . GLY A 1 58 ? -19.025 -1.367  4.809   1.00 25.64 ? 55  GLY A O   1 
ATOM   441  N  N   . GLU A 1 59 ? -17.941 0.552   4.391   1.00 21.42 ? 56  GLU A N   1 
ATOM   442  C  CA  . GLU A 1 59 ? -17.452 0.029   3.112   1.00 19.25 ? 56  GLU A CA  1 
ATOM   443  C  C   . GLU A 1 59 ? -15.957 -0.233  3.261   1.00 16.72 ? 56  GLU A C   1 
ATOM   444  O  O   . GLU A 1 59 ? -15.425 -0.138  4.358   1.00 14.84 ? 56  GLU A O   1 
ATOM   445  C  CB  . GLU A 1 59 ? -17.667 0.994   1.957   1.00 21.31 ? 56  GLU A CB  1 
ATOM   446  C  CG  . GLU A 1 59 ? -19.025 1.640   1.886   1.00 25.34 ? 56  GLU A CG  1 
ATOM   447  C  CD  . GLU A 1 59 ? -19.171 2.406   0.590   1.00 30.65 ? 56  GLU A CD  1 
ATOM   448  O  OE1 . GLU A 1 59 ? -18.306 3.277   0.250   1.00 29.09 ? 56  GLU A OE1 1 
ATOM   449  O  OE2 . GLU A 1 59 ? -20.148 2.090   -0.098  1.00 35.77 ? 56  GLU A OE2 1 
ATOM   450  N  N   . PHE A 1 60 ? -15.301 -0.539  2.149   1.00 14.40 ? 57  PHE A N   1 
ATOM   451  C  CA  . PHE A 1 60 ? -13.866 -0.886  2.163   1.00 14.64 ? 57  PHE A CA  1 
ATOM   452  C  C   . PHE A 1 60 ? -13.173 -0.180  1.034   1.00 14.32 ? 57  PHE A C   1 
ATOM   453  O  O   . PHE A 1 60 ? -13.801 0.091   -0.003  1.00 13.90 ? 57  PHE A O   1 
ATOM   454  C  CB  . PHE A 1 60 ? -13.696 -2.391  1.996   1.00 14.86 ? 57  PHE A CB  1 
ATOM   455  C  CG  . PHE A 1 60 ? -14.278 -3.161  3.141   1.00 15.39 ? 57  PHE A CG  1 
ATOM   456  C  CD1 . PHE A 1 60 ? -15.636 -3.498  3.137   1.00 16.05 ? 57  PHE A CD1 1 
ATOM   457  C  CD2 . PHE A 1 60 ? -13.510 -3.447  4.271   1.00 17.30 ? 57  PHE A CD2 1 
ATOM   458  C  CE1 . PHE A 1 60 ? -16.229 -4.179  4.247   1.00 16.41 ? 57  PHE A CE1 1 
ATOM   459  C  CE2 . PHE A 1 60 ? -14.082 -4.134  5.383   1.00 18.25 ? 57  PHE A CE2 1 
ATOM   460  C  CZ  . PHE A 1 60 ? -15.440 -4.493  5.364   1.00 16.31 ? 57  PHE A CZ  1 
ATOM   461  N  N   . ARG A 1 61 ? -11.898 0.154   1.247   1.00 13.28 ? 58  ARG A N   1 
ATOM   462  C  CA  . ARG A 1 61 ? -11.079 0.730   0.168   1.00 13.92 ? 58  ARG A CA  1 
ATOM   463  C  C   . ARG A 1 61 ? -9.839  -0.144  0.019   1.00 13.38 ? 58  ARG A C   1 
ATOM   464  O  O   . ARG A 1 61 ? -9.127  -0.365  1.007   1.00 13.07 ? 58  ARG A O   1 
ATOM   465  C  CB  . ARG A 1 61 ? -10.656 2.165   0.501   1.00 14.61 ? 58  ARG A CB  1 
ATOM   466  C  CG  . ARG A 1 61 ? -11.862 3.111   0.609   1.00 14.52 ? 58  ARG A CG  1 
ATOM   467  C  CD  . ARG A 1 61 ? -12.429 3.399   -0.763  1.00 18.32 ? 58  ARG A CD  1 
ATOM   468  N  NE  . ARG A 1 61 ? -13.508 4.392   -0.707  1.00 17.86 ? 58  ARG A NE  1 
ATOM   469  C  CZ  . ARG A 1 61 ? -14.789 4.094   -0.508  1.00 20.84 ? 58  ARG A CZ  1 
ATOM   470  N  NH1 . ARG A 1 61 ? -15.188 2.833   -0.347  1.00 19.58 ? 58  ARG A NH1 1 
ATOM   471  N  NH2 . ARG A 1 61 ? -15.694 5.066   -0.516  1.00 25.54 ? 58  ARG A NH2 1 
ATOM   472  N  N   . ASP A 1 62 ? -9.593  -0.627  -1.195  1.00 13.66 ? 59  ASP A N   1 
ATOM   473  C  CA  . ASP A 1 62 ? -8.355  -1.380  -1.491  1.00 14.96 ? 59  ASP A CA  1 
ATOM   474  C  C   . ASP A 1 62 ? -7.258  -0.335  -1.664  1.00 15.09 ? 59  ASP A C   1 
ATOM   475  O  O   . ASP A 1 62 ? -7.352  0.538   -2.527  1.00 15.62 ? 59  ASP A O   1 
ATOM   476  C  CB  . ASP A 1 62 ? -8.501  -2.196  -2.781  1.00 15.18 ? 59  ASP A CB  1 
ATOM   477  C  CG  . ASP A 1 62 ? -9.268  -3.512  -2.561  1.00 16.86 ? 59  ASP A CG  1 
ATOM   478  O  OD1 . ASP A 1 62 ? -10.073 -3.574  -1.600  1.00 17.84 ? 59  ASP A OD1 1 
ATOM   479  O  OD2 . ASP A 1 62 ? -9.026  -4.468  -3.331  1.00 18.22 ? 59  ASP A OD2 1 
ATOM   480  N  N   . ILE A 1 63 ? -6.231  -0.442  -0.830  1.00 14.34 ? 60  ILE A N   1 
ATOM   481  C  CA  . ILE A 1 63 ? -5.185  0.571   -0.684  1.00 15.20 ? 60  ILE A CA  1 
ATOM   482  C  C   . ILE A 1 63 ? -4.058  0.471   -1.725  1.00 15.98 ? 60  ILE A C   1 
ATOM   483  O  O   . ILE A 1 63 ? -3.363  1.462   -1.991  1.00 16.55 ? 60  ILE A O   1 
ATOM   484  C  CB  . ILE A 1 63 ? -4.585  0.463   0.790   1.00 14.73 ? 60  ILE A CB  1 
ATOM   485  C  CG1 . ILE A 1 63 ? -5.651  0.846   1.835   1.00 17.37 ? 60  ILE A CG1 1 
ATOM   486  C  CG2 . ILE A 1 63 ? -3.288  1.265   0.953   1.00 18.31 ? 60  ILE A CG2 1 
ATOM   487  C  CD1 . ILE A 1 63 ? -6.356  2.176   1.536   1.00 17.19 ? 60  ILE A CD1 1 
ATOM   488  N  N   . ALA A 1 64 ? -3.851  -0.710  -2.298  1.00 14.70 ? 61  ALA A N   1 
ATOM   489  C  CA  . ALA A 1 64 ? -2.718  -0.907  -3.217  1.00 14.06 ? 61  ALA A CA  1 
ATOM   490  C  C   . ALA A 1 64 ? -3.090  -1.986  -4.183  1.00 15.46 ? 61  ALA A C   1 
ATOM   491  O  O   . ALA A 1 64 ? -3.666  -2.990  -3.757  1.00 16.20 ? 61  ALA A O   1 
ATOM   492  C  CB  . ALA A 1 64 ? -1.461  -1.332  -2.402  1.00 14.84 ? 61  ALA A CB  1 
ATOM   493  N  N   . HIS A 1 65 ? -2.768  -1.819  -5.471  1.00 15.20 ? 62  HIS A N   1 
ATOM   494  C  CA  . HIS A 1 65 ? -3.031  -2.899  -6.434  1.00 16.13 ? 62  HIS A CA  1 
ATOM   495  C  C   . HIS A 1 65 ? -1.964  -2.880  -7.518  1.00 15.70 ? 62  HIS A C   1 
ATOM   496  O  O   . HIS A 1 65 ? -1.443  -1.811  -7.861  1.00 16.62 ? 62  HIS A O   1 
ATOM   497  C  CB  . HIS A 1 65 ? -4.405  -2.716  -7.117  1.00 16.63 ? 62  HIS A CB  1 
ATOM   498  C  CG  . HIS A 1 65 ? -5.540  -3.436  -6.434  1.00 18.09 ? 62  HIS A CG  1 
ATOM   499  N  ND1 . HIS A 1 65 ? -5.947  -4.707  -6.797  1.00 20.97 ? 62  HIS A ND1 1 
ATOM   500  C  CD2 . HIS A 1 65 ? -6.382  -3.042  -5.448  1.00 19.22 ? 62  HIS A CD2 1 
ATOM   501  C  CE1 . HIS A 1 65 ? -6.950  -5.086  -6.020  1.00 19.68 ? 62  HIS A CE1 1 
ATOM   502  N  NE2 . HIS A 1 65 ? -7.234  -4.091  -5.195  1.00 18.94 ? 62  HIS A NE2 1 
ATOM   503  N  N   . PRO A 1 66 ? -1.679  -4.050  -8.097  1.00 15.70 ? 63  PRO A N   1 
ATOM   504  C  CA  . PRO A 1 66 ? -0.840  -4.098  -9.302  1.00 16.42 ? 63  PRO A CA  1 
ATOM   505  C  C   . PRO A 1 66 ? -1.597  -3.457  -10.465 1.00 17.69 ? 63  PRO A C   1 
ATOM   506  O  O   . PRO A 1 66 ? -2.851  -3.476  -10.484 1.00 17.32 ? 63  PRO A O   1 
ATOM   507  C  CB  . PRO A 1 66 ? -0.676  -5.606  -9.547  1.00 16.82 ? 63  PRO A CB  1 
ATOM   508  C  CG  . PRO A 1 66 ? -1.931  -6.236  -8.953  1.00 15.10 ? 63  PRO A CG  1 
ATOM   509  C  CD  . PRO A 1 66 ? -2.213  -5.376  -7.712  1.00 15.68 ? 63  PRO A CD  1 
ATOM   510  N  N   . ILE A 1 67 ? -0.881  -2.863  -11.416 1.00 17.69 ? 64  ILE A N   1 
ATOM   511  C  CA  . ILE A 1 67 ? -1.552  -2.272  -12.582 1.00 19.52 ? 64  ILE A CA  1 
ATOM   512  C  C   . ILE A 1 67 ? -1.061  -2.857  -13.884 1.00 21.43 ? 64  ILE A C   1 
ATOM   513  O  O   . ILE A 1 67 ? -1.335  -2.311  -14.977 1.00 21.67 ? 64  ILE A O   1 
ATOM   514  C  CB  . ILE A 1 67 ? -1.495  -0.718  -12.632 1.00 19.34 ? 64  ILE A CB  1 
ATOM   515  C  CG1 . ILE A 1 67 ? -0.063  -0.182  -12.700 1.00 20.36 ? 64  ILE A CG1 1 
ATOM   516  C  CG2 . ILE A 1 67 ? -2.309  -0.131  -11.455 1.00 19.33 ? 64  ILE A CG2 1 
ATOM   517  C  CD1 . ILE A 1 67 ? -0.013  1.291   -13.155 1.00 20.76 ? 64  ILE A CD1 1 
ATOM   518  N  N   . ASN A 1 68 ? -0.314  -3.956  -13.780 1.00 21.85 ? 65  ASN A N   1 
ATOM   519  C  CA  . ASN A 1 68 ? -0.018  -4.734  -14.982 1.00 22.97 ? 65  ASN A CA  1 
ATOM   520  C  C   . ASN A 1 68 ? 0.000   -6.215  -14.693 1.00 23.29 ? 65  ASN A C   1 
ATOM   521  O  O   . ASN A 1 68 ? 0.022   -6.619  -13.527 1.00 21.72 ? 65  ASN A O   1 
ATOM   522  C  CB  . ASN A 1 68 ? 1.242   -4.243  -15.749 1.00 24.21 ? 65  ASN A CB  1 
ATOM   523  C  CG  . ASN A 1 68 ? 2.571   -4.512  -15.029 1.00 25.55 ? 65  ASN A CG  1 
ATOM   524  O  OD1 . ASN A 1 68 ? 2.824   -5.596  -14.515 1.00 27.31 ? 65  ASN A OD1 1 
ATOM   525  N  ND2 . ASN A 1 68 ? 3.459   -3.531  -15.072 1.00 28.52 ? 65  ASN A ND2 1 
ATOM   526  N  N   . SER A 1 69 ? -0.046  -7.014  -15.763 1.00 21.83 ? 66  SER A N   1 
ATOM   527  C  CA  . SER A 1 69 ? -0.215  -8.443  -15.606 1.00 22.69 ? 66  SER A CA  1 
ATOM   528  C  C   . SER A 1 69 ? 0.983   -9.097  -14.905 1.00 22.11 ? 66  SER A C   1 
ATOM   529  O  O   . SER A 1 69 ? 0.811   -10.020 -14.080 1.00 22.07 ? 66  SER A O   1 
ATOM   530  C  CB  . SER A 1 69 ? -0.458  -9.069  -16.990 1.00 23.30 ? 66  SER A CB  1 
ATOM   531  O  OG  . SER A 1 69 ? -0.711  -10.456 -16.841 1.00 27.96 ? 66  SER A OG  1 
ATOM   532  N  N   . ASP A 1 70 ? 2.189   -8.658  -15.264 1.00 21.37 ? 67  ASP A N   1 
ATOM   533  C  CA  . ASP A 1 70 ? 3.416   -9.253  -14.703 1.00 21.81 ? 67  ASP A CA  1 
ATOM   534  C  C   . ASP A 1 70 ? 3.452   -9.021  -13.196 1.00 21.02 ? 67  ASP A C   1 
ATOM   535  O  O   . ASP A 1 70 ? 3.701   -9.958  -12.430 1.00 19.84 ? 67  ASP A O   1 
ATOM   536  C  CB  . ASP A 1 70 ? 4.663   -8.667  -15.356 1.00 23.23 ? 67  ASP A CB  1 
ATOM   537  C  CG  . ASP A 1 70 ? 4.990   -9.323  -16.711 1.00 28.17 ? 67  ASP A CG  1 
ATOM   538  O  OD1 . ASP A 1 70 ? 4.198   -10.161 -17.197 1.00 32.10 ? 67  ASP A OD1 1 
ATOM   539  O  OD2 . ASP A 1 70 ? 6.056   -8.986  -17.286 1.00 34.35 ? 67  ASP A OD2 1 
HETATM 540  N  N   . MSE A 1 71 ? 3.165   -7.778  -12.791 1.00 19.65 ? 68  MSE A N   1 
HETATM 541  C  CA  . MSE A 1 71 ? 3.122   -7.426  -11.363 1.00 19.57 ? 68  MSE A CA  1 
HETATM 542  C  C   . MSE A 1 71 ? 2.030   -8.217  -10.639 1.00 17.83 ? 68  MSE A C   1 
HETATM 543  O  O   . MSE A 1 71 ? 2.246   -8.712  -9.542  1.00 17.17 ? 68  MSE A O   1 
HETATM 544  C  CB  . MSE A 1 71 ? 2.885   -5.921  -11.180 1.00 19.36 ? 68  MSE A CB  1 
HETATM 545  C  CG  . MSE A 1 71 ? 2.979   -5.470  -9.732  1.00 20.62 ? 68  MSE A CG  1 
HETATM 546  SE SE  . MSE A 1 71 ? 4.824   -5.382  -9.058  0.70 27.17 ? 68  MSE A SE  1 
HETATM 547  C  CE  . MSE A 1 71 ? 4.925   -7.085  -8.141  1.00 25.29 ? 68  MSE A CE  1 
ATOM   548  N  N   . ARG A 1 72 ? 0.845   -8.332  -11.251 1.00 17.88 ? 69  ARG A N   1 
ATOM   549  C  CA  . ARG A 1 72 ? -0.243  -9.074  -10.641 1.00 17.93 ? 69  ARG A CA  1 
ATOM   550  C  C   . ARG A 1 72 ? 0.170   -10.540 -10.410 1.00 18.30 ? 69  ARG A C   1 
ATOM   551  O  O   . ARG A 1 72 ? -0.020  -11.102 -9.334  1.00 18.26 ? 69  ARG A O   1 
ATOM   552  C  CB  . ARG A 1 72 ? -1.461  -9.044  -11.579 1.00 19.05 ? 69  ARG A CB  1 
ATOM   553  C  CG  . ARG A 1 72 ? -2.649  -9.878  -11.087 1.00 18.37 ? 69  ARG A CG  1 
ATOM   554  C  CD  . ARG A 1 72 ? -3.676  -10.081 -12.207 1.00 19.61 ? 69  ARG A CD  1 
ATOM   555  N  NE  . ARG A 1 72 ? -3.048  -10.687 -13.390 1.00 24.38 ? 69  ARG A NE  1 
ATOM   556  C  CZ  . ARG A 1 72 ? -2.590  -11.942 -13.463 1.00 26.91 ? 69  ARG A CZ  1 
ATOM   557  N  NH1 . ARG A 1 72 ? -2.685  -12.779 -12.424 1.00 27.12 ? 69  ARG A NH1 1 
ATOM   558  N  NH2 . ARG A 1 72 ? -1.986  -12.353 -14.590 1.00 26.72 ? 69  ARG A NH2 1 
ATOM   559  N  N   . GLN A 1 73 ? 0.716   -11.156 -11.442 1.00 17.80 ? 70  GLN A N   1 
ATOM   560  C  CA  . GLN A 1 73 ? 1.082   -12.604 -11.344 1.00 18.64 ? 70  GLN A CA  1 
ATOM   561  C  C   . GLN A 1 73 ? 2.216   -12.822 -10.337 1.00 18.25 ? 70  GLN A C   1 
ATOM   562  O  O   . GLN A 1 73 ? 2.247   -13.832 -9.602  1.00 18.13 ? 70  GLN A O   1 
ATOM   563  C  CB  . GLN A 1 73 ? 1.469   -13.179 -12.726 1.00 19.02 ? 70  GLN A CB  1 
ATOM   564  C  CG  . GLN A 1 73 ? 1.437   -14.742 -12.735 1.00 21.63 ? 70  GLN A CG  1 
ATOM   565  C  CD  . GLN A 1 73 ? 0.028   -15.297 -12.463 1.00 26.98 ? 70  GLN A CD  1 
ATOM   566  O  OE1 . GLN A 1 73 ? -0.938  -14.970 -13.175 1.00 27.81 ? 70  GLN A OE1 1 
ATOM   567  N  NE2 . GLN A 1 73 ? -0.099  -16.121 -11.416 1.00 27.37 ? 70  GLN A NE2 1 
ATOM   568  N  N   . GLU A 1 74 ? 3.146   -11.872 -10.292 1.00 18.77 ? 71  GLU A N   1 
ATOM   569  C  CA  . GLU A 1 74 ? 4.277   -11.958 -9.342  1.00 19.22 ? 71  GLU A CA  1 
ATOM   570  C  C   . GLU A 1 74 ? 3.817   -11.964 -7.880  1.00 19.34 ? 71  GLU A C   1 
ATOM   571  O  O   . GLU A 1 74 ? 4.292   -12.765 -7.075  1.00 17.83 ? 71  GLU A O   1 
ATOM   572  C  CB  . GLU A 1 74 ? 5.313   -10.864 -9.640  1.00 19.88 ? 71  GLU A CB  1 
ATOM   573  C  CG  . GLU A 1 74 ? 6.374   -10.622 -8.547  1.00 19.99 ? 71  GLU A CG  1 
ATOM   574  C  CD  . GLU A 1 74 ? 7.392   -11.744 -8.408  1.00 24.25 ? 71  GLU A CD  1 
ATOM   575  O  OE1 . GLU A 1 74 ? 7.438   -12.625 -9.301  1.00 23.80 ? 71  GLU A OE1 1 
ATOM   576  O  OE2 . GLU A 1 74 ? 8.138   -11.731 -7.404  1.00 24.44 ? 71  GLU A OE2 1 
ATOM   577  N  N   . ILE A 1 75 ? 2.876   -11.081 -7.537  1.00 18.13 ? 72  ILE A N   1 
ATOM   578  C  CA  . ILE A 1 75 ? 2.311   -11.072 -6.181  1.00 19.59 ? 72  ILE A CA  1 
ATOM   579  C  C   . ILE A 1 75 ? 1.613   -12.376 -5.844  1.00 18.17 ? 72  ILE A C   1 
ATOM   580  O  O   . ILE A 1 75 ? 1.866   -12.967 -4.781  1.00 18.30 ? 72  ILE A O   1 
ATOM   581  C  CB  . ILE A 1 75 ? 1.374   -9.867  -5.968  1.00 18.52 ? 72  ILE A CB  1 
ATOM   582  C  CG1 . ILE A 1 75 ? 2.171   -8.551  -6.130  1.00 20.19 ? 72  ILE A CG1 1 
ATOM   583  C  CG2 . ILE A 1 75 ? 0.713   -9.991  -4.609  1.00 20.32 ? 72  ILE A CG2 1 
ATOM   584  C  CD1 . ILE A 1 75 ? 1.304   -7.302  -6.303  1.00 22.00 ? 72  ILE A CD1 1 
ATOM   585  N  N   . GLN A 1 76 ? 0.750   -12.842 -6.747  1.00 18.59 ? 73  GLN A N   1 
ATOM   586  C  CA  . GLN A 1 76 ? -0.005  -14.069 -6.509  1.00 18.60 ? 73  GLN A CA  1 
ATOM   587  C  C   . GLN A 1 76 ? 0.993   -15.212 -6.331  1.00 19.91 ? 73  GLN A C   1 
ATOM   588  O  O   . GLN A 1 76 ? 0.955   -15.889 -5.328  1.00 20.12 ? 73  GLN A O   1 
ATOM   589  C  CB  . GLN A 1 76 ? -0.954  -14.375 -7.672  1.00 19.11 ? 73  GLN A CB  1 
ATOM   590  C  CG  . GLN A 1 76 ? -2.052  -13.333 -7.897  1.00 17.19 ? 73  GLN A CG  1 
ATOM   591  C  CD  . GLN A 1 76 ? -3.009  -13.212 -6.715  1.00 16.15 ? 73  GLN A CD  1 
ATOM   592  O  OE1 . GLN A 1 76 ? -3.554  -14.209 -6.204  1.00 18.25 ? 73  GLN A OE1 1 
ATOM   593  N  NE2 . GLN A 1 76 ? -3.238  -11.985 -6.295  1.00 17.02 ? 73  GLN A NE2 1 
ATOM   594  N  N   . ASP A 1 77 ? 1.905   -15.360 -7.293  1.00 20.33 ? 74  ASP A N   1 
ATOM   595  C  CA  . ASP A 1 77 ? 2.923   -16.435 -7.259  1.00 21.22 ? 74  ASP A CA  1 
ATOM   596  C  C   . ASP A 1 77 ? 3.829   -16.399 -6.025  1.00 20.54 ? 74  ASP A C   1 
ATOM   597  O  O   . ASP A 1 77 ? 3.973   -17.402 -5.340  1.00 20.02 ? 74  ASP A O   1 
ATOM   598  C  CB  . ASP A 1 77 ? 3.760   -16.462 -8.550  1.00 22.00 ? 74  ASP A CB  1 
ATOM   599  C  CG  . ASP A 1 77 ? 2.955   -16.922 -9.760  1.00 24.22 ? 74  ASP A CG  1 
ATOM   600  O  OD1 . ASP A 1 77 ? 1.799   -17.408 -9.580  1.00 28.94 ? 74  ASP A OD1 1 
ATOM   601  O  OD2 . ASP A 1 77 ? 3.485   -16.783 -10.887 1.00 27.68 ? 74  ASP A OD2 1 
ATOM   602  N  N   . ALA A 1 78 ? 4.400   -15.243 -5.720  1.00 19.57 ? 75  ALA A N   1 
ATOM   603  C  CA  . ALA A 1 78 ? 5.371   -15.162 -4.615  1.00 18.56 ? 75  ALA A CA  1 
ATOM   604  C  C   . ALA A 1 78 ? 4.734   -15.471 -3.271  1.00 18.79 ? 75  ALA A C   1 
ATOM   605  O  O   . ALA A 1 78 ? 5.319   -16.157 -2.404  1.00 16.55 ? 75  ALA A O   1 
ATOM   606  C  CB  . ALA A 1 78 ? 6.026   -13.777 -4.612  1.00 19.31 ? 75  ALA A CB  1 
ATOM   607  N  N   . VAL A 1 79 ? 3.514   -14.959 -3.082  1.00 17.06 ? 76  VAL A N   1 
ATOM   608  C  CA  . VAL A 1 79 ? 2.817   -15.151 -1.815  1.00 17.72 ? 76  VAL A CA  1 
ATOM   609  C  C   . VAL A 1 79 ? 2.293   -16.582 -1.693  1.00 17.95 ? 76  VAL A C   1 
ATOM   610  O  O   . VAL A 1 79 ? 2.445   -17.201 -0.643  1.00 18.16 ? 76  VAL A O   1 
ATOM   611  C  CB  . VAL A 1 79 ? 1.661   -14.121 -1.653  1.00 17.00 ? 76  VAL A CB  1 
ATOM   612  C  CG1 . VAL A 1 79 ? 0.782   -14.475 -0.474  1.00 15.89 ? 76  VAL A CG1 1 
ATOM   613  C  CG2 . VAL A 1 79 ? 2.258   -12.724 -1.449  1.00 15.33 ? 76  VAL A CG2 1 
HETATM 614  N  N   . MSE A 1 80 ? 1.670   -17.105 -2.755  1.00 19.43 ? 77  MSE A N   1 
HETATM 615  C  CA  . MSE A 1 80 ? 1.100   -18.464 -2.681  1.00 19.93 ? 77  MSE A CA  1 
HETATM 616  C  C   . MSE A 1 80 ? 2.213   -19.497 -2.550  1.00 21.03 ? 77  MSE A C   1 
HETATM 617  O  O   . MSE A 1 80 ? 2.013   -20.548 -1.946  1.00 21.03 ? 77  MSE A O   1 
HETATM 618  C  CB  . MSE A 1 80 ? 0.218   -18.807 -3.903  1.00 20.30 ? 77  MSE A CB  1 
HETATM 619  C  CG  . MSE A 1 80 ? -1.127  -18.043 -3.965  1.00 23.19 ? 77  MSE A CG  1 
HETATM 620  SE SE  . MSE A 1 80 ? -2.091  -18.070 -2.312  0.80 30.53 ? 77  MSE A SE  1 
HETATM 621  C  CE  . MSE A 1 80 ? -2.207  -20.037 -2.043  1.00 25.46 ? 77  MSE A CE  1 
ATOM   622  N  N   . LYS A 1 81 ? 3.362   -19.197 -3.137  1.00 21.39 ? 78  LYS A N   1 
ATOM   623  C  CA  . LYS A 1 81 ? 4.556   -20.065 -2.974  1.00 22.46 ? 78  LYS A CA  1 
ATOM   624  C  C   . LYS A 1 81 ? 4.854   -20.248 -1.503  1.00 22.15 ? 78  LYS A C   1 
ATOM   625  O  O   . LYS A 1 81 ? 5.064   -21.371 -1.047  1.00 22.05 ? 78  LYS A O   1 
ATOM   626  C  CB  . LYS A 1 81 ? 5.776   -19.487 -3.697  1.00 22.99 ? 78  LYS A CB  1 
ATOM   627  C  CG  . LYS A 1 81 ? 7.064   -20.284 -3.485  1.00 25.50 ? 78  LYS A CG  1 
ATOM   628  C  CD  . LYS A 1 81 ? 8.193   -19.713 -4.328  1.00 30.36 ? 78  LYS A CD  1 
ATOM   629  C  CE  . LYS A 1 81 ? 9.462   -20.592 -4.258  1.00 31.73 ? 78  LYS A CE  1 
ATOM   630  N  NZ  . LYS A 1 81 ? 10.078  -20.614 -2.888  1.00 31.75 ? 78  LYS A NZ  1 
ATOM   631  N  N   . VAL A 1 82 ? 4.847   -19.152 -0.740  1.00 21.09 ? 79  VAL A N   1 
ATOM   632  C  CA  . VAL A 1 82 ? 5.112   -19.225 0.680   1.00 20.33 ? 79  VAL A CA  1 
ATOM   633  C  C   . VAL A 1 82 ? 3.958   -19.858 1.419   1.00 20.94 ? 79  VAL A C   1 
ATOM   634  O  O   . VAL A 1 82 ? 4.171   -20.669 2.312   1.00 21.62 ? 79  VAL A O   1 
ATOM   635  C  CB  . VAL A 1 82 ? 5.444   -17.839 1.263   1.00 19.98 ? 79  VAL A CB  1 
ATOM   636  C  CG1 . VAL A 1 82 ? 5.627   -17.889 2.745   1.00 20.21 ? 79  VAL A CG1 1 
ATOM   637  C  CG2 . VAL A 1 82 ? 6.713   -17.284 0.558   1.00 18.49 ? 79  VAL A CG2 1 
ATOM   638  N  N   . TYR A 1 83 ? 2.729   -19.494 1.056   1.00 20.91 ? 80  TYR A N   1 
ATOM   639  C  CA  . TYR A 1 83 ? 1.573   -20.111 1.674   1.00 22.45 ? 80  TYR A CA  1 
ATOM   640  C  C   . TYR A 1 83 ? 1.660   -21.654 1.591   1.00 23.28 ? 80  TYR A C   1 
ATOM   641  O  O   . TYR A 1 83 ? 1.419   -22.340 2.585   1.00 22.83 ? 80  TYR A O   1 
ATOM   642  C  CB  . TYR A 1 83 ? 0.269   -19.641 1.000   1.00 22.45 ? 80  TYR A CB  1 
ATOM   643  C  CG  . TYR A 1 83 ? -0.955  -20.196 1.692   1.00 22.62 ? 80  TYR A CG  1 
ATOM   644  C  CD1 . TYR A 1 83 ? -1.530  -21.397 1.269   1.00 24.35 ? 80  TYR A CD1 1 
ATOM   645  C  CD2 . TYR A 1 83 ? -1.516  -19.546 2.786   1.00 21.63 ? 80  TYR A CD2 1 
ATOM   646  C  CE1 . TYR A 1 83 ? -2.637  -21.927 1.915   1.00 23.69 ? 80  TYR A CE1 1 
ATOM   647  C  CE2 . TYR A 1 83 ? -2.631  -20.064 3.448   1.00 23.99 ? 80  TYR A CE2 1 
ATOM   648  C  CZ  . TYR A 1 83 ? -3.189  -21.262 2.987   1.00 25.87 ? 80  TYR A CZ  1 
ATOM   649  O  OH  . TYR A 1 83 ? -4.304  -21.797 3.593   1.00 26.73 ? 80  TYR A OH  1 
ATOM   650  N  N   . ASP A 1 84 ? 1.997   -22.154 0.412   1.00 25.00 ? 81  ASP A N   1 
ATOM   651  C  CA  . ASP A 1 84 ? 2.058   -23.610 0.142   1.00 26.86 ? 81  ASP A CA  1 
ATOM   652  C  C   . ASP A 1 84 ? 3.236   -24.316 0.828   1.00 28.32 ? 81  ASP A C   1 
ATOM   653  O  O   . ASP A 1 84 ? 3.202   -25.536 1.018   1.00 29.35 ? 81  ASP A O   1 
ATOM   654  C  CB  . ASP A 1 84 ? 2.126   -23.866 -1.361  1.00 27.08 ? 81  ASP A CB  1 
ATOM   655  C  CG  . ASP A 1 84 ? 0.806   -23.624 -2.051  1.00 28.58 ? 81  ASP A CG  1 
ATOM   656  O  OD1 . ASP A 1 84 ? -0.232  -23.577 -1.357  1.00 31.05 ? 81  ASP A OD1 1 
ATOM   657  O  OD2 . ASP A 1 84 ? 0.815   -23.490 -3.294  1.00 33.02 ? 81  ASP A OD2 1 
ATOM   658  N  N   . GLU A 1 85 ? 4.273   -23.556 1.169   1.00 29.00 ? 82  GLU A N   1 
ATOM   659  C  CA  . GLU A 1 85 ? 5.428   -24.034 1.948   1.00 29.91 ? 82  GLU A CA  1 
ATOM   660  C  C   . GLU A 1 85 ? 5.142   -24.015 3.443   1.00 30.92 ? 82  GLU A C   1 
ATOM   661  O  O   . GLU A 1 85 ? 5.949   -24.485 4.238   1.00 30.39 ? 82  GLU A O   1 
ATOM   662  C  CB  . GLU A 1 85 ? 6.627   -23.109 1.704   1.00 29.91 ? 82  GLU A CB  1 
ATOM   663  C  CG  . GLU A 1 85 ? 7.247   -23.253 0.347   1.00 31.55 ? 82  GLU A CG  1 
ATOM   664  C  CD  . GLU A 1 85 ? 8.172   -22.094 -0.020  1.00 33.79 ? 82  GLU A CD  1 
ATOM   665  O  OE1 . GLU A 1 85 ? 8.434   -21.207 0.826   1.00 32.74 ? 82  GLU A OE1 1 
ATOM   666  O  OE2 . GLU A 1 85 ? 8.625   -22.068 -1.183  1.00 34.53 ? 82  GLU A OE2 1 
ATOM   667  N  N   . THR A 1 86 ? 4.015   -23.417 3.825   1.00 31.90 ? 83  THR A N   1 
ATOM   668  C  CA  . THR A 1 86 ? 3.672   -23.187 5.234   1.00 33.49 ? 83  THR A CA  1 
ATOM   669  C  C   . THR A 1 86 ? 2.724   -24.281 5.715   1.00 35.08 ? 83  THR A C   1 
ATOM   670  O  O   . THR A 1 86 ? 1.721   -24.586 5.062   1.00 35.19 ? 83  THR A O   1 
ATOM   671  C  CB  . THR A 1 86 ? 3.023   -21.776 5.437   1.00 33.54 ? 83  THR A CB  1 
ATOM   672  O  OG1 . THR A 1 86 ? 3.956   -20.758 5.028   1.00 32.00 ? 83  THR A OG1 1 
ATOM   673  C  CG2 . THR A 1 86 ? 2.619   -21.541 6.899   1.00 32.86 ? 83  THR A CG2 1 
ATOM   674  N  N   . ASP A 1 87 ? 3.058   -24.871 6.857   1.00 36.80 ? 84  ASP A N   1 
ATOM   675  C  CA  . ASP A 1 87 ? 2.330   -26.021 7.388   1.00 38.19 ? 84  ASP A CA  1 
ATOM   676  C  C   . ASP A 1 87 ? 0.835   -25.773 7.660   1.00 39.15 ? 84  ASP A C   1 
ATOM   677  O  O   . ASP A 1 87 ? 0.465   -24.770 8.279   1.00 40.54 ? 84  ASP A O   1 
ATOM   678  C  CB  . ASP A 1 87 ? 3.051   -26.553 8.629   1.00 38.71 ? 84  ASP A CB  1 
ATOM   679  C  CG  . ASP A 1 87 ? 4.378   -27.226 8.282   1.00 39.50 ? 84  ASP A CG  1 
ATOM   680  O  OD1 . ASP A 1 87 ? 4.502   -27.765 7.160   1.00 38.49 ? 84  ASP A OD1 1 
ATOM   681  O  OD2 . ASP A 1 87 ? 5.303   -27.215 9.123   1.00 44.96 ? 84  ASP A OD2 1 
ATOM   682  N  N   . ALA B 1 3  ? 17.048  1.834   -9.380  1.00 31.74 ? 0   ALA B N   1 
ATOM   683  C  CA  . ALA B 1 3  ? 16.286  2.042   -8.112  1.00 30.49 ? 0   ALA B CA  1 
ATOM   684  C  C   . ALA B 1 3  ? 14.822  2.360   -8.406  1.00 29.76 ? 0   ALA B C   1 
ATOM   685  O  O   . ALA B 1 3  ? 14.494  3.006   -9.399  1.00 29.58 ? 0   ALA B O   1 
ATOM   686  C  CB  . ALA B 1 3  ? 16.909  3.148   -7.273  1.00 31.29 ? 0   ALA B CB  1 
HETATM 687  N  N   . MSE B 1 4  ? 13.942  1.903   -7.526  1.00 29.27 ? 1   MSE B N   1 
HETATM 688  C  CA  . MSE B 1 4  ? 12.503  2.155   -7.649  1.00 28.16 ? 1   MSE B CA  1 
HETATM 689  C  C   . MSE B 1 4  ? 12.167  3.642   -7.824  1.00 27.62 ? 1   MSE B C   1 
HETATM 690  O  O   . MSE B 1 4  ? 12.766  4.488   -7.176  1.00 26.47 ? 1   MSE B O   1 
HETATM 691  C  CB  . MSE B 1 4  ? 11.810  1.618   -6.414  1.00 28.63 ? 1   MSE B CB  1 
HETATM 692  C  CG  . MSE B 1 4  ? 10.349  1.377   -6.634  1.00 28.48 ? 1   MSE B CG  1 
HETATM 693  SE SE  . MSE B 1 4  ? 9.641   0.669   -4.992  0.60 29.82 ? 1   MSE B SE  1 
HETATM 694  C  CE  . MSE B 1 4  ? 10.603  -0.972  -4.937  1.00 28.61 ? 1   MSE B CE  1 
ATOM   695  N  N   . LYS B 1 5  ? 11.245  3.942   -8.737  1.00 26.25 ? 2   LYS B N   1 
ATOM   696  C  CA  . LYS B 1 5  ? 10.879  5.318   -9.055  1.00 27.77 ? 2   LYS B CA  1 
ATOM   697  C  C   . LYS B 1 5  ? 9.373   5.511   -8.847  1.00 24.98 ? 2   LYS B C   1 
ATOM   698  O  O   . LYS B 1 5  ? 8.581   4.616   -9.165  1.00 23.44 ? 2   LYS B O   1 
ATOM   699  C  CB  . LYS B 1 5  ? 11.191  5.658   -10.535 1.00 28.18 ? 2   LYS B CB  1 
ATOM   700  C  CG  . LYS B 1 5  ? 12.373  4.868   -11.211 1.00 33.32 ? 2   LYS B CG  1 
ATOM   701  C  CD  . LYS B 1 5  ? 12.499  5.267   -12.709 1.00 32.08 ? 2   LYS B CD  1 
ATOM   702  C  CE  . LYS B 1 5  ? 13.814  4.777   -13.357 1.00 35.70 ? 2   LYS B CE  1 
ATOM   703  N  NZ  . LYS B 1 5  ? 13.848  5.023   -14.848 1.00 37.35 ? 2   LYS B NZ  1 
ATOM   704  N  N   . VAL B 1 6  ? 8.998   6.677   -8.331  1.00 23.02 ? 3   VAL B N   1 
ATOM   705  C  CA  . VAL B 1 6  ? 7.639   7.177   -8.461  1.00 22.38 ? 3   VAL B CA  1 
ATOM   706  C  C   . VAL B 1 6  ? 7.410   7.657   -9.896  1.00 21.84 ? 3   VAL B C   1 
ATOM   707  O  O   . VAL B 1 6  ? 7.945   8.681   -10.336 1.00 21.82 ? 3   VAL B O   1 
ATOM   708  C  CB  . VAL B 1 6  ? 7.361   8.335   -7.483  1.00 22.38 ? 3   VAL B CB  1 
ATOM   709  C  CG1 . VAL B 1 6  ? 5.927   8.857   -7.665  1.00 22.57 ? 3   VAL B CG1 1 
ATOM   710  C  CG2 . VAL B 1 6  ? 7.612   7.886   -6.026  1.00 23.14 ? 3   VAL B CG2 1 
ATOM   711  N  N   . THR B 1 7  ? 6.597   6.913   -10.624 1.00 20.48 ? 4   THR B N   1 
ATOM   712  C  CA  . THR B 1 7  ? 6.388   7.190   -12.036 1.00 20.62 ? 4   THR B CA  1 
ATOM   713  C  C   . THR B 1 7  ? 5.101   7.952   -12.324 1.00 20.46 ? 4   THR B C   1 
ATOM   714  O  O   . THR B 1 7  ? 4.890   8.402   -13.456 1.00 21.12 ? 4   THR B O   1 
ATOM   715  C  CB  . THR B 1 7  ? 6.417   5.879   -12.857 1.00 19.86 ? 4   THR B CB  1 
ATOM   716  O  OG1 . THR B 1 7  ? 5.394   4.995   -12.370 1.00 20.31 ? 4   THR B OG1 1 
ATOM   717  C  CG2 . THR B 1 7  ? 7.753   5.222   -12.718 1.00 19.96 ? 4   THR B CG2 1 
ATOM   718  N  N   . ASP B 1 8  ? 4.221   8.093   -11.316 1.00 19.78 ? 5   ASP B N   1 
ATOM   719  C  CA  . ASP B 1 8  ? 3.006   8.884   -11.463 1.00 20.27 ? 5   ASP B CA  1 
ATOM   720  C  C   . ASP B 1 8  ? 2.538   9.341   -10.097 1.00 19.78 ? 5   ASP B C   1 
ATOM   721  O  O   . ASP B 1 8  ? 2.735   8.656   -9.111  1.00 19.21 ? 5   ASP B O   1 
ATOM   722  C  CB  . ASP B 1 8  ? 1.899   8.038   -12.116 1.00 20.62 ? 5   ASP B CB  1 
ATOM   723  C  CG  . ASP B 1 8  ? 0.738   8.860   -12.671 1.00 26.34 ? 5   ASP B CG  1 
ATOM   724  O  OD1 . ASP B 1 8  ? 0.852   10.086  -12.926 1.00 27.11 ? 5   ASP B OD1 1 
ATOM   725  O  OD2 . ASP B 1 8  ? -0.318  8.218   -12.902 1.00 33.78 ? 5   ASP B OD2 1 
ATOM   726  N  N   . VAL B 1 9  ? 1.957   10.533  -10.057 1.00 20.23 ? 6   VAL B N   1 
ATOM   727  C  CA  . VAL B 1 9  ? 1.318   11.074  -8.865  1.00 19.20 ? 6   VAL B CA  1 
ATOM   728  C  C   . VAL B 1 9  ? -0.021  11.639  -9.293  1.00 20.37 ? 6   VAL B C   1 
ATOM   729  O  O   . VAL B 1 9  ? -0.075  12.478  -10.203 1.00 20.50 ? 6   VAL B O   1 
ATOM   730  C  CB  . VAL B 1 9  ? 2.135   12.225  -8.215  1.00 19.37 ? 6   VAL B CB  1 
ATOM   731  C  CG1 . VAL B 1 9  ? 1.333   12.844  -7.061  1.00 18.36 ? 6   VAL B CG1 1 
ATOM   732  C  CG2 . VAL B 1 9  ? 3.491   11.736  -7.706  1.00 18.87 ? 6   VAL B CG2 1 
ATOM   733  N  N   . ARG B 1 10 ? -1.096  11.190  -8.648  1.00 20.17 ? 7   ARG B N   1 
ATOM   734  C  CA  . ARG B 1 10 ? -2.424  11.746  -8.885  1.00 21.99 ? 7   ARG B CA  1 
ATOM   735  C  C   . ARG B 1 10 ? -2.923  12.287  -7.559  1.00 21.00 ? 7   ARG B C   1 
ATOM   736  O  O   . ARG B 1 10 ? -2.860  11.601  -6.551  1.00 21.09 ? 7   ARG B O   1 
ATOM   737  C  CB  . ARG B 1 10 ? -3.358  10.694  -9.480  1.00 20.98 ? 7   ARG B CB  1 
ATOM   738  C  CG  . ARG B 1 10 ? -2.943  10.302  -10.921 1.00 25.73 ? 7   ARG B CG  1 
ATOM   739  C  CD  . ARG B 1 10 ? -3.719  9.095   -11.511 1.00 27.90 ? 7   ARG B CD  1 
ATOM   740  N  NE  . ARG B 1 10 ? -2.978  7.819   -11.450 1.00 38.78 ? 7   ARG B NE  1 
ATOM   741  C  CZ  . ARG B 1 10 ? -3.215  6.812   -10.600 1.00 41.19 ? 7   ARG B CZ  1 
ATOM   742  N  NH1 . ARG B 1 10 ? -2.471  5.722   -10.661 1.00 45.91 ? 7   ARG B NH1 1 
ATOM   743  N  NH2 . ARG B 1 10 ? -4.182  6.865   -9.698  1.00 44.03 ? 7   ARG B NH2 1 
ATOM   744  N  N   . LEU B 1 11 ? -3.379  13.532  -7.534  1.00 21.13 ? 8   LEU B N   1 
ATOM   745  C  CA  . LEU B 1 11 ? -3.936  14.044  -6.287  1.00 22.29 ? 8   LEU B CA  1 
ATOM   746  C  C   . LEU B 1 11 ? -5.086  14.978  -6.494  1.00 23.69 ? 8   LEU B C   1 
ATOM   747  O  O   . LEU B 1 11 ? -5.210  15.592  -7.569  1.00 23.86 ? 8   LEU B O   1 
ATOM   748  C  CB  . LEU B 1 11 ? -2.863  14.675  -5.374  1.00 23.22 ? 8   LEU B CB  1 
ATOM   749  C  CG  . LEU B 1 11 ? -2.179  15.988  -5.766  1.00 23.84 ? 8   LEU B CG  1 
ATOM   750  C  CD1 . LEU B 1 11 ? -3.034  17.232  -5.449  1.00 21.88 ? 8   LEU B CD1 1 
ATOM   751  C  CD2 . LEU B 1 11 ? -0.821  16.115  -5.044  1.00 21.94 ? 8   LEU B CD2 1 
ATOM   752  N  N   . ARG B 1 12 ? -5.894  15.084  -5.442  1.00 23.78 ? 9   ARG B N   1 
ATOM   753  C  CA  . ARG B 1 12 ? -7.015  15.983  -5.375  1.00 25.88 ? 9   ARG B CA  1 
ATOM   754  C  C   . ARG B 1 12 ? -6.767  16.856  -4.147  1.00 25.94 ? 9   ARG B C   1 
ATOM   755  O  O   . ARG B 1 12 ? -6.598  16.348  -3.028  1.00 22.85 ? 9   ARG B O   1 
ATOM   756  C  CB  . ARG B 1 12 ? -8.308  15.178  -5.263  1.00 26.19 ? 9   ARG B CB  1 
ATOM   757  C  CG  . ARG B 1 12 ? -9.558  15.990  -4.936  1.00 32.13 ? 9   ARG B CG  1 
ATOM   758  C  CD  . ARG B 1 12 ? -10.859 15.324  -5.422  1.00 40.37 ? 9   ARG B CD  1 
ATOM   759  N  NE  . ARG B 1 12 ? -10.722 13.939  -5.893  1.00 46.49 ? 9   ARG B NE  1 
ATOM   760  C  CZ  . ARG B 1 12 ? -10.794 13.568  -7.179  1.00 50.11 ? 9   ARG B CZ  1 
ATOM   761  N  NH1 . ARG B 1 12 ? -11.002 14.484  -8.131  1.00 50.72 ? 9   ARG B NH1 1 
ATOM   762  N  NH2 . ARG B 1 12 ? -10.669 12.284  -7.519  1.00 50.42 ? 9   ARG B NH2 1 
ATOM   763  N  N   . LYS B 1 13 ? -6.644  18.157  -4.384  1.00 27.53 ? 10  LYS B N   1 
ATOM   764  C  CA  . LYS B 1 13 ? -6.502  19.126  -3.314  1.00 31.05 ? 10  LYS B CA  1 
ATOM   765  C  C   . LYS B 1 13 ? -7.825  19.237  -2.568  1.00 33.91 ? 10  LYS B C   1 
ATOM   766  O  O   . LYS B 1 13 ? -8.904  19.029  -3.150  1.00 34.26 ? 10  LYS B O   1 
ATOM   767  C  CB  . LYS B 1 13 ? -6.085  20.505  -3.857  1.00 30.81 ? 10  LYS B CB  1 
ATOM   768  C  CG  . LYS B 1 13 ? -4.624  20.846  -3.663  1.00 29.78 ? 10  LYS B CG  1 
ATOM   769  C  CD  . LYS B 1 13 ? -4.238  22.205  -4.266  1.00 30.28 ? 10  LYS B CD  1 
ATOM   770  C  CE  . LYS B 1 13 ? -2.789  22.578  -3.910  1.00 28.90 ? 10  LYS B CE  1 
ATOM   771  N  NZ  . LYS B 1 13 ? -2.062  23.660  -4.690  1.00 26.19 ? 10  LYS B NZ  1 
ATOM   772  N  N   . ILE B 1 14 ? -7.731  19.504  -1.273  1.00 36.73 ? 11  ILE B N   1 
ATOM   773  C  CA  . ILE B 1 14 ? -8.889  19.783  -0.449  1.00 40.28 ? 11  ILE B CA  1 
ATOM   774  C  C   . ILE B 1 14 ? -8.768  21.229  0.052   1.00 42.42 ? 11  ILE B C   1 
ATOM   775  O  O   . ILE B 1 14 ? -7.695  21.648  0.523   1.00 42.09 ? 11  ILE B O   1 
ATOM   776  C  CB  . ILE B 1 14 ? -8.994  18.790  0.723   1.00 40.50 ? 11  ILE B CB  1 
ATOM   777  C  CG1 . ILE B 1 14 ? -9.096  17.362  0.186   1.00 40.95 ? 11  ILE B CG1 1 
ATOM   778  C  CG2 . ILE B 1 14 ? -10.195 19.107  1.617   1.00 41.31 ? 11  ILE B CG2 1 
ATOM   779  C  CD1 . ILE B 1 14 ? -8.663  16.316  1.168   1.00 40.47 ? 11  ILE B CD1 1 
ATOM   780  N  N   . GLN B 1 15 ? -9.854  21.992  -0.105  1.00 45.21 ? 12  GLN B N   1 
ATOM   781  C  CA  . GLN B 1 15 ? -9.976  23.336  0.493   1.00 47.88 ? 12  GLN B CA  1 
ATOM   782  C  C   . GLN B 1 15 ? -10.605 23.281  1.893   1.00 48.37 ? 12  GLN B C   1 
ATOM   783  O  O   . GLN B 1 15 ? -11.807 23.012  2.038   1.00 49.24 ? 12  GLN B O   1 
ATOM   784  C  CB  . GLN B 1 15 ? -10.757 24.304  -0.422  1.00 47.92 ? 12  GLN B CB  1 
ATOM   785  C  CG  . GLN B 1 15 ? -12.171 23.827  -0.863  1.00 49.98 ? 12  GLN B CG  1 
ATOM   786  C  CD  . GLN B 1 15 ? -13.060 24.949  -1.441  1.00 50.32 ? 12  GLN B CD  1 
ATOM   787  O  OE1 . GLN B 1 15 ? -12.590 25.830  -2.186  1.00 54.08 ? 12  GLN B OE1 1 
ATOM   788  N  NE2 . GLN B 1 15 ? -14.353 24.905  -1.111  1.00 52.11 ? 12  GLN B NE2 1 
ATOM   789  N  N   . THR B 1 16 ? -9.771  23.492  2.915   1.00 49.05 ? 13  THR B N   1 
ATOM   790  C  CA  . THR B 1 16 ? -10.211 23.680  4.315   1.00 49.49 ? 13  THR B CA  1 
ATOM   791  C  C   . THR B 1 16 ? -9.122  24.435  5.072   1.00 48.71 ? 13  THR B C   1 
ATOM   792  O  O   . THR B 1 16 ? -8.084  24.779  4.499   1.00 49.30 ? 13  THR B O   1 
ATOM   793  C  CB  . THR B 1 16 ? -10.479 22.332  5.072   1.00 49.60 ? 13  THR B CB  1 
ATOM   794  O  OG1 . THR B 1 16 ? -9.509  21.358  4.682   1.00 51.68 ? 13  THR B OG1 1 
ATOM   795  C  CG2 . THR B 1 16 ? -11.870 21.785  4.795   1.00 50.65 ? 13  THR B CG2 1 
ATOM   796  N  N   . ASP B 1 17 ? -9.350  24.709  6.354   1.00 47.96 ? 14  ASP B N   1 
ATOM   797  C  CA  . ASP B 1 17 ? -8.216  25.056  7.228   1.00 46.73 ? 14  ASP B CA  1 
ATOM   798  C  C   . ASP B 1 17 ? -7.817  23.886  8.149   1.00 44.57 ? 14  ASP B C   1 
ATOM   799  O  O   . ASP B 1 17 ? -7.061  24.048  9.123   1.00 44.52 ? 14  ASP B O   1 
ATOM   800  C  CB  . ASP B 1 17 ? -8.370  26.418  7.952   1.00 47.60 ? 14  ASP B CB  1 
ATOM   801  C  CG  . ASP B 1 17 ? -9.725  26.604  8.632   1.00 49.76 ? 14  ASP B CG  1 
ATOM   802  O  OD1 . ASP B 1 17 ? -10.529 25.640  8.735   1.00 51.84 ? 14  ASP B OD1 1 
ATOM   803  O  OD2 . ASP B 1 17 ? -9.971  27.746  9.090   1.00 52.10 ? 14  ASP B OD2 1 
ATOM   804  N  N   . GLY B 1 18 ? -8.311  22.698  7.799   1.00 41.96 ? 15  GLY B N   1 
ATOM   805  C  CA  . GLY B 1 18 ? -7.860  21.470  8.437   1.00 38.63 ? 15  GLY B CA  1 
ATOM   806  C  C   . GLY B 1 18 ? -6.439  21.144  7.998   1.00 35.98 ? 15  GLY B C   1 
ATOM   807  O  O   . GLY B 1 18 ? -5.906  21.771  7.077   1.00 35.96 ? 15  GLY B O   1 
ATOM   808  N  N   . ARG B 1 19 ? -5.834  20.170  8.665   1.00 33.48 ? 16  ARG B N   1 
ATOM   809  C  CA  . ARG B 1 19 ? -4.471  19.742  8.370   1.00 31.49 ? 16  ARG B CA  1 
ATOM   810  C  C   . ARG B 1 19 ? -4.354  18.993  7.029   1.00 28.71 ? 16  ARG B C   1 
ATOM   811  O  O   . ARG B 1 19 ? -3.318  19.079  6.380   1.00 25.01 ? 16  ARG B O   1 
ATOM   812  C  CB  . ARG B 1 19 ? -3.951  18.800  9.457   1.00 31.58 ? 16  ARG B CB  1 
ATOM   813  C  CG  . ARG B 1 19 ? -3.599  19.395  10.808  1.00 35.24 ? 16  ARG B CG  1 
ATOM   814  C  CD  . ARG B 1 19 ? -2.822  18.329  11.620  1.00 35.76 ? 16  ARG B CD  1 
ATOM   815  N  NE  . ARG B 1 19 ? -3.272  16.981  11.248  1.00 43.47 ? 16  ARG B NE  1 
ATOM   816  C  CZ  . ARG B 1 19 ? -2.513  15.884  11.219  1.00 44.24 ? 16  ARG B CZ  1 
ATOM   817  N  NH1 . ARG B 1 19 ? -3.053  14.729  10.853  1.00 46.66 ? 16  ARG B NH1 1 
ATOM   818  N  NH2 . ARG B 1 19 ? -1.225  15.932  11.535  1.00 46.51 ? 16  ARG B NH2 1 
HETATM 819  N  N   . MSE B 1 20 ? -5.380  18.234  6.630   1.00 26.31 ? 17  MSE B N   1 
HETATM 820  C  CA  . MSE B 1 20 ? -5.251  17.412  5.406   1.00 26.44 ? 17  MSE B CA  1 
HETATM 821  C  C   . MSE B 1 20 ? -5.524  18.244  4.173   1.00 23.85 ? 17  MSE B C   1 
HETATM 822  O  O   . MSE B 1 20 ? -6.643  18.756  3.997   1.00 23.73 ? 17  MSE B O   1 
HETATM 823  C  CB  . MSE B 1 20 ? -6.156  16.168  5.419   1.00 26.03 ? 17  MSE B CB  1 
HETATM 824  C  CG  . MSE B 1 20 ? -5.906  15.235  4.195   1.00 27.36 ? 17  MSE B CG  1 
HETATM 825  SE SE  . MSE B 1 20 ? -6.961  13.594  4.294   0.50 35.07 ? 17  MSE B SE  1 
HETATM 826  C  CE  . MSE B 1 20 ? -8.561  14.273  3.526   1.00 31.73 ? 17  MSE B CE  1 
ATOM   827  N  N   . LYS B 1 21 ? -4.503  18.396  3.326   1.00 20.54 ? 18  LYS B N   1 
ATOM   828  C  CA  . LYS B 1 21 ? -4.564  19.289  2.172   1.00 19.10 ? 18  LYS B CA  1 
ATOM   829  C  C   . LYS B 1 21 ? -4.830  18.594  0.852   1.00 17.92 ? 18  LYS B C   1 
ATOM   830  O  O   . LYS B 1 21 ? -5.333  19.227  -0.086  1.00 18.77 ? 18  LYS B O   1 
ATOM   831  C  CB  . LYS B 1 21 ? -3.269  20.126  2.067   1.00 19.11 ? 18  LYS B CB  1 
ATOM   832  C  CG  . LYS B 1 21 ? -2.969  20.905  3.341   1.00 21.73 ? 18  LYS B CG  1 
ATOM   833  C  CD  . LYS B 1 21 ? -4.016  22.006  3.471   1.00 24.90 ? 18  LYS B CD  1 
ATOM   834  C  CE  . LYS B 1 21 ? -3.940  22.771  4.767   1.00 29.49 ? 18  LYS B CE  1 
ATOM   835  N  NZ  . LYS B 1 21 ? -5.147  23.663  4.868   1.00 30.95 ? 18  LYS B NZ  1 
ATOM   836  N  N   . ALA B 1 22 ? -4.523  17.298  0.761   1.00 17.13 ? 19  ALA B N   1 
ATOM   837  C  CA  . ALA B 1 22 ? -4.768  16.575  -0.497  1.00 16.64 ? 19  ALA B CA  1 
ATOM   838  C  C   . ALA B 1 22 ? -4.769  15.086  -0.247  1.00 16.67 ? 19  ALA B C   1 
ATOM   839  O  O   . ALA B 1 22 ? -4.108  14.631  0.674   1.00 15.70 ? 19  ALA B O   1 
ATOM   840  C  CB  . ALA B 1 22 ? -3.688  16.944  -1.539  1.00 16.99 ? 19  ALA B CB  1 
ATOM   841  N  N   . LEU B 1 23 ? -5.522  14.351  -1.061  1.00 15.94 ? 20  LEU B N   1 
ATOM   842  C  CA  . LEU B 1 23 ? -5.464  12.875  -1.069  1.00 17.49 ? 20  LEU B CA  1 
ATOM   843  C  C   . LEU B 1 23 ? -4.699  12.483  -2.312  1.00 16.26 ? 20  LEU B C   1 
ATOM   844  O  O   . LEU B 1 23 ? -4.873  13.109  -3.353  1.00 17.51 ? 20  LEU B O   1 
ATOM   845  C  CB  . LEU B 1 23 ? -6.866  12.279  -1.099  1.00 18.87 ? 20  LEU B CB  1 
ATOM   846  C  CG  . LEU B 1 23 ? -7.534  12.196  0.261   1.00 21.66 ? 20  LEU B CG  1 
ATOM   847  C  CD1 . LEU B 1 23 ? -8.964  11.701  0.055   1.00 23.85 ? 20  LEU B CD1 1 
ATOM   848  C  CD2 . LEU B 1 23 ? -6.764  11.212  1.191   1.00 22.73 ? 20  LEU B CD2 1 
ATOM   849  N  N   . VAL B 1 24 ? -3.848  11.472  -2.201  1.00 15.68 ? 21  VAL B N   1 
ATOM   850  C  CA  . VAL B 1 24 ? -2.820  11.241  -3.209  1.00 15.12 ? 21  VAL B CA  1 
ATOM   851  C  C   . VAL B 1 24 ? -2.687  9.771   -3.544  1.00 15.33 ? 21  VAL B C   1 
ATOM   852  O  O   . VAL B 1 24 ? -2.764  8.916   -2.625  1.00 13.83 ? 21  VAL B O   1 
ATOM   853  C  CB  . VAL B 1 24 ? -1.439  11.704  -2.636  1.00 14.89 ? 21  VAL B CB  1 
ATOM   854  C  CG1 . VAL B 1 24 ? -0.299  11.379  -3.636  1.00 14.63 ? 21  VAL B CG1 1 
ATOM   855  C  CG2 . VAL B 1 24 ? -1.450  13.188  -2.314  1.00 15.41 ? 21  VAL B CG2 1 
ATOM   856  N  N   . SER B 1 25 ? -2.504  9.459   -4.826  1.00 15.53 ? 22  SER B N   1 
ATOM   857  C  CA  . SER B 1 25 ? -2.115  8.086   -5.219  1.00 15.47 ? 22  SER B CA  1 
ATOM   858  C  C   . SER B 1 25 ? -0.795  8.186   -5.943  1.00 16.04 ? 22  SER B C   1 
ATOM   859  O  O   . SER B 1 25 ? -0.588  9.117   -6.725  1.00 17.00 ? 22  SER B O   1 
ATOM   860  C  CB  . SER B 1 25 ? -3.140  7.441   -6.156  1.00 16.08 ? 22  SER B CB  1 
ATOM   861  O  OG  . SER B 1 25 ? -4.440  7.544   -5.580  1.00 21.84 ? 22  SER B OG  1 
ATOM   862  N  N   . ILE B 1 26 ? 0.097   7.259   -5.659  1.00 15.73 ? 23  ILE B N   1 
ATOM   863  C  CA  . ILE B 1 26 ? 1.357   7.196   -6.391  1.00 16.74 ? 23  ILE B CA  1 
ATOM   864  C  C   . ILE B 1 26 ? 1.493   5.863   -7.112  1.00 17.10 ? 23  ILE B C   1 
ATOM   865  O  O   . ILE B 1 26 ? 0.947   4.830   -6.673  1.00 17.20 ? 23  ILE B O   1 
ATOM   866  C  CB  . ILE B 1 26 ? 2.573   7.394   -5.458  1.00 16.72 ? 23  ILE B CB  1 
ATOM   867  C  CG1 . ILE B 1 26 ? 2.688   6.247   -4.409  1.00 16.08 ? 23  ILE B CG1 1 
ATOM   868  C  CG2 . ILE B 1 26 ? 2.497   8.819   -4.798  1.00 16.10 ? 23  ILE B CG2 1 
ATOM   869  C  CD1 . ILE B 1 26 ? 3.977   6.283   -3.476  1.00 17.95 ? 23  ILE B CD1 1 
ATOM   870  N  N   . THR B 1 27 ? 2.272   5.885   -8.186  1.00 16.85 ? 24  THR B N   1 
ATOM   871  C  CA  . THR B 1 27 ? 2.554   4.674   -8.937  1.00 17.39 ? 24  THR B CA  1 
ATOM   872  C  C   . THR B 1 27 ? 4.035   4.437   -8.876  1.00 18.14 ? 24  THR B C   1 
ATOM   873  O  O   . THR B 1 27 ? 4.807   5.383   -9.059  1.00 16.77 ? 24  THR B O   1 
ATOM   874  C  CB  . THR B 1 27 ? 2.099   4.823   -10.393 1.00 17.21 ? 24  THR B CB  1 
ATOM   875  O  OG1 . THR B 1 27 ? 0.691   5.091   -10.402 1.00 19.12 ? 24  THR B OG1 1 
ATOM   876  C  CG2 . THR B 1 27 ? 2.358   3.529   -11.173 1.00 19.18 ? 24  THR B CG2 1 
ATOM   877  N  N   . LEU B 1 28 ? 4.421   3.194   -8.587  1.00 17.97 ? 25  LEU B N   1 
ATOM   878  C  CA  . LEU B 1 28 ? 5.834   2.813   -8.513  1.00 19.51 ? 25  LEU B CA  1 
ATOM   879  C  C   . LEU B 1 28 ? 6.225   1.945   -9.712  1.00 19.92 ? 25  LEU B C   1 
ATOM   880  O  O   . LEU B 1 28 ? 5.561   0.932   -9.976  1.00 20.17 ? 25  LEU B O   1 
ATOM   881  C  CB  . LEU B 1 28 ? 6.061   2.004   -7.229  1.00 19.92 ? 25  LEU B CB  1 
ATOM   882  C  CG  . LEU B 1 28 ? 5.666   2.668   -5.902  1.00 20.19 ? 25  LEU B CG  1 
ATOM   883  C  CD1 . LEU B 1 28 ? 5.824   1.632   -4.802  1.00 21.64 ? 25  LEU B CD1 1 
ATOM   884  C  CD2 . LEU B 1 28 ? 6.546   3.878   -5.594  1.00 19.30 ? 25  LEU B CD2 1 
ATOM   885  N  N   . ASP B 1 29 ? 7.294   2.342   -10.420 1.00 20.26 ? 26  ASP B N   1 
ATOM   886  C  CA  . ASP B 1 29 ? 7.828   1.606   -11.589 1.00 20.76 ? 26  ASP B CA  1 
ATOM   887  C  C   . ASP B 1 29 ? 6.762   1.214   -12.618 1.00 20.95 ? 26  ASP B C   1 
ATOM   888  O  O   . ASP B 1 29 ? 6.830   0.133   -13.218 1.00 20.90 ? 26  ASP B O   1 
ATOM   889  C  CB  . ASP B 1 29 ? 8.619   0.364   -11.125 1.00 21.36 ? 26  ASP B CB  1 
ATOM   890  C  CG  . ASP B 1 29 ? 9.989   0.708   -10.535 1.00 22.65 ? 26  ASP B CG  1 
ATOM   891  O  OD1 . ASP B 1 29 ? 10.306  1.907   -10.337 1.00 26.42 ? 26  ASP B OD1 1 
ATOM   892  O  OD2 . ASP B 1 29 ? 10.764  -0.232  -10.295 1.00 26.82 ? 26  ASP B OD2 1 
ATOM   893  N  N   . GLU B 1 30 ? 5.781   2.085   -12.810 1.00 21.06 ? 27  GLU B N   1 
ATOM   894  C  CA  . GLU B 1 30 ? 4.669   1.851   -13.738 1.00 23.73 ? 27  GLU B CA  1 
ATOM   895  C  C   . GLU B 1 30 ? 3.931   0.537   -13.524 1.00 22.57 ? 27  GLU B C   1 
ATOM   896  O  O   . GLU B 1 30 ? 3.290   0.030   -14.460 1.00 24.28 ? 27  GLU B O   1 
ATOM   897  C  CB  . GLU B 1 30 ? 5.159   1.930   -15.194 1.00 23.40 ? 27  GLU B CB  1 
ATOM   898  C  CG  . GLU B 1 30 ? 5.875   3.227   -15.534 1.00 26.86 ? 27  GLU B CG  1 
ATOM   899  C  CD  . GLU B 1 30 ? 6.376   3.239   -16.961 1.00 29.08 ? 27  GLU B CD  1 
ATOM   900  O  OE1 . GLU B 1 30 ? 5.584   2.916   -17.872 1.00 35.47 ? 27  GLU B OE1 1 
ATOM   901  O  OE2 . GLU B 1 30 ? 7.570   3.533   -17.164 1.00 38.75 ? 27  GLU B OE2 1 
ATOM   902  N  N   . ALA B 1 31 ? 3.999   -0.006  -12.313 1.00 21.75 ? 28  ALA B N   1 
ATOM   903  C  CA  . ALA B 1 31 ? 3.563   -1.383  -12.053 1.00 20.49 ? 28  ALA B CA  1 
ATOM   904  C  C   . ALA B 1 31 ? 2.631   -1.556  -10.857 1.00 19.72 ? 28  ALA B C   1 
ATOM   905  O  O   . ALA B 1 31 ? 1.875   -2.527  -10.785 1.00 18.70 ? 28  ALA B O   1 
ATOM   906  C  CB  . ALA B 1 31 ? 4.786   -2.291  -11.868 1.00 20.42 ? 28  ALA B CB  1 
ATOM   907  N  N   . PHE B 1 32 ? 2.728   -0.656  -9.890  1.00 18.52 ? 29  PHE B N   1 
ATOM   908  C  CA  . PHE B 1 32 ? 2.006   -0.847  -8.646  1.00 17.70 ? 29  PHE B CA  1 
ATOM   909  C  C   . PHE B 1 32 ? 1.515   0.489   -8.141  1.00 17.47 ? 29  PHE B C   1 
ATOM   910  O  O   . PHE B 1 32 ? 2.302   1.443   -8.080  1.00 16.72 ? 29  PHE B O   1 
ATOM   911  C  CB  . PHE B 1 32 ? 2.949   -1.454  -7.604  1.00 18.96 ? 29  PHE B CB  1 
ATOM   912  C  CG  . PHE B 1 32 ? 2.248   -2.073  -6.447  1.00 20.86 ? 29  PHE B CG  1 
ATOM   913  C  CD1 . PHE B 1 32 ? 1.528   -3.244  -6.607  1.00 23.98 ? 29  PHE B CD1 1 
ATOM   914  C  CD2 . PHE B 1 32 ? 2.327   -1.496  -5.181  1.00 23.21 ? 29  PHE B CD2 1 
ATOM   915  C  CE1 . PHE B 1 32 ? 0.842   -3.840  -5.530  1.00 22.77 ? 29  PHE B CE1 1 
ATOM   916  C  CE2 . PHE B 1 32 ? 1.689   -2.094  -4.112  1.00 22.19 ? 29  PHE B CE2 1 
ATOM   917  C  CZ  . PHE B 1 32 ? 0.932   -3.272  -4.301  1.00 22.40 ? 29  PHE B CZ  1 
ATOM   918  N  N   . VAL B 1 33 ? 0.241   0.563   -7.764  1.00 16.16 ? 30  VAL B N   1 
ATOM   919  C  CA  . VAL B 1 33 ? -0.331  1.844   -7.288  1.00 15.97 ? 30  VAL B CA  1 
ATOM   920  C  C   . VAL B 1 33 ? -0.636  1.784   -5.788  1.00 15.77 ? 30  VAL B C   1 
ATOM   921  O  O   . VAL B 1 33 ? -1.156  0.773   -5.297  1.00 15.05 ? 30  VAL B O   1 
ATOM   922  C  CB  . VAL B 1 33 ? -1.586  2.284   -8.111  1.00 15.93 ? 30  VAL B CB  1 
ATOM   923  C  CG1 . VAL B 1 33 ? -2.663  1.206   -8.092  1.00 20.49 ? 30  VAL B CG1 1 
ATOM   924  C  CG2 . VAL B 1 33 ? -2.176  3.643   -7.556  1.00 16.76 ? 30  VAL B CG2 1 
ATOM   925  N  N   . ILE B 1 34 ? -0.266  2.834   -5.061  1.00 14.57 ? 31  ILE B N   1 
ATOM   926  C  CA  . ILE B 1 34 ? -0.629  2.959   -3.653  1.00 15.13 ? 31  ILE B CA  1 
ATOM   927  C  C   . ILE B 1 34 ? -1.554  4.140   -3.525  1.00 14.79 ? 31  ILE B C   1 
ATOM   928  O  O   . ILE B 1 34 ? -1.212  5.243   -3.971  1.00 15.09 ? 31  ILE B O   1 
ATOM   929  C  CB  . ILE B 1 34 ? 0.599   3.233   -2.741  1.00 15.44 ? 31  ILE B CB  1 
ATOM   930  C  CG1 . ILE B 1 34 ? 1.798   2.339   -3.118  1.00 19.13 ? 31  ILE B CG1 1 
ATOM   931  C  CG2 . ILE B 1 34 ? 0.186   3.151   -1.244  1.00 14.35 ? 31  ILE B CG2 1 
ATOM   932  C  CD1 . ILE B 1 34 ? 1.489   0.894   -2.858  1.00 22.93 ? 31  ILE B CD1 1 
ATOM   933  N  N   . HIS B 1 35 ? -2.697  3.931   -2.871  1.00 13.34 ? 32  HIS B N   1 
ATOM   934  C  CA  . HIS B 1 35 ? -3.700  4.980   -2.702  1.00 14.01 ? 32  HIS B CA  1 
ATOM   935  C  C   . HIS B 1 35 ? -3.723  5.472   -1.250  1.00 13.10 ? 32  HIS B C   1 
ATOM   936  O  O   . HIS B 1 35 ? -3.126  4.855   -0.353  1.00 13.03 ? 32  HIS B O   1 
ATOM   937  C  CB  . HIS B 1 35 ? -5.100  4.434   -3.030  1.00 13.41 ? 32  HIS B CB  1 
ATOM   938  C  CG  . HIS B 1 35 ? -5.274  4.042   -4.463  1.00 16.31 ? 32  HIS B CG  1 
ATOM   939  N  ND1 . HIS B 1 35 ? -5.445  4.963   -5.475  1.00 19.26 ? 32  HIS B ND1 1 
ATOM   940  C  CD2 . HIS B 1 35 ? -5.328  2.822   -5.052  1.00 19.07 ? 32  HIS B CD2 1 
ATOM   941  C  CE1 . HIS B 1 35 ? -5.587  4.330   -6.629  1.00 19.81 ? 32  HIS B CE1 1 
ATOM   942  N  NE2 . HIS B 1 35 ? -5.525  3.031   -6.402  1.00 18.78 ? 32  HIS B NE2 1 
ATOM   943  N  N   . ASP B 1 36 ? -4.441  6.569   -1.035  1.00 13.34 ? 33  ASP B N   1 
ATOM   944  C  CA  . ASP B 1 36 ? -4.725  7.113   0.288   1.00 14.31 ? 33  ASP B CA  1 
ATOM   945  C  C   . ASP B 1 36 ? -3.510  7.664   1.029   1.00 14.13 ? 33  ASP B C   1 
ATOM   946  O  O   . ASP B 1 36 ? -3.495  7.744   2.270   1.00 13.32 ? 33  ASP B O   1 
ATOM   947  C  CB  . ASP B 1 36 ? -5.476  6.089   1.155   1.00 15.35 ? 33  ASP B CB  1 
ATOM   948  C  CG  . ASP B 1 36 ? -6.362  6.743   2.200   1.00 19.76 ? 33  ASP B CG  1 
ATOM   949  O  OD1 . ASP B 1 36 ? -6.844  7.884   1.966   1.00 19.72 ? 33  ASP B OD1 1 
ATOM   950  O  OD2 . ASP B 1 36 ? -6.598  6.105   3.247   1.00 23.99 ? 33  ASP B OD2 1 
ATOM   951  N  N   . LEU B 1 37 ? -2.486  8.040   0.271   1.00 12.95 ? 34  LEU B N   1 
ATOM   952  C  CA  . LEU B 1 37 ? -1.488  8.980   0.818   1.00 13.27 ? 34  LEU B CA  1 
ATOM   953  C  C   . LEU B 1 37 ? -2.152  10.347  1.004   1.00 13.93 ? 34  LEU B C   1 
ATOM   954  O  O   . LEU B 1 37 ? -3.207  10.631  0.419   1.00 13.70 ? 34  LEU B O   1 
ATOM   955  C  CB  . LEU B 1 37 ? -0.256  9.113   -0.107  1.00 12.37 ? 34  LEU B CB  1 
ATOM   956  C  CG  . LEU B 1 37 ? 0.688   7.907   -0.221  1.00 13.79 ? 34  LEU B CG  1 
ATOM   957  C  CD1 . LEU B 1 37 ? 0.140   6.851   -1.177  1.00 12.57 ? 34  LEU B CD1 1 
ATOM   958  C  CD2 . LEU B 1 37 ? 2.079   8.411   -0.681  1.00 14.49 ? 34  LEU B CD2 1 
ATOM   959  N  N   . ARG B 1 38 ? -1.571  11.185  1.858   1.00 14.43 ? 35  ARG B N   1 
ATOM   960  C  CA  . ARG B 1 38 ? -2.122  12.526  2.053   1.00 14.93 ? 35  ARG B CA  1 
ATOM   961  C  C   . ARG B 1 38 ? -1.016  13.550  2.187   1.00 14.51 ? 35  ARG B C   1 
ATOM   962  O  O   . ARG B 1 38 ? 0.065   13.238  2.707   1.00 15.30 ? 35  ARG B O   1 
ATOM   963  C  CB  . ARG B 1 38 ? -3.021  12.564  3.302   1.00 16.25 ? 35  ARG B CB  1 
ATOM   964  C  CG  . ARG B 1 38 ? -2.416  12.034  4.570   1.00 20.93 ? 35  ARG B CG  1 
ATOM   965  C  CD  . ARG B 1 38 ? -2.502  10.474  4.719   1.00 26.77 ? 35  ARG B CD  1 
ATOM   966  N  NE  . ARG B 1 38 ? -3.747  9.902   4.187   1.00 28.42 ? 35  ARG B NE  1 
ATOM   967  C  CZ  . ARG B 1 38 ? -4.921  9.930   4.819   1.00 29.07 ? 35  ARG B CZ  1 
ATOM   968  N  NH1 . ARG B 1 38 ? -5.017  10.533  6.000   1.00 27.70 ? 35  ARG B NH1 1 
ATOM   969  N  NH2 . ARG B 1 38 ? -6.011  9.383   4.259   1.00 27.34 ? 35  ARG B NH2 1 
ATOM   970  N  N   . VAL B 1 39 ? -1.281  14.745  1.679   1.00 13.25 ? 36  VAL B N   1 
ATOM   971  C  CA  . VAL B 1 39 ? -0.469  15.919  2.002   1.00 14.29 ? 36  VAL B CA  1 
ATOM   972  C  C   . VAL B 1 39 ? -1.060  16.514  3.277   1.00 14.66 ? 36  VAL B C   1 
ATOM   973  O  O   . VAL B 1 39 ? -2.264  16.802  3.336   1.00 14.77 ? 36  VAL B O   1 
ATOM   974  C  CB  . VAL B 1 39 ? -0.490  16.958  0.852   1.00 14.51 ? 36  VAL B CB  1 
ATOM   975  C  CG1 . VAL B 1 39 ? 0.205   18.279  1.281   1.00 14.05 ? 36  VAL B CG1 1 
ATOM   976  C  CG2 . VAL B 1 39 ? 0.153   16.363  -0.407  1.00 14.27 ? 36  VAL B CG2 1 
ATOM   977  N  N   . ILE B 1 40 ? -0.198  16.724  4.273   1.00 14.63 ? 37  ILE B N   1 
ATOM   978  C  CA  . ILE B 1 40 ? -0.612  17.285  5.539   1.00 16.56 ? 37  ILE B CA  1 
ATOM   979  C  C   . ILE B 1 40 ? 0.184   18.568  5.773   1.00 18.43 ? 37  ILE B C   1 
ATOM   980  O  O   . ILE B 1 40 ? 1.398   18.594  5.542   1.00 16.48 ? 37  ILE B O   1 
ATOM   981  C  CB  . ILE B 1 40 ? -0.315  16.302  6.698   1.00 16.18 ? 37  ILE B CB  1 
ATOM   982  C  CG1 . ILE B 1 40 ? -1.069  14.953  6.511   1.00 18.87 ? 37  ILE B CG1 1 
ATOM   983  C  CG2 . ILE B 1 40 ? -0.649  16.948  8.058   1.00 16.50 ? 37  ILE B CG2 1 
ATOM   984  C  CD1 . ILE B 1 40 ? -2.552  15.099  6.396   1.00 22.75 ? 37  ILE B CD1 1 
ATOM   985  N  N   . GLU B 1 41 ? -0.513  19.604  6.241   1.00 19.54 ? 38  GLU B N   1 
ATOM   986  C  CA  . GLU B 1 41 ? 0.141   20.877  6.597   1.00 23.00 ? 38  GLU B CA  1 
ATOM   987  C  C   . GLU B 1 41 ? 0.008   21.125  8.088   1.00 24.39 ? 38  GLU B C   1 
ATOM   988  O  O   . GLU B 1 41 ? -1.081  21.079  8.660   1.00 25.42 ? 38  GLU B O   1 
ATOM   989  C  CB  . GLU B 1 41 ? -0.467  22.074  5.826   1.00 22.69 ? 38  GLU B CB  1 
ATOM   990  C  CG  . GLU B 1 41 ? 0.125   23.445  6.268   1.00 24.96 ? 38  GLU B CG  1 
ATOM   991  C  CD  . GLU B 1 41 ? -0.289  24.641  5.396   1.00 27.18 ? 38  GLU B CD  1 
ATOM   992  O  OE1 . GLU B 1 41 ? -0.970  24.471  4.365   1.00 33.20 ? 38  GLU B OE1 1 
ATOM   993  O  OE2 . GLU B 1 41 ? 0.113   25.764  5.738   1.00 34.41 ? 38  GLU B OE2 1 
ATOM   994  N  N   . GLY B 1 42 ? 1.139   21.354  8.716   1.00 26.40 ? 39  GLY B N   1 
ATOM   995  C  CA  . GLY B 1 42 ? 1.177   21.799  10.113  1.00 27.63 ? 39  GLY B CA  1 
ATOM   996  C  C   . GLY B 1 42 ? 2.074   23.012  10.146  1.00 27.77 ? 39  GLY B C   1 
ATOM   997  O  O   . GLY B 1 42 ? 2.738   23.332  9.163   1.00 27.67 ? 39  GLY B O   1 
ATOM   998  N  N   . ASN B 1 43 ? 2.082   23.726  11.270  1.00 28.14 ? 40  ASN B N   1 
ATOM   999  C  CA  . ASN B 1 43 ? 3.015   24.850  11.386  1.00 27.96 ? 40  ASN B CA  1 
ATOM   1000 C  C   . ASN B 1 43 ? 4.497   24.439  11.340  1.00 26.91 ? 40  ASN B C   1 
ATOM   1001 O  O   . ASN B 1 43 ? 5.336   25.319  11.122  1.00 27.82 ? 40  ASN B O   1 
ATOM   1002 C  CB  . ASN B 1 43 ? 2.698   25.719  12.619  1.00 28.24 ? 40  ASN B CB  1 
ATOM   1003 C  CG  . ASN B 1 43 ? 1.479   26.581  12.401  1.00 30.43 ? 40  ASN B CG  1 
ATOM   1004 O  OD1 . ASN B 1 43 ? 1.342   27.215  11.352  1.00 32.25 ? 40  ASN B OD1 1 
ATOM   1005 N  ND2 . ASN B 1 43 ? 0.565   26.569  13.350  1.00 30.79 ? 40  ASN B ND2 1 
ATOM   1006 N  N   . SER B 1 44 ? 4.810   23.141  11.510  1.00 25.03 ? 41  SER B N   1 
ATOM   1007 C  CA  . SER B 1 44 ? 6.225   22.640  11.382  1.00 22.64 ? 41  SER B CA  1 
ATOM   1008 C  C   . SER B 1 44 ? 6.631   22.291  9.944   1.00 19.93 ? 41  SER B C   1 
ATOM   1009 O  O   . SER B 1 44 ? 7.815   22.038  9.660   1.00 17.77 ? 41  SER B O   1 
ATOM   1010 C  CB  . SER B 1 44 ? 6.498   21.445  12.285  1.00 25.20 ? 41  SER B CB  1 
ATOM   1011 O  OG  . SER B 1 44 ? 5.781   20.314  11.814  1.00 29.72 ? 41  SER B OG  1 
ATOM   1012 N  N   . GLY B 1 45 ? 5.639   22.302  9.058   1.00 17.19 ? 42  GLY B N   1 
ATOM   1013 C  CA  . GLY B 1 45 ? 5.866   22.219  7.616   1.00 16.23 ? 42  GLY B CA  1 
ATOM   1014 C  C   . GLY B 1 45 ? 4.940   21.223  6.942   1.00 16.77 ? 42  GLY B C   1 
ATOM   1015 O  O   . GLY B 1 45 ? 4.118   20.545  7.596   1.00 17.39 ? 42  GLY B O   1 
ATOM   1016 N  N   . LEU B 1 46 ? 5.061   21.162  5.631   1.00 15.20 ? 43  LEU B N   1 
ATOM   1017 C  CA  . LEU B 1 46 ? 4.255   20.248  4.791   1.00 15.15 ? 43  LEU B CA  1 
ATOM   1018 C  C   . LEU B 1 46 ? 4.894   18.876  4.743   1.00 15.89 ? 43  LEU B C   1 
ATOM   1019 O  O   . LEU B 1 46 ? 6.136   18.746  4.698   1.00 15.59 ? 43  LEU B O   1 
ATOM   1020 C  CB  . LEU B 1 46 ? 4.158   20.811  3.364   1.00 15.96 ? 43  LEU B CB  1 
ATOM   1021 C  CG  . LEU B 1 46 ? 3.280   22.077  3.303   1.00 17.04 ? 43  LEU B CG  1 
ATOM   1022 C  CD1 . LEU B 1 46 ? 3.683   23.092  2.209   1.00 21.98 ? 43  LEU B CD1 1 
ATOM   1023 C  CD2 . LEU B 1 46 ? 1.841   21.599  3.074   1.00 21.05 ? 43  LEU B CD2 1 
ATOM   1024 N  N   . PHE B 1 47 ? 4.064   17.832  4.761   1.00 14.51 ? 44  PHE B N   1 
ATOM   1025 C  CA  . PHE B 1 47 ? 4.613   16.506  4.549   1.00 13.97 ? 44  PHE B CA  1 
ATOM   1026 C  C   . PHE B 1 47 ? 3.611   15.585  3.856   1.00 14.12 ? 44  PHE B C   1 
ATOM   1027 O  O   . PHE B 1 47 ? 2.449   15.940  3.712   1.00 13.32 ? 44  PHE B O   1 
ATOM   1028 C  CB  . PHE B 1 47 ? 5.148   15.898  5.859   1.00 14.49 ? 44  PHE B CB  1 
ATOM   1029 C  CG  . PHE B 1 47 ? 4.084   15.608  6.910   1.00 16.14 ? 44  PHE B CG  1 
ATOM   1030 C  CD1 . PHE B 1 47 ? 3.613   16.622  7.758   1.00 18.91 ? 44  PHE B CD1 1 
ATOM   1031 C  CD2 . PHE B 1 47 ? 3.613   14.295  7.096   1.00 19.83 ? 44  PHE B CD2 1 
ATOM   1032 C  CE1 . PHE B 1 47 ? 2.649   16.331  8.751   1.00 20.35 ? 44  PHE B CE1 1 
ATOM   1033 C  CE2 . PHE B 1 47 ? 2.657   13.993  8.087   1.00 18.49 ? 44  PHE B CE2 1 
ATOM   1034 C  CZ  . PHE B 1 47 ? 2.189   15.001  8.920   1.00 20.04 ? 44  PHE B CZ  1 
ATOM   1035 N  N   . VAL B 1 48 ? 4.102   14.425  3.422   1.00 14.12 ? 45  VAL B N   1 
ATOM   1036 C  CA  . VAL B 1 48 ? 3.287   13.406  2.754   1.00 13.56 ? 45  VAL B CA  1 
ATOM   1037 C  C   . VAL B 1 48 ? 3.267   12.181  3.629   1.00 14.76 ? 45  VAL B C   1 
ATOM   1038 O  O   . VAL B 1 48 ? 4.314   11.648  3.985   1.00 14.99 ? 45  VAL B O   1 
ATOM   1039 C  CB  . VAL B 1 48 ? 3.835   13.129  1.354   1.00 14.22 ? 45  VAL B CB  1 
ATOM   1040 C  CG1 . VAL B 1 48 ? 3.138   11.916  0.708   1.00 14.41 ? 45  VAL B CG1 1 
ATOM   1041 C  CG2 . VAL B 1 48 ? 3.693   14.431  0.510   1.00 15.09 ? 45  VAL B CG2 1 
ATOM   1042 N  N   . ALA B 1 49 ? 2.074   11.749  3.993   1.00 13.13 ? 46  ALA B N   1 
ATOM   1043 C  CA  . ALA B 1 49 ? 1.918   10.577  4.848   1.00 12.98 ? 46  ALA B CA  1 
ATOM   1044 C  C   . ALA B 1 49 ? 1.464   9.390   4.030   1.00 12.91 ? 46  ALA B C   1 
ATOM   1045 O  O   . ALA B 1 49 ? 0.711   9.531   3.074   1.00 13.95 ? 46  ALA B O   1 
ATOM   1046 C  CB  . ALA B 1 49 ? 0.892   10.836  5.990   1.00 13.38 ? 46  ALA B CB  1 
HETATM 1047 N  N   . MSE B 1 50 ? 1.872   8.216   4.462   1.00 13.31 ? 47  MSE B N   1 
HETATM 1048 C  CA  . MSE B 1 50 ? 1.398   6.979   3.859   1.00 13.75 ? 47  MSE B CA  1 
HETATM 1049 C  C   . MSE B 1 50 ? -0.049  6.662   4.296   1.00 13.38 ? 47  MSE B C   1 
HETATM 1050 O  O   . MSE B 1 50 ? -0.541  7.168   5.347   1.00 13.71 ? 47  MSE B O   1 
HETATM 1051 C  CB  . MSE B 1 50 ? 2.301   5.834   4.307   1.00 15.32 ? 47  MSE B CB  1 
HETATM 1052 C  CG  . MSE B 1 50 ? 3.777   6.008   3.959   1.00 15.65 ? 47  MSE B CG  1 
HETATM 1053 SE SE  . MSE B 1 50 ? 4.041   5.947   2.030   0.80 25.54 ? 47  MSE B SE  1 
HETATM 1054 C  CE  . MSE B 1 50 ? 4.590   7.795   1.772   1.00 21.12 ? 47  MSE B CE  1 
ATOM   1055 N  N   . PRO B 1 51 ? -0.735  5.798   3.535   1.00 14.96 ? 48  PRO B N   1 
ATOM   1056 C  CA  . PRO B 1 51 ? -2.034  5.276   4.044   1.00 14.55 ? 48  PRO B CA  1 
ATOM   1057 C  C   . PRO B 1 51 ? -1.777  4.590   5.384   1.00 15.28 ? 48  PRO B C   1 
ATOM   1058 O  O   . PRO B 1 51 ? -0.740  3.963   5.551   1.00 14.33 ? 48  PRO B O   1 
ATOM   1059 C  CB  . PRO B 1 51 ? -2.443  4.237   2.961   1.00 14.35 ? 48  PRO B CB  1 
ATOM   1060 C  CG  . PRO B 1 51 ? -1.164  3.906   2.227   1.00 15.42 ? 48  PRO B CG  1 
ATOM   1061 C  CD  . PRO B 1 51 ? -0.388  5.215   2.231   1.00 15.05 ? 48  PRO B CD  1 
ATOM   1062 N  N   . SER B 1 52 ? -2.682  4.728   6.359   1.00 16.49 ? 49  SER B N   1 
ATOM   1063 C  CA  . SER B 1 52 ? -2.389  4.175   7.690   1.00 18.39 ? 49  SER B CA  1 
ATOM   1064 C  C   . SER B 1 52 ? -3.635  3.610   8.335   1.00 19.18 ? 49  SER B C   1 
ATOM   1065 O  O   . SER B 1 52 ? -4.738  3.903   7.884   1.00 17.54 ? 49  SER B O   1 
ATOM   1066 C  CB  . SER B 1 52 ? -1.808  5.249   8.607   1.00 19.25 ? 49  SER B CB  1 
ATOM   1067 O  OG  . SER B 1 52 ? -2.711  6.294   8.779   1.00 20.24 ? 49  SER B OG  1 
ATOM   1068 N  N   . LYS B 1 53 ? -3.431  2.789   9.359   1.00 20.90 ? 50  LYS B N   1 
ATOM   1069 C  CA  . LYS B 1 53 ? -4.519  2.133   10.095  1.00 25.35 ? 50  LYS B CA  1 
ATOM   1070 C  C   . LYS B 1 53 ? -4.262  2.308   11.585  1.00 26.15 ? 50  LYS B C   1 
ATOM   1071 O  O   . LYS B 1 53 ? -3.111  2.418   12.008  1.00 24.96 ? 50  LYS B O   1 
ATOM   1072 C  CB  . LYS B 1 53 ? -4.520  0.617   9.793   1.00 25.95 ? 50  LYS B CB  1 
ATOM   1073 C  CG  . LYS B 1 53 ? -3.096  0.010   9.986   1.00 27.65 ? 50  LYS B CG  1 
ATOM   1074 C  CD  . LYS B 1 53 ? -3.006  -1.516  9.934   1.00 29.36 ? 50  LYS B CD  1 
ATOM   1075 C  CE  . LYS B 1 53 ? -1.535  -1.920  9.831   1.00 32.39 ? 50  LYS B CE  1 
ATOM   1076 N  NZ  . LYS B 1 53 ? -1.341  -3.392  9.721   1.00 36.32 ? 50  LYS B NZ  1 
ATOM   1077 N  N   . ARG B 1 54 ? -5.339  2.363   12.367  1.00 28.75 ? 51  ARG B N   1 
ATOM   1078 C  CA  . ARG B 1 54 ? -5.272  2.182   13.813  1.00 32.63 ? 51  ARG B CA  1 
ATOM   1079 C  C   . ARG B 1 54 ? -4.866  0.737   14.086  1.00 34.90 ? 51  ARG B C   1 
ATOM   1080 O  O   . ARG B 1 54 ? -5.460  -0.204  13.525  1.00 34.33 ? 51  ARG B O   1 
ATOM   1081 C  CB  . ARG B 1 54 ? -6.666  2.422   14.414  1.00 32.71 ? 51  ARG B CB  1 
ATOM   1082 C  CG  . ARG B 1 54 ? -6.776  2.206   15.928  1.00 34.51 ? 51  ARG B CG  1 
ATOM   1083 C  CD  . ARG B 1 54 ? -6.502  3.482   16.686  1.00 38.14 ? 51  ARG B CD  1 
ATOM   1084 N  NE  . ARG B 1 54 ? -7.636  4.410   16.627  1.00 38.24 ? 51  ARG B NE  1 
ATOM   1085 C  CZ  . ARG B 1 54 ? -7.672  5.586   17.248  1.00 38.63 ? 51  ARG B CZ  1 
ATOM   1086 N  NH1 . ARG B 1 54 ? -6.648  6.000   17.983  1.00 39.30 ? 51  ARG B NH1 1 
ATOM   1087 N  NH2 . ARG B 1 54 ? -8.732  6.356   17.129  1.00 38.99 ? 51  ARG B NH2 1 
ATOM   1088 N  N   . THR B 1 55 ? -3.854  0.548   14.929  1.00 38.46 ? 52  THR B N   1 
ATOM   1089 C  CA  . THR B 1 55 ? -3.440  -0.816  15.303  1.00 42.43 ? 52  THR B CA  1 
ATOM   1090 C  C   . THR B 1 55 ? -3.991  -1.179  16.698  1.00 43.57 ? 52  THR B C   1 
ATOM   1091 O  O   . THR B 1 55 ? -4.339  -0.267  17.458  1.00 44.12 ? 52  THR B O   1 
ATOM   1092 C  CB  . THR B 1 55 ? -1.894  -1.001  15.206  1.00 41.94 ? 52  THR B CB  1 
ATOM   1093 O  OG1 . THR B 1 55 ? -1.229  0.166   15.721  1.00 43.06 ? 52  THR B OG1 1 
ATOM   1094 C  CG2 . THR B 1 55 ? -1.480  -1.232  13.741  1.00 42.69 ? 52  THR B CG2 1 
ATOM   1095 N  N   . PRO B 1 56 ? -4.085  -2.502  17.026  1.00 45.32 ? 53  PRO B N   1 
ATOM   1096 C  CA  . PRO B 1 56 ? -4.637  -3.051  18.291  1.00 45.83 ? 53  PRO B CA  1 
ATOM   1097 C  C   . PRO B 1 56 ? -4.301  -2.315  19.602  1.00 47.57 ? 53  PRO B C   1 
ATOM   1098 O  O   . PRO B 1 56 ? -4.941  -2.556  20.635  1.00 48.24 ? 53  PRO B O   1 
ATOM   1099 C  CB  . PRO B 1 56 ? -4.109  -4.478  18.302  1.00 46.28 ? 53  PRO B CB  1 
ATOM   1100 C  CG  . PRO B 1 56 ? -4.101  -4.850  16.863  1.00 45.81 ? 53  PRO B CG  1 
ATOM   1101 C  CD  . PRO B 1 56 ? -3.683  -3.600  16.117  1.00 45.12 ? 53  PRO B CD  1 
ATOM   1102 N  N   . ASP B 1 57 ? -3.297  -1.445  19.567  1.00 48.85 ? 54  ASP B N   1 
ATOM   1103 C  CA  . ASP B 1 57 ? -3.260  -0.282  20.443  1.00 49.63 ? 54  ASP B CA  1 
ATOM   1104 C  C   . ASP B 1 57 ? -4.565  0.496   20.050  1.00 49.64 ? 54  ASP B C   1 
ATOM   1105 O  O   . ASP B 1 57 ? -5.614  -0.152  19.926  1.00 50.63 ? 54  ASP B O   1 
ATOM   1106 C  CB  . ASP B 1 57 ? -1.953  0.478   20.183  1.00 50.23 ? 54  ASP B CB  1 
ATOM   1107 C  CG  . ASP B 1 57 ? -1.407  1.175   21.424  1.00 51.88 ? 54  ASP B CG  1 
ATOM   1108 O  OD1 . ASP B 1 57 ? -0.166  1.289   21.531  1.00 53.59 ? 54  ASP B OD1 1 
ATOM   1109 O  OD2 . ASP B 1 57 ? -2.207  1.626   22.282  1.00 53.92 ? 54  ASP B OD2 1 
ATOM   1110 N  N   . GLY B 1 58 ? -4.590  1.822   19.867  1.00 48.81 ? 55  GLY B N   1 
ATOM   1111 C  CA  . GLY B 1 58 ? -3.573  2.770   20.264  1.00 47.31 ? 55  GLY B CA  1 
ATOM   1112 C  C   . GLY B 1 58 ? -3.184  3.716   19.159  1.00 46.18 ? 55  GLY B C   1 
ATOM   1113 O  O   . GLY B 1 58 ? -3.791  4.786   18.989  1.00 46.53 ? 55  GLY B O   1 
ATOM   1114 N  N   . GLU B 1 59 ? -2.171  3.309   18.400  1.00 44.41 ? 56  GLU B N   1 
ATOM   1115 C  CA  . GLU B 1 59 ? -1.507  4.208   17.477  1.00 42.63 ? 56  GLU B CA  1 
ATOM   1116 C  C   . GLU B 1 59 ? -1.810  3.860   16.016  1.00 40.05 ? 56  GLU B C   1 
ATOM   1117 O  O   . GLU B 1 59 ? -2.473  2.860   15.712  1.00 40.79 ? 56  GLU B O   1 
ATOM   1118 C  CB  . GLU B 1 59 ? 0.009   4.204   17.731  1.00 43.25 ? 56  GLU B CB  1 
ATOM   1119 C  CG  . GLU B 1 59 ? 0.619   5.611   17.906  1.00 46.64 ? 56  GLU B CG  1 
ATOM   1120 C  CD  . GLU B 1 59 ? 0.468   6.517   16.670  1.00 49.08 ? 56  GLU B CD  1 
ATOM   1121 O  OE1 . GLU B 1 59 ? -0.626  7.095   16.476  1.00 49.47 ? 56  GLU B OE1 1 
ATOM   1122 O  OE2 . GLU B 1 59 ? 1.451   6.668   15.903  1.00 51.53 ? 56  GLU B OE2 1 
ATOM   1123 N  N   . PHE B 1 60 ? -1.305  4.697   15.125  1.00 36.50 ? 57  PHE B N   1 
ATOM   1124 C  CA  . PHE B 1 60 ? -1.482  4.521   13.696  1.00 32.82 ? 57  PHE B CA  1 
ATOM   1125 C  C   . PHE B 1 60 ? -0.176  4.064   13.077  1.00 30.34 ? 57  PHE B C   1 
ATOM   1126 O  O   . PHE B 1 60 ? 0.903   4.519   13.472  1.00 29.80 ? 57  PHE B O   1 
ATOM   1127 C  CB  . PHE B 1 60 ? -1.976  5.815   13.062  1.00 33.43 ? 57  PHE B CB  1 
ATOM   1128 C  CG  . PHE B 1 60 ? -3.355  6.212   13.531  1.00 33.53 ? 57  PHE B CG  1 
ATOM   1129 C  CD1 . PHE B 1 60 ? -4.486  5.735   12.879  1.00 33.54 ? 57  PHE B CD1 1 
ATOM   1130 C  CD2 . PHE B 1 60 ? -3.518  7.019   14.653  1.00 34.40 ? 57  PHE B CD2 1 
ATOM   1131 C  CE1 . PHE B 1 60 ? -5.762  6.081   13.322  1.00 33.95 ? 57  PHE B CE1 1 
ATOM   1132 C  CE2 . PHE B 1 60 ? -4.785  7.371   15.099  1.00 35.19 ? 57  PHE B CE2 1 
ATOM   1133 C  CZ  . PHE B 1 60 ? -5.911  6.894   14.429  1.00 34.41 ? 57  PHE B CZ  1 
ATOM   1134 N  N   . ARG B 1 61 ? -0.282  3.123   12.149  1.00 25.98 ? 58  ARG B N   1 
ATOM   1135 C  CA  . ARG B 1 61 ? 0.894   2.568   11.475  1.00 23.84 ? 58  ARG B CA  1 
ATOM   1136 C  C   . ARG B 1 61 ? 0.627   2.558   9.992   1.00 20.85 ? 58  ARG B C   1 
ATOM   1137 O  O   . ARG B 1 61 ? -0.524  2.403   9.567   1.00 19.26 ? 58  ARG B O   1 
ATOM   1138 C  CB  . ARG B 1 61 ? 1.151   1.152   11.967  1.00 25.00 ? 58  ARG B CB  1 
ATOM   1139 C  CG  . ARG B 1 61 ? 1.511   1.098   13.456  1.00 29.81 ? 58  ARG B CG  1 
ATOM   1140 C  CD  . ARG B 1 61 ? 2.113   -0.255  13.821  1.00 39.48 ? 58  ARG B CD  1 
ATOM   1141 N  NE  . ARG B 1 61 ? 3.126   -0.130  14.873  1.00 44.85 ? 58  ARG B NE  1 
ATOM   1142 C  CZ  . ARG B 1 61 ? 2.978   -0.541  16.134  1.00 48.82 ? 58  ARG B CZ  1 
ATOM   1143 N  NH1 . ARG B 1 61 ? 1.848   -1.126  16.537  1.00 49.45 ? 58  ARG B NH1 1 
ATOM   1144 N  NH2 . ARG B 1 61 ? 3.978   -0.371  16.997  1.00 49.00 ? 58  ARG B NH2 1 
ATOM   1145 N  N   . ASP B 1 62 ? 1.678   2.760   9.214   1.00 18.33 ? 59  ASP B N   1 
ATOM   1146 C  CA  . ASP B 1 62 ? 1.571   2.827   7.751   1.00 17.37 ? 59  ASP B CA  1 
ATOM   1147 C  C   . ASP B 1 62 ? 1.178   1.457   7.227   1.00 17.07 ? 59  ASP B C   1 
ATOM   1148 O  O   . ASP B 1 62 ? 1.753   0.463   7.639   1.00 16.66 ? 59  ASP B O   1 
ATOM   1149 C  CB  . ASP B 1 62 ? 2.943   3.166   7.125   1.00 17.36 ? 59  ASP B CB  1 
ATOM   1150 C  CG  . ASP B 1 62 ? 3.431   4.575   7.448   1.00 19.03 ? 59  ASP B CG  1 
ATOM   1151 O  OD1 . ASP B 1 62 ? 2.613   5.428   7.839   1.00 20.42 ? 59  ASP B OD1 1 
ATOM   1152 O  OD2 . ASP B 1 62 ? 4.659   4.815   7.283   1.00 19.91 ? 59  ASP B OD2 1 
ATOM   1153 N  N   . ILE B 1 63 ? 0.219   1.432   6.308   1.00 15.86 ? 60  ILE B N   1 
ATOM   1154 C  CA  . ILE B 1 63 ? -0.192  0.209   5.626   1.00 15.70 ? 60  ILE B CA  1 
ATOM   1155 C  C   . ILE B 1 63 ? 0.821   -0.149  4.552   1.00 15.34 ? 60  ILE B C   1 
ATOM   1156 O  O   . ILE B 1 63 ? 1.041   -1.334  4.271   1.00 15.32 ? 60  ILE B O   1 
ATOM   1157 C  CB  . ILE B 1 63 ? -1.587  0.390   4.965   1.00 15.60 ? 60  ILE B CB  1 
ATOM   1158 C  CG1 . ILE B 1 63 ? -2.641  0.498   6.096   1.00 15.74 ? 60  ILE B CG1 1 
ATOM   1159 C  CG2 . ILE B 1 63 ? -1.944  -0.824  4.082   1.00 16.03 ? 60  ILE B CG2 1 
ATOM   1160 C  CD1 . ILE B 1 63 ? -4.033  1.083   5.600   1.00 16.78 ? 60  ILE B CD1 1 
ATOM   1161 N  N   . ALA B 1 64 ? 1.425   0.882   3.956   1.00 14.36 ? 61  ALA B N   1 
ATOM   1162 C  CA  . ALA B 1 64 ? 2.455   0.677   2.937   1.00 14.22 ? 61  ALA B CA  1 
ATOM   1163 C  C   . ALA B 1 64 ? 3.517   1.767   3.146   1.00 15.81 ? 61  ALA B C   1 
ATOM   1164 O  O   . ALA B 1 64 ? 3.179   2.919   3.458   1.00 14.76 ? 61  ALA B O   1 
ATOM   1165 C  CB  . ALA B 1 64 ? 1.858   0.780   1.542   1.00 14.28 ? 61  ALA B CB  1 
ATOM   1166 N  N   . HIS B 1 65 ? 4.793   1.423   3.007   1.00 14.74 ? 62  HIS B N   1 
ATOM   1167 C  CA  . HIS B 1 65 ? 5.835   2.424   3.296   1.00 15.85 ? 62  HIS B CA  1 
ATOM   1168 C  C   . HIS B 1 65 ? 7.193   2.017   2.701   1.00 16.29 ? 62  HIS B C   1 
ATOM   1169 O  O   . HIS B 1 65 ? 7.465   0.813   2.512   1.00 15.61 ? 62  HIS B O   1 
ATOM   1170 C  CB  . HIS B 1 65 ? 5.979   2.609   4.820   1.00 15.48 ? 62  HIS B CB  1 
ATOM   1171 C  CG  . HIS B 1 65 ? 6.291   1.330   5.560   1.00 16.96 ? 62  HIS B CG  1 
ATOM   1172 N  ND1 . HIS B 1 65 ? 7.583   0.870   5.762   1.00 17.53 ? 62  HIS B ND1 1 
ATOM   1173 C  CD2 . HIS B 1 65 ? 5.476   0.400   6.109   1.00 17.30 ? 62  HIS B CD2 1 
ATOM   1174 C  CE1 . HIS B 1 65 ? 7.542   -0.285  6.408   1.00 19.66 ? 62  HIS B CE1 1 
ATOM   1175 N  NE2 . HIS B 1 65 ? 6.277   -0.588  6.640   1.00 19.64 ? 62  HIS B NE2 1 
ATOM   1176 N  N   . PRO B 1 66 ? 8.047   3.014   2.426   1.00 16.52 ? 63  PRO B N   1 
ATOM   1177 C  CA  . PRO B 1 66 ? 9.404   2.662   2.019   1.00 17.00 ? 63  PRO B CA  1 
ATOM   1178 C  C   . PRO B 1 66 ? 10.183  2.097   3.198   1.00 17.50 ? 63  PRO B C   1 
ATOM   1179 O  O   . PRO B 1 66 ? 9.857   2.357   4.363   1.00 17.44 ? 63  PRO B O   1 
ATOM   1180 C  CB  . PRO B 1 66 ? 10.018  3.991   1.599   1.00 17.01 ? 63  PRO B CB  1 
ATOM   1181 C  CG  . PRO B 1 66 ? 9.181   5.057   2.247   1.00 17.16 ? 63  PRO B CG  1 
ATOM   1182 C  CD  . PRO B 1 66 ? 7.812   4.471   2.439   1.00 15.51 ? 63  PRO B CD  1 
ATOM   1183 N  N   . ILE B 1 67 ? 11.200  1.308   2.892   1.00 18.15 ? 64  ILE B N   1 
ATOM   1184 C  CA  . ILE B 1 67 ? 12.079  0.806   3.933   1.00 19.28 ? 64  ILE B CA  1 
ATOM   1185 C  C   . ILE B 1 67 ? 13.037  1.915   4.380   1.00 20.26 ? 64  ILE B C   1 
ATOM   1186 O  O   . ILE B 1 67 ? 13.270  2.091   5.573   1.00 22.39 ? 64  ILE B O   1 
ATOM   1187 C  CB  . ILE B 1 67 ? 12.847  -0.443  3.446   1.00 18.67 ? 64  ILE B CB  1 
ATOM   1188 C  CG1 . ILE B 1 67 ? 11.868  -1.630  3.359   1.00 19.99 ? 64  ILE B CG1 1 
ATOM   1189 C  CG2 . ILE B 1 67 ? 13.996  -0.803  4.405   1.00 19.15 ? 64  ILE B CG2 1 
ATOM   1190 C  CD1 . ILE B 1 67 ? 12.437  -2.856  2.674   1.00 21.27 ? 64  ILE B CD1 1 
ATOM   1191 N  N   . ASN B 1 68 ? 13.572  2.647   3.416   1.00 21.40 ? 65  ASN B N   1 
ATOM   1192 C  CA  . ASN B 1 68 ? 14.652  3.621   3.635   1.00 22.08 ? 65  ASN B CA  1 
ATOM   1193 C  C   . ASN B 1 68 ? 14.074  5.021   3.729   1.00 20.96 ? 65  ASN B C   1 
ATOM   1194 O  O   . ASN B 1 68 ? 13.282  5.418   2.872   1.00 20.42 ? 65  ASN B O   1 
ATOM   1195 C  CB  . ASN B 1 68 ? 15.586  3.609   2.436   1.00 23.00 ? 65  ASN B CB  1 
ATOM   1196 C  CG  . ASN B 1 68 ? 16.743  2.656   2.592   1.00 30.41 ? 65  ASN B CG  1 
ATOM   1197 O  OD1 . ASN B 1 68 ? 16.559  1.466   2.855   1.00 33.64 ? 65  ASN B OD1 1 
ATOM   1198 N  ND2 . ASN B 1 68 ? 17.963  3.183   2.418   1.00 37.15 ? 65  ASN B ND2 1 
ATOM   1199 N  N   . SER B 1 69 ? 14.518  5.799   4.720   1.00 20.93 ? 66  SER B N   1 
ATOM   1200 C  CA  . SER B 1 69 ? 13.989  7.162   4.851   1.00 20.58 ? 66  SER B CA  1 
ATOM   1201 C  C   . SER B 1 69 ? 14.311  8.017   3.631   1.00 20.84 ? 66  SER B C   1 
ATOM   1202 O  O   . SER B 1 69 ? 13.536  8.913   3.281   1.00 18.84 ? 66  SER B O   1 
ATOM   1203 C  CB  . SER B 1 69 ? 14.433  7.818   6.170   1.00 21.90 ? 66  SER B CB  1 
ATOM   1204 O  OG  . SER B 1 69 ? 15.821  8.004   6.131   1.00 23.66 ? 66  SER B OG  1 
ATOM   1205 N  N   . ASP B 1 70 ? 15.408  7.724   2.921   1.00 20.47 ? 67  ASP B N   1 
ATOM   1206 C  CA  . ASP B 1 70 ? 15.698  8.474   1.694   1.00 21.43 ? 67  ASP B CA  1 
ATOM   1207 C  C   . ASP B 1 70 ? 14.553  8.361   0.671   1.00 20.40 ? 67  ASP B C   1 
ATOM   1208 O  O   . ASP B 1 70 ? 14.248  9.321   -0.058  1.00 17.98 ? 67  ASP B O   1 
ATOM   1209 C  CB  . ASP B 1 70 ? 17.031  8.039   1.042   1.00 23.32 ? 67  ASP B CB  1 
ATOM   1210 C  CG  . ASP B 1 70 ? 17.173  6.518   0.911   1.00 29.81 ? 67  ASP B CG  1 
ATOM   1211 O  OD1 . ASP B 1 70 ? 16.173  5.769   1.057   1.00 36.66 ? 67  ASP B OD1 1 
ATOM   1212 O  OD2 . ASP B 1 70 ? 18.308  6.038   0.644   1.00 39.33 ? 67  ASP B OD2 1 
HETATM 1213 N  N   . MSE B 1 71 ? 13.941  7.173   0.610   1.00 18.89 ? 68  MSE B N   1 
HETATM 1214 C  CA  . MSE B 1 71 ? 12.842  6.966   -0.332  1.00 18.91 ? 68  MSE B CA  1 
HETATM 1215 C  C   . MSE B 1 71 ? 11.569  7.676   0.144   1.00 17.24 ? 68  MSE B C   1 
HETATM 1216 O  O   . MSE B 1 71 ? 10.768  8.111   -0.673  1.00 17.41 ? 68  MSE B O   1 
HETATM 1217 C  CB  . MSE B 1 71 ? 12.568  5.485   -0.575  1.00 18.33 ? 68  MSE B CB  1 
HETATM 1218 C  CG  . MSE B 1 71 ? 11.487  5.331   -1.596  1.00 21.64 ? 68  MSE B CG  1 
HETATM 1219 SE SE  . MSE B 1 71 ? 11.077  3.534   -2.138  0.40 21.84 ? 68  MSE B SE  1 
HETATM 1220 C  CE  . MSE B 1 71 ? 9.792   3.973   -3.523  1.00 25.94 ? 68  MSE B CE  1 
ATOM   1221 N  N   . ARG B 1 72 ? 11.389  7.788   1.455   1.00 16.48 ? 69  ARG B N   1 
ATOM   1222 C  CA  . ARG B 1 72 ? 10.283  8.582   1.988   1.00 15.95 ? 69  ARG B CA  1 
ATOM   1223 C  C   . ARG B 1 72 ? 10.421  10.045  1.523   1.00 15.58 ? 69  ARG B C   1 
ATOM   1224 O  O   . ARG B 1 72 ? 9.447   10.646  1.074   1.00 14.19 ? 69  ARG B O   1 
ATOM   1225 C  CB  . ARG B 1 72 ? 10.191  8.479   3.496   1.00 16.76 ? 69  ARG B CB  1 
ATOM   1226 C  CG  . ARG B 1 72 ? 9.013   9.246   4.089   1.00 16.24 ? 69  ARG B CG  1 
ATOM   1227 C  CD  . ARG B 1 72 ? 8.887   8.964   5.622   1.00 16.11 ? 69  ARG B CD  1 
ATOM   1228 N  NE  . ARG B 1 72 ? 8.526   7.575   5.929   1.00 15.48 ? 69  ARG B NE  1 
ATOM   1229 C  CZ  . ARG B 1 72 ? 7.267   7.169   6.147   1.00 18.60 ? 69  ARG B CZ  1 
ATOM   1230 N  NH1 . ARG B 1 72 ? 6.271   8.048   6.064   1.00 16.99 ? 69  ARG B NH1 1 
ATOM   1231 N  NH2 . ARG B 1 72 ? 6.992   5.891   6.427   1.00 18.30 ? 69  ARG B NH2 1 
ATOM   1232 N  N   . GLN B 1 73 ? 11.629  10.597  1.616   1.00 15.09 ? 70  GLN B N   1 
ATOM   1233 C  CA  . GLN B 1 73 ? 11.847  11.961  1.132   1.00 14.96 ? 70  GLN B CA  1 
ATOM   1234 C  C   . GLN B 1 73 ? 11.617  12.070  -0.379  1.00 15.62 ? 70  GLN B C   1 
ATOM   1235 O  O   . GLN B 1 73 ? 11.071  13.065  -0.863  1.00 14.42 ? 70  GLN B O   1 
ATOM   1236 C  CB  . GLN B 1 73 ? 13.273  12.407  1.441   1.00 15.82 ? 70  GLN B CB  1 
ATOM   1237 C  CG  . GLN B 1 73 ? 13.511  13.917  1.139   1.00 17.29 ? 70  GLN B CG  1 
ATOM   1238 C  CD  . GLN B 1 73 ? 14.918  14.310  1.524   1.00 20.04 ? 70  GLN B CD  1 
ATOM   1239 O  OE1 . GLN B 1 73 ? 15.877  13.620  1.148   1.00 18.78 ? 70  GLN B OE1 1 
ATOM   1240 N  NE2 . GLN B 1 73 ? 15.057  15.383  2.289   1.00 17.33 ? 70  GLN B NE2 1 
ATOM   1241 N  N   . GLU B 1 74 ? 12.083  11.067  -1.122  1.00 16.84 ? 71  GLU B N   1 
ATOM   1242 C  CA  . GLU B 1 74 ? 11.871  11.010  -2.579  1.00 17.95 ? 71  GLU B CA  1 
ATOM   1243 C  C   . GLU B 1 74 ? 10.375  11.065  -2.959  1.00 17.11 ? 71  GLU B C   1 
ATOM   1244 O  O   . GLU B 1 74 ? 9.988   11.796  -3.881  1.00 15.80 ? 71  GLU B O   1 
ATOM   1245 C  CB  . GLU B 1 74 ? 12.515  9.747   -3.143  1.00 18.98 ? 71  GLU B CB  1 
ATOM   1246 C  CG  . GLU B 1 74 ? 12.437  9.693   -4.640  1.00 23.77 ? 71  GLU B CG  1 
ATOM   1247 C  CD  . GLU B 1 74 ? 13.278  8.568   -5.258  1.00 30.21 ? 71  GLU B CD  1 
ATOM   1248 O  OE1 . GLU B 1 74 ? 13.977  7.809   -4.529  1.00 32.14 ? 71  GLU B OE1 1 
ATOM   1249 O  OE2 . GLU B 1 74 ? 13.234  8.481   -6.497  1.00 30.48 ? 71  GLU B OE2 1 
ATOM   1250 N  N   . ILE B 1 75 ? 9.561   10.252  -2.273  1.00 15.85 ? 72  ILE B N   1 
ATOM   1251 C  CA  . ILE B 1 75 ? 8.111   10.261  -2.462  1.00 15.15 ? 72  ILE B CA  1 
ATOM   1252 C  C   . ILE B 1 75 ? 7.581   11.644  -2.109  1.00 14.25 ? 72  ILE B C   1 
ATOM   1253 O  O   . ILE B 1 75 ? 6.810   12.246  -2.861  1.00 13.92 ? 72  ILE B O   1 
ATOM   1254 C  CB  . ILE B 1 75 ? 7.454   9.149   -1.601  1.00 16.03 ? 72  ILE B CB  1 
ATOM   1255 C  CG1 . ILE B 1 75 ? 7.937   7.773   -2.113  1.00 17.02 ? 72  ILE B CG1 1 
ATOM   1256 C  CG2 . ILE B 1 75 ? 5.894   9.269   -1.614  1.00 14.97 ? 72  ILE B CG2 1 
ATOM   1257 C  CD1 . ILE B 1 75 ? 7.523   6.591   -1.191  1.00 16.63 ? 72  ILE B CD1 1 
ATOM   1258 N  N   . GLN B 1 76 ? 8.035   12.185  -0.983  1.00 13.47 ? 73  GLN B N   1 
ATOM   1259 C  CA  . GLN B 1 76 ? 7.504   13.493  -0.543  1.00 12.86 ? 73  GLN B CA  1 
ATOM   1260 C  C   . GLN B 1 76 ? 7.806   14.556  -1.583  1.00 13.40 ? 73  GLN B C   1 
ATOM   1261 O  O   . GLN B 1 76 ? 6.943   15.374  -1.886  1.00 13.79 ? 73  GLN B O   1 
ATOM   1262 C  CB  . GLN B 1 76 ? 8.118   13.903  0.797   1.00 14.06 ? 73  GLN B CB  1 
ATOM   1263 C  CG  . GLN B 1 76 ? 7.572   15.212  1.356   1.00 14.71 ? 73  GLN B CG  1 
ATOM   1264 C  CD  . GLN B 1 76 ? 7.595   15.202  2.899   1.00 14.60 ? 73  GLN B CD  1 
ATOM   1265 O  OE1 . GLN B 1 76 ? 7.112   14.261  3.538   1.00 14.04 ? 73  GLN B OE1 1 
ATOM   1266 N  NE2 . GLN B 1 76 ? 8.150   16.255  3.490   1.00 12.41 ? 73  GLN B NE2 1 
ATOM   1267 N  N   . ASP B 1 77 ? 9.053   14.577  -2.078  1.00 14.08 ? 74  ASP B N   1 
ATOM   1268 C  CA  . ASP B 1 77 ? 9.464   15.592  -3.103  1.00 14.47 ? 74  ASP B CA  1 
ATOM   1269 C  C   . ASP B 1 77 ? 8.604   15.463  -4.363  1.00 14.09 ? 74  ASP B C   1 
ATOM   1270 O  O   . ASP B 1 77 ? 8.166   16.448  -4.901  1.00 14.42 ? 74  ASP B O   1 
ATOM   1271 C  CB  . ASP B 1 77 ? 10.933  15.395  -3.496  1.00 15.36 ? 74  ASP B CB  1 
ATOM   1272 C  CG  . ASP B 1 77 ? 11.901  15.700  -2.373  1.00 16.14 ? 74  ASP B CG  1 
ATOM   1273 O  OD1 . ASP B 1 77 ? 11.577  16.491  -1.461  1.00 15.95 ? 74  ASP B OD1 1 
ATOM   1274 O  OD2 . ASP B 1 77 ? 13.018  15.122  -2.406  1.00 18.60 ? 74  ASP B OD2 1 
ATOM   1275 N  N   . ALA B 1 78 ? 8.394   14.232  -4.833  1.00 15.29 ? 75  ALA B N   1 
ATOM   1276 C  CA  . ALA B 1 78 ? 7.613   13.967  -6.057  1.00 15.38 ? 75  ALA B CA  1 
ATOM   1277 C  C   . ALA B 1 78 ? 6.157   14.405  -5.855  1.00 15.18 ? 75  ALA B C   1 
ATOM   1278 O  O   . ALA B 1 78 ? 5.552   15.059  -6.732  1.00 14.73 ? 75  ALA B O   1 
ATOM   1279 C  CB  . ALA B 1 78 ? 7.708   12.474  -6.389  1.00 15.98 ? 75  ALA B CB  1 
ATOM   1280 N  N   . VAL B 1 79 ? 5.578   14.050  -4.693  1.00 13.16 ? 76  VAL B N   1 
ATOM   1281 C  CA  . VAL B 1 79 ? 4.195   14.444  -4.386  1.00 13.71 ? 76  VAL B CA  1 
ATOM   1282 C  C   . VAL B 1 79 ? 4.063   15.966  -4.208  1.00 13.25 ? 76  VAL B C   1 
ATOM   1283 O  O   . VAL B 1 79 ? 3.125   16.592  -4.734  1.00 13.70 ? 76  VAL B O   1 
ATOM   1284 C  CB  . VAL B 1 79 ? 3.645   13.654  -3.162  1.00 12.33 ? 76  VAL B CB  1 
ATOM   1285 C  CG1 . VAL B 1 79 ? 2.245   14.152  -2.748  1.00 15.55 ? 76  VAL B CG1 1 
ATOM   1286 C  CG2 . VAL B 1 79 ? 3.547   12.168  -3.554  1.00 14.71 ? 76  VAL B CG2 1 
HETATM 1287 N  N   . MSE B 1 80 ? 5.000   16.582  -3.489  1.00 13.18 ? 77  MSE B N   1 
HETATM 1288 C  CA  . MSE B 1 80 ? 4.867   18.009  -3.230  1.00 13.97 ? 77  MSE B CA  1 
HETATM 1289 C  C   . MSE B 1 80 ? 5.079   18.808  -4.519  1.00 14.84 ? 77  MSE B C   1 
HETATM 1290 O  O   . MSE B 1 80 ? 4.469   19.863  -4.684  1.00 14.83 ? 77  MSE B O   1 
HETATM 1291 C  CB  . MSE B 1 80 ? 5.824   18.520  -2.141  1.00 14.31 ? 77  MSE B CB  1 
HETATM 1292 C  CG  . MSE B 1 80 ? 5.559   17.991  -0.715  1.00 17.08 ? 77  MSE B CG  1 
HETATM 1293 SE SE  . MSE B 1 80 ? 3.721   18.436  -0.190  0.80 24.49 ? 77  MSE B SE  1 
HETATM 1294 C  CE  . MSE B 1 80 ? 3.610   20.327  -0.573  1.00 19.40 ? 77  MSE B CE  1 
ATOM   1295 N  N   . LYS B 1 81 ? 5.928   18.297  -5.412  1.00 15.60 ? 78  LYS B N   1 
ATOM   1296 C  CA  . LYS B 1 81 ? 6.090   18.896  -6.728  1.00 16.07 ? 78  LYS B CA  1 
ATOM   1297 C  C   . LYS B 1 81 ? 4.721   19.022  -7.414  1.00 16.73 ? 78  LYS B C   1 
ATOM   1298 O  O   . LYS B 1 81 ? 4.314   20.125  -7.847  1.00 16.13 ? 78  LYS B O   1 
ATOM   1299 C  CB  . LYS B 1 81 ? 7.034   18.046  -7.596  1.00 16.52 ? 78  LYS B CB  1 
ATOM   1300 C  CG  . LYS B 1 81 ? 7.195   18.609  -9.012  1.00 19.55 ? 78  LYS B CG  1 
ATOM   1301 C  CD  . LYS B 1 81 ? 7.946   17.637  -9.893  1.00 20.98 ? 78  LYS B CD  1 
ATOM   1302 C  CE  . LYS B 1 81 ? 8.190   18.253  -11.292 1.00 25.45 ? 78  LYS B CE  1 
ATOM   1303 N  NZ  . LYS B 1 81 ? 6.995   18.241  -12.205 1.00 26.04 ? 78  LYS B NZ  1 
ATOM   1304 N  N   . VAL B 1 82 ? 3.978   17.912  -7.462  1.00 15.57 ? 79  VAL B N   1 
ATOM   1305 C  CA  . VAL B 1 82 ? 2.639   17.908  -8.067  1.00 16.46 ? 79  VAL B CA  1 
ATOM   1306 C  C   . VAL B 1 82 ? 1.615   18.733  -7.304  1.00 16.01 ? 79  VAL B C   1 
ATOM   1307 O  O   . VAL B 1 82 ? 0.807   19.439  -7.901  1.00 17.35 ? 79  VAL B O   1 
ATOM   1308 C  CB  . VAL B 1 82 ? 2.168   16.455  -8.303  1.00 16.29 ? 79  VAL B CB  1 
ATOM   1309 C  CG1 . VAL B 1 82 ? 0.768   16.424  -8.830  1.00 16.89 ? 79  VAL B CG1 1 
ATOM   1310 C  CG2 . VAL B 1 82 ? 3.128   15.819  -9.322  1.00 18.11 ? 79  VAL B CG2 1 
ATOM   1311 N  N   . TYR B 1 83 ? 1.678   18.691  -5.978  1.00 16.10 ? 80  TYR B N   1 
ATOM   1312 C  CA  . TYR B 1 83 ? 0.774   19.480  -5.141  1.00 17.29 ? 80  TYR B CA  1 
ATOM   1313 C  C   . TYR B 1 83 ? 0.914   20.963  -5.514  1.00 17.63 ? 80  TYR B C   1 
ATOM   1314 O  O   . TYR B 1 83 ? -0.080  21.674  -5.721  1.00 18.08 ? 80  TYR B O   1 
ATOM   1315 C  CB  . TYR B 1 83 ? 1.148   19.277  -3.679  1.00 16.21 ? 80  TYR B CB  1 
ATOM   1316 C  CG  . TYR B 1 83 ? 0.292   20.095  -2.724  1.00 17.15 ? 80  TYR B CG  1 
ATOM   1317 C  CD1 . TYR B 1 83 ? -0.958  19.629  -2.316  1.00 15.83 ? 80  TYR B CD1 1 
ATOM   1318 C  CD2 . TYR B 1 83 ? 0.728   21.323  -2.232  1.00 18.56 ? 80  TYR B CD2 1 
ATOM   1319 C  CE1 . TYR B 1 83 ? -1.753  20.385  -1.415  1.00 18.83 ? 80  TYR B CE1 1 
ATOM   1320 C  CE2 . TYR B 1 83 ? -0.067  22.073  -1.348  1.00 18.71 ? 80  TYR B CE2 1 
ATOM   1321 C  CZ  . TYR B 1 83 ? -1.303  21.605  -0.954  1.00 21.91 ? 80  TYR B CZ  1 
ATOM   1322 O  OH  . TYR B 1 83 ? -2.071  22.367  -0.070  1.00 20.62 ? 80  TYR B OH  1 
ATOM   1323 N  N   . ASP B 1 84 ? 2.156   21.416  -5.620  1.00 18.30 ? 81  ASP B N   1 
ATOM   1324 C  CA  . ASP B 1 84 ? 2.411   22.830  -5.957  1.00 19.04 ? 81  ASP B CA  1 
ATOM   1325 C  C   . ASP B 1 84 ? 1.907   23.196  -7.345  1.00 19.61 ? 81  ASP B C   1 
ATOM   1326 O  O   . ASP B 1 84 ? 1.536   24.333  -7.575  1.00 20.08 ? 81  ASP B O   1 
ATOM   1327 C  CB  . ASP B 1 84 ? 3.901   23.161  -5.858  1.00 18.73 ? 81  ASP B CB  1 
ATOM   1328 C  CG  . ASP B 1 84 ? 4.377   23.284  -4.400  1.00 19.74 ? 81  ASP B CG  1 
ATOM   1329 O  OD1 . ASP B 1 84 ? 3.547   23.097  -3.459  1.00 17.65 ? 81  ASP B OD1 1 
ATOM   1330 O  OD2 . ASP B 1 84 ? 5.580   23.578  -4.204  1.00 18.50 ? 81  ASP B OD2 1 
ATOM   1331 N  N   . GLU B 1 85 ? 1.935   22.244  -8.260  1.00 20.04 ? 82  GLU B N   1 
ATOM   1332 C  CA  . GLU B 1 85 ? 1.468   22.456  -9.638  1.00 22.13 ? 82  GLU B CA  1 
ATOM   1333 C  C   . GLU B 1 85 ? -0.053  22.454  -9.762  1.00 23.56 ? 82  GLU B C   1 
ATOM   1334 O  O   . GLU B 1 85 ? -0.588  22.859  -10.797 1.00 24.27 ? 82  GLU B O   1 
ATOM   1335 C  CB  . GLU B 1 85 ? 2.060   21.378  -10.565 1.00 22.30 ? 82  GLU B CB  1 
ATOM   1336 C  CG  . GLU B 1 85 ? 3.568   21.469  -10.790 1.00 21.58 ? 82  GLU B CG  1 
ATOM   1337 C  CD  . GLU B 1 85 ? 4.153   20.269  -11.481 1.00 23.63 ? 82  GLU B CD  1 
ATOM   1338 O  OE1 . GLU B 1 85 ? 3.427   19.260  -11.675 1.00 25.52 ? 82  GLU B OE1 1 
ATOM   1339 O  OE2 . GLU B 1 85 ? 5.362   20.312  -11.814 1.00 26.87 ? 82  GLU B OE2 1 
ATOM   1340 N  N   . THR B 1 86 ? -0.749  21.985  -8.723  1.00 24.15 ? 83  THR B N   1 
ATOM   1341 C  CA  . THR B 1 86 ? -2.196  21.779  -8.767  1.00 25.76 ? 83  THR B CA  1 
ATOM   1342 C  C   . THR B 1 86 ? -2.978  23.016  -8.333  1.00 27.71 ? 83  THR B C   1 
ATOM   1343 O  O   . THR B 1 86 ? -2.738  23.568  -7.271  1.00 26.86 ? 83  THR B O   1 
ATOM   1344 C  CB  . THR B 1 86 ? -2.600  20.517  -7.942  1.00 25.30 ? 83  THR B CB  1 
ATOM   1345 O  OG1 . THR B 1 86 ? -1.857  19.401  -8.426  1.00 24.10 ? 83  THR B OG1 1 
ATOM   1346 C  CG2 . THR B 1 86 ? -4.126  20.188  -8.095  1.00 26.40 ? 83  THR B CG2 1 
ATOM   1347 N  N   . ASP B 1 87 ? -3.903  23.452  -9.190  1.00 30.62 ? 84  ASP B N   1 
ATOM   1348 C  CA  . ASP B 1 87 ? -4.905  24.472  -8.849  1.00 33.67 ? 84  ASP B CA  1 
ATOM   1349 C  C   . ASP B 1 87 ? -5.676  24.095  -7.594  1.00 34.57 ? 84  ASP B C   1 
ATOM   1350 O  O   . ASP B 1 87 ? -5.836  24.921  -6.698  1.00 36.65 ? 84  ASP B O   1 
ATOM   1351 C  CB  . ASP B 1 87 ? -5.895  24.667  -10.012 1.00 34.69 ? 84  ASP B CB  1 
ATOM   1352 C  CG  . ASP B 1 87 ? -5.262  25.360  -11.203 1.00 38.77 ? 84  ASP B CG  1 
ATOM   1353 O  OD1 . ASP B 1 87 ? -4.488  26.315  -10.971 1.00 43.13 ? 84  ASP B OD1 1 
ATOM   1354 O  OD2 . ASP B 1 87 ? -5.526  24.953  -12.366 1.00 43.40 ? 84  ASP B OD2 1 
HETATM 1355 C  C1  . EDO C 2 .  ? 7.478   -7.896  4.822   1.00 36.41 ? 101 EDO A C1  1 
HETATM 1356 O  O1  . EDO C 2 .  ? 8.162   -8.321  3.647   1.00 32.29 ? 101 EDO A O1  1 
HETATM 1357 C  C2  . EDO C 2 .  ? 8.354   -6.957  5.649   1.00 36.94 ? 101 EDO A C2  1 
HETATM 1358 O  O2  . EDO C 2 .  ? 7.599   -6.567  6.801   1.00 39.27 ? 101 EDO A O2  1 
HETATM 1359 C  C1  . EDO D 2 .  ? 9.780   -15.183 -0.446  1.00 42.13 ? 103 EDO A C1  1 
HETATM 1360 O  O1  . EDO D 2 .  ? 9.909   -14.278 -1.552  1.00 42.88 ? 103 EDO A O1  1 
HETATM 1361 C  C2  . EDO D 2 .  ? 10.928  -15.025 0.544   1.00 42.27 ? 103 EDO A C2  1 
HETATM 1362 O  O2  . EDO D 2 .  ? 10.393  -14.430 1.736   1.00 39.80 ? 103 EDO A O2  1 
HETATM 1363 C  C1  . EDO E 2 .  ? 10.397  4.228   7.117   1.00 33.74 ? 102 EDO B C1  1 
HETATM 1364 O  O1  . EDO E 2 .  ? 9.264   4.240   6.244   1.00 32.74 ? 102 EDO B O1  1 
HETATM 1365 C  C2  . EDO E 2 .  ? 11.413  5.158   6.490   1.00 32.79 ? 102 EDO B C2  1 
HETATM 1366 O  O2  . EDO E 2 .  ? 11.008  6.523   6.660   1.00 33.27 ? 102 EDO B O2  1 
HETATM 1367 C  C1  . EDO F 2 .  ? 8.836   -2.755  -13.233 1.00 43.33 ? 104 EDO B C1  1 
HETATM 1368 O  O1  . EDO F 2 .  ? 7.907   -2.109  -14.110 1.00 46.63 ? 104 EDO B O1  1 
HETATM 1369 C  C2  . EDO F 2 .  ? 10.193  -2.094  -13.435 1.00 43.38 ? 104 EDO B C2  1 
HETATM 1370 O  O2  . EDO F 2 .  ? 10.871  -2.050  -12.173 1.00 42.12 ? 104 EDO B O2  1 
HETATM 1371 C  C1  . EDO G 2 .  ? 1.954   21.210  14.237  1.00 51.01 ? 105 EDO B C1  1 
HETATM 1372 O  O1  . EDO G 2 .  ? 2.752   21.065  13.050  1.00 50.81 ? 105 EDO B O1  1 
HETATM 1373 C  C2  . EDO G 2 .  ? 1.845   22.684  14.599  1.00 49.80 ? 105 EDO B C2  1 
HETATM 1374 O  O2  . EDO G 2 .  ? 0.722   23.259  13.913  1.00 46.48 ? 105 EDO B O2  1 
HETATM 1375 O  O   . HOH H 3 .  ? -7.567  5.806   9.762   1.00 27.37 ? 104 HOH A O   1 
HETATM 1376 O  O   . HOH H 3 .  ? -6.057  -9.218  -5.713  1.00 24.14 ? 105 HOH A O   1 
HETATM 1377 O  O   . HOH H 3 .  ? -6.422  -6.127  4.341   1.00 16.34 ? 106 HOH A O   1 
HETATM 1378 O  O   . HOH H 3 .  ? -1.950  -9.643  -7.477  1.00 18.63 ? 107 HOH A O   1 
HETATM 1379 O  O   . HOH H 3 .  ? -0.244  -24.659 2.649   1.00 42.83 ? 108 HOH A O   1 
HETATM 1380 O  O   . HOH H 3 .  ? -9.843  -1.669  8.317   1.00 26.01 ? 109 HOH A O   1 
HETATM 1381 O  O   . HOH H 3 .  ? -11.534 -5.431  -0.219  1.00 17.95 ? 110 HOH A O   1 
HETATM 1382 O  O   . HOH H 3 .  ? -16.689 -1.668  -0.098  1.00 14.95 ? 111 HOH A O   1 
HETATM 1383 O  O   . HOH H 3 .  ? -4.867  -13.077 -10.432 1.00 22.70 ? 112 HOH A O   1 
HETATM 1384 O  O   . HOH H 3 .  ? -8.607  -8.753  -4.829  1.00 20.04 ? 113 HOH A O   1 
HETATM 1385 O  O   . HOH H 3 .  ? -5.816  -10.662 -9.652  1.00 19.04 ? 114 HOH A O   1 
HETATM 1386 O  O   . HOH H 3 .  ? -4.642  -8.905  -8.002  1.00 17.85 ? 115 HOH A O   1 
HETATM 1387 O  O   . HOH H 3 .  ? -5.473  -2.702  -10.880 1.00 20.58 ? 116 HOH A O   1 
HETATM 1388 O  O   . HOH H 3 .  ? 13.274  2.337   0.456   1.00 20.17 ? 117 HOH A O   1 
HETATM 1389 O  O   . HOH H 3 .  ? -10.772 -10.281 5.062   1.00 28.15 ? 118 HOH A O   1 
HETATM 1390 O  O   . HOH H 3 .  ? 6.524   -2.309  9.060   1.00 53.99 ? 119 HOH A O   1 
HETATM 1391 O  O   . HOH H 3 .  ? -15.337 -16.431 -4.861  1.00 34.58 ? 120 HOH A O   1 
HETATM 1392 O  O   . HOH H 3 .  ? -8.766  -7.049  -2.624  1.00 19.07 ? 121 HOH A O   1 
HETATM 1393 O  O   . HOH H 3 .  ? -7.111  -6.280  6.979   1.00 28.64 ? 122 HOH A O   1 
HETATM 1394 O  O   . HOH H 3 .  ? 0.599   -7.736  7.306   1.00 32.91 ? 123 HOH A O   1 
HETATM 1395 O  O   . HOH H 3 .  ? 8.111   -16.161 -2.693  1.00 28.42 ? 124 HOH A O   1 
HETATM 1396 O  O   . HOH H 3 .  ? 1.673   -19.505 9.944   1.00 28.64 ? 125 HOH A O   1 
HETATM 1397 O  O   . HOH H 3 .  ? 5.066   -23.550 8.752   1.00 57.72 ? 126 HOH A O   1 
HETATM 1398 O  O   . HOH H 3 .  ? 9.621   -13.163 -6.040  1.00 24.59 ? 127 HOH A O   1 
HETATM 1399 O  O   . HOH H 3 .  ? 2.898   -6.872  -17.716 1.00 31.42 ? 128 HOH A O   1 
HETATM 1400 O  O   . HOH H 3 .  ? 8.588   -20.029 3.471   1.00 40.58 ? 129 HOH A O   1 
HETATM 1401 O  O   . HOH H 3 .  ? -3.467  -8.819  -15.582 1.00 27.72 ? 130 HOH A O   1 
HETATM 1402 O  O   . HOH H 3 .  ? -10.385 -17.769 -6.953  1.00 39.31 ? 131 HOH A O   1 
HETATM 1403 O  O   . HOH H 3 .  ? 15.560  -9.846  0.968   1.00 40.93 ? 132 HOH A O   1 
HETATM 1404 O  O   . HOH H 3 .  ? -5.909  0.028   -10.781 1.00 32.05 ? 133 HOH A O   1 
HETATM 1405 O  O   . HOH H 3 .  ? -22.547 0.377   3.802   1.00 47.46 ? 134 HOH A O   1 
HETATM 1406 O  O   . HOH H 3 .  ? 9.840   -17.975 -1.517  1.00 45.22 ? 135 HOH A O   1 
HETATM 1407 O  O   . HOH H 3 .  ? 5.136   -12.048 -13.356 1.00 32.51 ? 136 HOH A O   1 
HETATM 1408 O  O   . HOH H 3 .  ? 12.365  -13.378 -7.134  1.00 41.27 ? 137 HOH A O   1 
HETATM 1409 O  O   . HOH H 3 .  ? -17.749 -16.515 3.685   1.00 49.89 ? 138 HOH A O   1 
HETATM 1410 O  O   . HOH H 3 .  ? 11.343  -6.034  4.258   1.00 39.51 ? 139 HOH A O   1 
HETATM 1411 O  O   . HOH H 3 .  ? 15.275  -1.222  -4.994  1.00 36.39 ? 140 HOH A O   1 
HETATM 1412 O  O   . HOH H 3 .  ? -17.760 4.624   2.813   1.00 32.74 ? 141 HOH A O   1 
HETATM 1413 O  O   . HOH H 3 .  ? -17.110 -22.046 11.704  1.00 60.84 ? 142 HOH A O   1 
HETATM 1414 O  O   . HOH H 3 .  ? -3.851  -16.537 -7.509  1.00 33.93 ? 143 HOH A O   1 
HETATM 1415 O  O   . HOH H 3 .  ? -7.876  -24.102 1.235   1.00 47.80 ? 144 HOH A O   1 
HETATM 1416 O  O   . HOH H 3 .  ? -9.650  -5.622  6.302   1.00 31.17 ? 145 HOH A O   1 
HETATM 1417 O  O   . HOH H 3 .  ? -10.785 3.369   3.917   1.00 27.40 ? 146 HOH A O   1 
HETATM 1418 O  O   . HOH H 3 .  ? -12.306 -23.266 4.375   1.00 46.82 ? 147 HOH A O   1 
HETATM 1419 O  O   . HOH H 3 .  ? 12.385  -1.162  -8.079  1.00 33.58 ? 148 HOH A O   1 
HETATM 1420 O  O   . HOH H 3 .  ? -11.216 5.298   5.671   1.00 43.04 ? 149 HOH A O   1 
HETATM 1421 O  O   . HOH H 3 .  ? -6.407  -23.138 -4.392  1.00 35.93 ? 150 HOH A O   1 
HETATM 1422 O  O   . HOH H 3 .  ? -5.477  -23.934 2.497   1.00 40.58 ? 151 HOH A O   1 
HETATM 1423 O  O   . HOH H 3 .  ? 10.409  -19.429 0.412   1.00 41.29 ? 152 HOH A O   1 
HETATM 1424 O  O   . HOH H 3 .  ? 11.510  -4.120  6.329   1.00 32.03 ? 153 HOH A O   1 
HETATM 1425 O  O   . HOH H 3 .  ? 18.538  -5.565  1.615   1.00 54.79 ? 154 HOH A O   1 
HETATM 1426 O  O   . HOH H 3 .  ? -2.870  -16.648 13.513  1.00 46.07 ? 155 HOH A O   1 
HETATM 1427 O  O   . HOH H 3 .  ? 17.080  -1.088  -0.036  1.00 48.83 ? 156 HOH A O   1 
HETATM 1428 O  O   . HOH H 3 .  ? -13.825 -15.116 -0.605  1.00 33.03 ? 157 HOH A O   1 
HETATM 1429 O  O   . HOH H 3 .  ? 3.273   -19.808 -6.514  1.00 35.35 ? 158 HOH A O   1 
HETATM 1430 O  O   . HOH H 3 .  ? 13.798  -6.392  2.723   1.00 33.79 ? 159 HOH A O   1 
HETATM 1431 O  O   . HOH H 3 .  ? -6.345  -1.633  8.067   1.00 48.82 ? 160 HOH A O   1 
HETATM 1432 O  O   . HOH H 3 .  ? 8.926   -15.944 -5.256  1.00 24.89 ? 161 HOH A O   1 
HETATM 1433 O  O   . HOH H 3 .  ? -7.497  -24.126 5.162   1.00 50.36 ? 162 HOH A O   1 
HETATM 1434 O  O   . HOH H 3 .  ? -11.209 6.117   3.251   1.00 43.48 ? 163 HOH A O   1 
HETATM 1435 O  O   . HOH H 3 .  ? -17.113 6.926   4.588   1.00 44.44 ? 164 HOH A O   1 
HETATM 1436 O  O   . HOH H 3 .  ? 16.205  -10.798 -2.034  1.00 53.28 ? 165 HOH A O   1 
HETATM 1437 O  O   . HOH H 3 .  ? 11.285  -17.617 -5.428  1.00 39.94 ? 166 HOH A O   1 
HETATM 1438 O  O   . HOH H 3 .  ? 0.940   -20.553 -7.210  1.00 54.15 ? 167 HOH A O   1 
HETATM 1439 O  O   . HOH H 3 .  ? 12.641  -19.407 2.072   1.00 46.13 ? 168 HOH A O   1 
HETATM 1440 O  O   . HOH H 3 .  ? 7.215   -16.797 -7.260  1.00 33.07 ? 169 HOH A O   1 
HETATM 1441 O  O   . HOH H 3 .  ? -18.289 8.604   6.276   1.00 34.56 ? 170 HOH A O   1 
HETATM 1442 O  O   . HOH H 3 .  ? -0.548  -5.825  -18.319 1.00 34.18 ? 171 HOH A O   1 
HETATM 1443 O  O   . HOH H 3 .  ? -1.621  -22.454 -4.878  1.00 52.50 ? 172 HOH A O   1 
HETATM 1444 O  O   . HOH H 3 .  ? 13.389  -12.566 2.020   1.00 41.25 ? 173 HOH A O   1 
HETATM 1445 O  O   . HOH H 3 .  ? 9.482   -16.077 3.620   1.00 51.91 ? 174 HOH A O   1 
HETATM 1446 O  O   . HOH H 3 .  ? -1.352  -25.261 0.458   1.00 40.21 ? 175 HOH A O   1 
HETATM 1447 O  O   . HOH H 3 .  ? -2.328  -24.021 -2.854  1.00 43.69 ? 176 HOH A O   1 
HETATM 1448 O  O   . HOH H 3 .  ? -5.369  -2.634  5.618   1.00 40.78 ? 177 HOH A O   1 
HETATM 1449 O  O   . HOH H 3 .  ? 1.680   -11.752 -16.986 1.00 35.75 ? 178 HOH A O   1 
HETATM 1450 O  O   . HOH H 3 .  ? 8.485   -26.442 8.435   1.00 28.49 ? 179 HOH A O   1 
HETATM 1451 O  O   . HOH H 3 .  ? 11.976  -6.302  -11.650 1.00 37.97 ? 180 HOH A O   1 
HETATM 1452 O  O   . HOH H 3 .  ? 7.192   -28.080 6.112   1.00 40.95 ? 181 HOH A O   1 
HETATM 1453 O  O   . HOH H 3 .  ? -11.699 3.954   8.639   1.00 44.66 ? 182 HOH A O   1 
HETATM 1454 O  O   . HOH H 3 .  ? 1.306   -26.887 3.486   1.00 44.93 ? 183 HOH A O   1 
HETATM 1455 O  O   . HOH H 3 .  ? 1.266   -22.783 9.836   1.00 59.46 ? 184 HOH A O   1 
HETATM 1456 O  O   . HOH H 3 .  ? -2.751  -11.428 -18.382 1.00 41.59 ? 185 HOH A O   1 
HETATM 1457 O  O   . HOH H 3 .  ? -16.803 -20.275 3.817   1.00 53.05 ? 186 HOH A O   1 
HETATM 1458 O  O   . HOH I 3 .  ? 6.974   10.614  -14.354 1.00 41.85 ? 106 HOH B O   1 
HETATM 1459 O  O   . HOH I 3 .  ? 4.189   3.160   10.465  1.00 29.23 ? 107 HOH B O   1 
HETATM 1460 O  O   . HOH I 3 .  ? -3.124  15.008  -10.208 1.00 30.69 ? 108 HOH B O   1 
HETATM 1461 O  O   . HOH I 3 .  ? 15.993  4.622   7.291   1.00 40.29 ? 109 HOH B O   1 
HETATM 1462 O  O   . HOH I 3 .  ? -4.920  6.431   5.616   1.00 22.51 ? 110 HOH B O   1 
HETATM 1463 O  O   . HOH I 3 .  ? 3.473   7.823   6.823   1.00 16.17 ? 111 HOH B O   1 
HETATM 1464 O  O   . HOH I 3 .  ? 6.450   14.351  -9.367  1.00 23.48 ? 112 HOH B O   1 
HETATM 1465 O  O   . HOH I 3 .  ? -0.684  7.177   -9.328  1.00 21.53 ? 113 HOH B O   1 
HETATM 1466 O  O   . HOH I 3 .  ? 11.478  12.843  -6.135  1.00 22.71 ? 114 HOH B O   1 
HETATM 1467 O  O   . HOH I 3 .  ? -8.786  4.433   2.426   1.00 21.16 ? 115 HOH B O   1 
HETATM 1468 O  O   . HOH I 3 .  ? 0.654   26.547  -5.830  1.00 31.66 ? 116 HOH B O   1 
HETATM 1469 O  O   . HOH I 3 .  ? 15.180  1.326   -4.789  1.00 32.44 ? 117 HOH B O   1 
HETATM 1470 O  O   . HOH I 3 .  ? 5.898   10.864  6.049   1.00 19.15 ? 118 HOH B O   1 
HETATM 1471 O  O   . HOH I 3 .  ? 2.654   -1.048  -16.809 1.00 51.64 ? 119 HOH B O   1 
HETATM 1472 O  O   . HOH I 3 .  ? -0.091  25.284  -3.434  1.00 30.09 ? 120 HOH B O   1 
HETATM 1473 O  O   . HOH I 3 .  ? 3.312   5.364   -14.053 1.00 24.79 ? 121 HOH B O   1 
HETATM 1474 O  O   . HOH I 3 .  ? -3.347  3.395   -12.928 1.00 44.20 ? 122 HOH B O   1 
HETATM 1475 O  O   . HOH I 3 .  ? 1.005   18.383  -12.200 1.00 35.68 ? 123 HOH B O   1 
HETATM 1476 O  O   . HOH I 3 .  ? -7.477  19.226  -6.961  1.00 29.92 ? 124 HOH B O   1 
HETATM 1477 O  O   . HOH I 3 .  ? 0.067   7.921   7.746   1.00 29.35 ? 125 HOH B O   1 
HETATM 1478 O  O   . HOH I 3 .  ? -6.594  17.520  -8.842  1.00 39.72 ? 126 HOH B O   1 
HETATM 1479 O  O   . HOH I 3 .  ? 12.786  0.522   7.608   1.00 34.52 ? 127 HOH B O   1 
HETATM 1480 O  O   . HOH I 3 .  ? 15.607  7.112   -2.456  1.00 36.77 ? 128 HOH B O   1 
HETATM 1481 O  O   . HOH I 3 .  ? 4.447   19.430  14.701  1.00 54.59 ? 129 HOH B O   1 
HETATM 1482 O  O   . HOH I 3 .  ? -4.356  21.840  -11.584 1.00 40.84 ? 130 HOH B O   1 
HETATM 1483 O  O   . HOH I 3 .  ? 3.601   10.217  8.219   1.00 25.66 ? 131 HOH B O   1 
HETATM 1484 O  O   . HOH I 3 .  ? 10.736  -1.355  7.097   1.00 43.01 ? 132 HOH B O   1 
HETATM 1485 O  O   . HOH I 3 .  ? -7.252  21.982  -7.636  1.00 47.45 ? 133 HOH B O   1 
HETATM 1486 O  O   . HOH I 3 .  ? 3.702   -0.277  9.502   1.00 28.70 ? 134 HOH B O   1 
HETATM 1487 O  O   . HOH I 3 .  ? -3.416  11.404  7.995   1.00 40.39 ? 135 HOH B O   1 
HETATM 1488 O  O   . HOH I 3 .  ? 4.094   7.109   -16.221 1.00 46.65 ? 136 HOH B O   1 
HETATM 1489 O  O   . HOH I 3 .  ? 17.407  11.809  2.868   1.00 54.39 ? 137 HOH B O   1 
HETATM 1490 O  O   . HOH I 3 .  ? -2.950  17.687  -10.079 1.00 37.28 ? 138 HOH B O   1 
HETATM 1491 O  O   . HOH I 3 .  ? 17.851  6.056   3.687   1.00 40.40 ? 139 HOH B O   1 
HETATM 1492 O  O   . HOH I 3 .  ? 1.883   18.856  11.621  1.00 41.92 ? 140 HOH B O   1 
HETATM 1493 O  O   . HOH I 3 .  ? 6.027   15.680  -11.962 1.00 45.64 ? 141 HOH B O   1 
HETATM 1494 O  O   . HOH I 3 .  ? 15.302  2.824   -1.223  1.00 34.23 ? 142 HOH B O   1 
HETATM 1495 O  O   . HOH I 3 .  ? -9.004  22.487  -4.723  1.00 50.95 ? 143 HOH B O   1 
HETATM 1496 O  O   . HOH I 3 .  ? -4.556  3.389   -10.534 1.00 38.24 ? 144 HOH B O   1 
HETATM 1497 O  O   . HOH I 3 .  ? 1.011   6.112   10.134  1.00 40.94 ? 145 HOH B O   1 
HETATM 1498 O  O   . HOH I 3 .  ? 1.192   -3.690  10.027  1.00 50.38 ? 146 HOH B O   1 
HETATM 1499 O  O   . HOH I 3 .  ? 16.577  4.920   -1.258  1.00 41.58 ? 147 HOH B O   1 
HETATM 1500 O  O   . HOH I 3 .  ? 0.555   16.011  -12.858 1.00 43.82 ? 148 HOH B O   1 
HETATM 1501 O  O   . HOH I 3 .  ? 2.563   12.734  -12.010 1.00 36.01 ? 149 HOH B O   1 
HETATM 1502 O  O   . HOH I 3 .  ? -2.304  25.954  2.986   1.00 43.62 ? 150 HOH B O   1 
HETATM 1503 O  O   . HOH I 3 .  ? -9.294  18.367  4.978   1.00 51.16 ? 151 HOH B O   1 
HETATM 1504 O  O   . HOH I 3 .  ? -1.307  24.656  0.780   1.00 41.01 ? 152 HOH B O   1 
HETATM 1505 O  O   . HOH I 3 .  ? 14.847  -1.129  7.999   1.00 33.27 ? 153 HOH B O   1 
HETATM 1506 O  O   . HOH I 3 .  ? 1.025   4.130   -14.941 1.00 48.61 ? 154 HOH B O   1 
HETATM 1507 O  O   . HOH I 3 .  ? -0.178  5.507   -13.018 1.00 36.89 ? 155 HOH B O   1 
HETATM 1508 O  O   . HOH I 3 .  ? -4.915  22.452  -0.556  1.00 39.64 ? 156 HOH B O   1 
HETATM 1509 O  O   . HOH I 3 .  ? 6.921   6.801   -16.307 1.00 49.24 ? 157 HOH B O   1 
HETATM 1510 O  O   . HOH I 3 .  ? 10.996  8.475   -7.576  1.00 33.62 ? 158 HOH B O   1 
HETATM 1511 O  O   . HOH I 3 .  ? 17.847  -0.911  2.880   1.00 45.76 ? 159 HOH B O   1 
HETATM 1512 O  O   . HOH I 3 .  ? 4.039   17.127  -12.907 1.00 41.00 ? 160 HOH B O   1 
HETATM 1513 O  O   . HOH I 3 .  ? 3.729   19.900  10.012  1.00 36.83 ? 161 HOH B O   1 
HETATM 1514 O  O   . HOH I 3 .  ? 0.454   26.042  8.578   1.00 42.85 ? 162 HOH B O   1 
HETATM 1515 O  O   . HOH I 3 .  ? -5.160  24.862  -1.684  1.00 50.71 ? 163 HOH B O   1 
HETATM 1516 O  O   . HOH I 3 .  ? 6.847   20.018  15.618  1.00 42.54 ? 164 HOH B O   1 
HETATM 1517 O  O   . HOH I 3 .  ? 7.035   11.143  -11.600 1.00 51.93 ? 165 HOH B O   1 
HETATM 1518 O  O   . HOH I 3 .  ? -5.140  6.938   9.565   1.00 39.75 ? 166 HOH B O   1 
HETATM 1519 O  O   . HOH I 3 .  ? 16.337  11.306  -0.561  1.00 29.87 ? 167 HOH B O   1 
HETATM 1520 O  O   . HOH I 3 .  ? 6.376   3.223   8.757   1.00 34.73 ? 168 HOH B O   1 
HETATM 1521 O  O   . HOH I 3 .  ? -0.791  12.298  10.008  1.00 56.25 ? 169 HOH B O   1 
HETATM 1522 O  O   . HOH I 3 .  ? 14.926  -1.052  -7.936  1.00 44.66 ? 170 HOH B O   1 
HETATM 1523 O  O   . HOH I 3 .  ? -1.113  14.292  -11.741 1.00 41.30 ? 171 HOH B O   1 
HETATM 1524 O  O   . HOH I 3 .  ? 6.659   10.493  1.850   1.00 26.56 ? 172 HOH B O   1 
HETATM 1525 O  O   . HOH I 3 .  ? 8.943   13.312  -9.836  1.00 47.84 ? 173 HOH B O   1 
HETATM 1526 O  O   . HOH I 3 .  ? -8.242  18.009  7.441   1.00 41.10 ? 174 HOH B O   1 
HETATM 1527 O  O   . HOH I 3 .  ? 10.752  12.428  -8.417  1.00 43.63 ? 175 HOH B O   1 
HETATM 1528 O  O   . HOH I 3 .  ? -7.790  3.345   11.144  1.00 29.41 ? 176 HOH B O   1 
HETATM 1529 O  O   . HOH I 3 .  ? -1.708  25.963  -10.886 1.00 52.70 ? 177 HOH B O   1 
# 
